data_4BAS
# 
_entry.id   4BAS 
# 
_audit_conform.dict_name       mmcif_pdbx.dic 
_audit_conform.dict_version    5.383 
_audit_conform.dict_location   http://mmcif.pdb.org/dictionaries/ascii/mmcif_pdbx.dic 
# 
loop_
_database_2.database_id 
_database_2.database_code 
_database_2.pdbx_database_accession 
_database_2.pdbx_DOI 
PDB   4BAS         pdb_00004bas 10.2210/pdb4bas/pdb 
PDBE  EBI-54093    ?            ?                   
WWPDB D_1290054093 ?            ?                   
# 
_pdbx_database_status.status_code                     REL 
_pdbx_database_status.entry_id                        4BAS 
_pdbx_database_status.deposit_site                    PDBE 
_pdbx_database_status.process_site                    PDBE 
_pdbx_database_status.SG_entry                        . 
_pdbx_database_status.recvd_initial_deposition_date   2012-09-15 
_pdbx_database_status.pdb_format_compatible           Y 
_pdbx_database_status.status_code_sf                  REL 
_pdbx_database_status.status_code_mr                  ? 
_pdbx_database_status.status_code_cs                  ? 
_pdbx_database_status.methods_development_category    ? 
_pdbx_database_status.status_code_nmr_data            ? 
# 
loop_
_audit_author.name 
_audit_author.pdbx_ordinal 
'Hemsworth, G.R.' 1 
'Price, H.P.'     2 
'Smith, D.F.'     3 
'Wilson, K.S.'    4 
# 
_citation.id                        primary 
_citation.title                     'Crystal Structure of the Small Gtpase Arl6/Bbs3 from Trypanosomabrucei.' 
_citation.journal_abbrev            'Protein Sci.' 
_citation.journal_volume            22 
_citation.page_first                196 
_citation.page_last                 ? 
_citation.year                      2013 
_citation.journal_id_ASTM           PRCIEI 
_citation.country                   US 
_citation.journal_id_ISSN           0961-8368 
_citation.journal_id_CSD            0795 
_citation.book_publisher            ? 
_citation.pdbx_database_id_PubMed   23184293 
_citation.pdbx_database_id_DOI      10.1002/PRO.2198 
# 
loop_
_citation_author.citation_id 
_citation_author.name 
_citation_author.ordinal 
_citation_author.identifier_ORCID 
primary 'Hemsworth, G.R.' 1 ? 
primary 'Price, H.P.'     2 ? 
primary 'Smith, D.F.'     3 ? 
primary 'Wilson, K.S.'    4 ? 
# 
_cell.entry_id           4BAS 
_cell.length_a           70.920 
_cell.length_b           70.920 
_cell.length_c           80.928 
_cell.angle_alpha        90.00 
_cell.angle_beta         90.00 
_cell.angle_gamma        120.00 
_cell.Z_PDB              6 
_cell.pdbx_unique_axis   ? 
# 
_symmetry.entry_id                         4BAS 
_symmetry.space_group_name_H-M             'P 32 2 1' 
_symmetry.pdbx_full_space_group_name_H-M   ? 
_symmetry.cell_setting                     ? 
_symmetry.Int_Tables_number                154 
# 
loop_
_entity.id 
_entity.type 
_entity.src_method 
_entity.pdbx_description 
_entity.formula_weight 
_entity.pdbx_number_of_molecules 
_entity.pdbx_ec 
_entity.pdbx_mutation 
_entity.pdbx_fragment 
_entity.details 
1 polymer     man 'ADP-RIBOSYLATION FACTOR, PUTATIVE (SMALL GTPASE, PUTATIVE)' 21837.922 1  3.6.5.2 ? ? ? 
2 non-polymer syn 'PHOSPHOAMINOPHOSPHONIC ACID-GUANYLATE ESTER'                522.196   1  ?       ? ? ? 
3 non-polymer syn 'MAGNESIUM ION'                                              24.305    1  ?       ? ? ? 
4 non-polymer syn 'SULFATE ION'                                                96.063    2  ?       ? ? ? 
5 water       nat water                                                        18.015    96 ?       ? ? ? 
# 
_entity_name_com.entity_id   1 
_entity_name_com.name        'ADP-RIBOSYLATION FACTOR-LIKE' 
# 
_entity_poly.entity_id                      1 
_entity_poly.type                           'polypeptide(L)' 
_entity_poly.nstd_linkage                   no 
_entity_poly.nstd_monomer                   no 
_entity_poly.pdbx_seq_one_letter_code       
;MGSSHHHHHHMGQSKTKLQVVMCGLDNSGKTTIINQVKPAQSSSKHITATVGYNVETFEKGRVAFTVFDMGGAKKFRGLW
ETYYDNIDAVIFVVDSSDHLRLCVVKSEIQAMLKHEDIRRELPGGGRVPFLFFANKMDAAGAKTAAELVEILDLTTLMGD
HPFVIFASNGLKGTGVHEGFSWLQETASRQSGKAGTKRG
;
_entity_poly.pdbx_seq_one_letter_code_can   
;MGSSHHHHHHMGQSKTKLQVVMCGLDNSGKTTIINQVKPAQSSSKHITATVGYNVETFEKGRVAFTVFDMGGAKKFRGLW
ETYYDNIDAVIFVVDSSDHLRLCVVKSEIQAMLKHEDIRRELPGGGRVPFLFFANKMDAAGAKTAAELVEILDLTTLMGD
HPFVIFASNGLKGTGVHEGFSWLQETASRQSGKAGTKRG
;
_entity_poly.pdbx_strand_id                 A 
_entity_poly.pdbx_target_identifier         ? 
# 
loop_
_entity_poly_seq.entity_id 
_entity_poly_seq.num 
_entity_poly_seq.mon_id 
_entity_poly_seq.hetero 
1 1   MET n 
1 2   GLY n 
1 3   SER n 
1 4   SER n 
1 5   HIS n 
1 6   HIS n 
1 7   HIS n 
1 8   HIS n 
1 9   HIS n 
1 10  HIS n 
1 11  MET n 
1 12  GLY n 
1 13  GLN n 
1 14  SER n 
1 15  LYS n 
1 16  THR n 
1 17  LYS n 
1 18  LEU n 
1 19  GLN n 
1 20  VAL n 
1 21  VAL n 
1 22  MET n 
1 23  CYS n 
1 24  GLY n 
1 25  LEU n 
1 26  ASP n 
1 27  ASN n 
1 28  SER n 
1 29  GLY n 
1 30  LYS n 
1 31  THR n 
1 32  THR n 
1 33  ILE n 
1 34  ILE n 
1 35  ASN n 
1 36  GLN n 
1 37  VAL n 
1 38  LYS n 
1 39  PRO n 
1 40  ALA n 
1 41  GLN n 
1 42  SER n 
1 43  SER n 
1 44  SER n 
1 45  LYS n 
1 46  HIS n 
1 47  ILE n 
1 48  THR n 
1 49  ALA n 
1 50  THR n 
1 51  VAL n 
1 52  GLY n 
1 53  TYR n 
1 54  ASN n 
1 55  VAL n 
1 56  GLU n 
1 57  THR n 
1 58  PHE n 
1 59  GLU n 
1 60  LYS n 
1 61  GLY n 
1 62  ARG n 
1 63  VAL n 
1 64  ALA n 
1 65  PHE n 
1 66  THR n 
1 67  VAL n 
1 68  PHE n 
1 69  ASP n 
1 70  MET n 
1 71  GLY n 
1 72  GLY n 
1 73  ALA n 
1 74  LYS n 
1 75  LYS n 
1 76  PHE n 
1 77  ARG n 
1 78  GLY n 
1 79  LEU n 
1 80  TRP n 
1 81  GLU n 
1 82  THR n 
1 83  TYR n 
1 84  TYR n 
1 85  ASP n 
1 86  ASN n 
1 87  ILE n 
1 88  ASP n 
1 89  ALA n 
1 90  VAL n 
1 91  ILE n 
1 92  PHE n 
1 93  VAL n 
1 94  VAL n 
1 95  ASP n 
1 96  SER n 
1 97  SER n 
1 98  ASP n 
1 99  HIS n 
1 100 LEU n 
1 101 ARG n 
1 102 LEU n 
1 103 CYS n 
1 104 VAL n 
1 105 VAL n 
1 106 LYS n 
1 107 SER n 
1 108 GLU n 
1 109 ILE n 
1 110 GLN n 
1 111 ALA n 
1 112 MET n 
1 113 LEU n 
1 114 LYS n 
1 115 HIS n 
1 116 GLU n 
1 117 ASP n 
1 118 ILE n 
1 119 ARG n 
1 120 ARG n 
1 121 GLU n 
1 122 LEU n 
1 123 PRO n 
1 124 GLY n 
1 125 GLY n 
1 126 GLY n 
1 127 ARG n 
1 128 VAL n 
1 129 PRO n 
1 130 PHE n 
1 131 LEU n 
1 132 PHE n 
1 133 PHE n 
1 134 ALA n 
1 135 ASN n 
1 136 LYS n 
1 137 MET n 
1 138 ASP n 
1 139 ALA n 
1 140 ALA n 
1 141 GLY n 
1 142 ALA n 
1 143 LYS n 
1 144 THR n 
1 145 ALA n 
1 146 ALA n 
1 147 GLU n 
1 148 LEU n 
1 149 VAL n 
1 150 GLU n 
1 151 ILE n 
1 152 LEU n 
1 153 ASP n 
1 154 LEU n 
1 155 THR n 
1 156 THR n 
1 157 LEU n 
1 158 MET n 
1 159 GLY n 
1 160 ASP n 
1 161 HIS n 
1 162 PRO n 
1 163 PHE n 
1 164 VAL n 
1 165 ILE n 
1 166 PHE n 
1 167 ALA n 
1 168 SER n 
1 169 ASN n 
1 170 GLY n 
1 171 LEU n 
1 172 LYS n 
1 173 GLY n 
1 174 THR n 
1 175 GLY n 
1 176 VAL n 
1 177 HIS n 
1 178 GLU n 
1 179 GLY n 
1 180 PHE n 
1 181 SER n 
1 182 TRP n 
1 183 LEU n 
1 184 GLN n 
1 185 GLU n 
1 186 THR n 
1 187 ALA n 
1 188 SER n 
1 189 ARG n 
1 190 GLN n 
1 191 SER n 
1 192 GLY n 
1 193 LYS n 
1 194 ALA n 
1 195 GLY n 
1 196 THR n 
1 197 LYS n 
1 198 ARG n 
1 199 GLY n 
# 
_entity_src_gen.entity_id                          1 
_entity_src_gen.pdbx_src_id                        1 
_entity_src_gen.pdbx_alt_source_flag               sample 
_entity_src_gen.pdbx_seq_type                      ? 
_entity_src_gen.pdbx_beg_seq_num                   ? 
_entity_src_gen.pdbx_end_seq_num                   ? 
_entity_src_gen.gene_src_common_name               ? 
_entity_src_gen.gene_src_genus                     ? 
_entity_src_gen.pdbx_gene_src_gene                 ? 
_entity_src_gen.gene_src_species                   ? 
_entity_src_gen.gene_src_strain                    ? 
_entity_src_gen.gene_src_tissue                    ? 
_entity_src_gen.gene_src_tissue_fraction           ? 
_entity_src_gen.gene_src_details                   ? 
_entity_src_gen.pdbx_gene_src_fragment             ? 
_entity_src_gen.pdbx_gene_src_scientific_name      'TRYPANOSOMA BRUCEI TREU927' 
_entity_src_gen.pdbx_gene_src_ncbi_taxonomy_id     185431 
_entity_src_gen.pdbx_gene_src_variant              ? 
_entity_src_gen.pdbx_gene_src_cell_line            ? 
_entity_src_gen.pdbx_gene_src_atcc                 ? 
_entity_src_gen.pdbx_gene_src_organ                ? 
_entity_src_gen.pdbx_gene_src_organelle            ? 
_entity_src_gen.pdbx_gene_src_cell                 ? 
_entity_src_gen.pdbx_gene_src_cellular_location    ? 
_entity_src_gen.host_org_common_name               ? 
_entity_src_gen.pdbx_host_org_scientific_name      'ESCHERICHIA COLI' 
_entity_src_gen.pdbx_host_org_ncbi_taxonomy_id     469008 
_entity_src_gen.host_org_genus                     ? 
_entity_src_gen.pdbx_host_org_gene                 ? 
_entity_src_gen.pdbx_host_org_organ                ? 
_entity_src_gen.host_org_species                   ? 
_entity_src_gen.pdbx_host_org_tissue               ? 
_entity_src_gen.pdbx_host_org_tissue_fraction      ? 
_entity_src_gen.pdbx_host_org_strain               'BL21(DE3)' 
_entity_src_gen.pdbx_host_org_variant              ? 
_entity_src_gen.pdbx_host_org_cell_line            ? 
_entity_src_gen.pdbx_host_org_atcc                 ? 
_entity_src_gen.pdbx_host_org_culture_collection   ? 
_entity_src_gen.pdbx_host_org_cell                 ? 
_entity_src_gen.pdbx_host_org_organelle            ? 
_entity_src_gen.pdbx_host_org_cellular_location    ? 
_entity_src_gen.pdbx_host_org_vector_type          PLASMID 
_entity_src_gen.pdbx_host_org_vector               ? 
_entity_src_gen.host_org_details                   ? 
_entity_src_gen.expression_system_id               ? 
_entity_src_gen.plasmid_name                       PET-YSBLLIC 
_entity_src_gen.plasmid_details                    ? 
_entity_src_gen.pdbx_description                   ? 
# 
_struct_ref.id                         1 
_struct_ref.db_name                    UNP 
_struct_ref.db_code                    C9ZVV9_TRYB9 
_struct_ref.entity_id                  1 
_struct_ref.pdbx_seq_one_letter_code   ? 
_struct_ref.pdbx_align_begin           ? 
_struct_ref.pdbx_db_accession          C9ZVV9 
_struct_ref.pdbx_db_isoform            ? 
# 
_struct_ref_seq.align_id                      1 
_struct_ref_seq.ref_id                        1 
_struct_ref_seq.pdbx_PDB_id_code              4BAS 
_struct_ref_seq.pdbx_strand_id                A 
_struct_ref_seq.seq_align_beg                 11 
_struct_ref_seq.pdbx_seq_align_beg_ins_code   ? 
_struct_ref_seq.seq_align_end                 199 
_struct_ref_seq.pdbx_seq_align_end_ins_code   ? 
_struct_ref_seq.pdbx_db_accession             C9ZVV9 
_struct_ref_seq.db_align_beg                  1 
_struct_ref_seq.pdbx_db_align_beg_ins_code    ? 
_struct_ref_seq.db_align_end                  189 
_struct_ref_seq.pdbx_db_align_end_ins_code    ? 
_struct_ref_seq.pdbx_auth_seq_align_beg       1 
_struct_ref_seq.pdbx_auth_seq_align_end       189 
# 
loop_
_struct_ref_seq_dif.align_id 
_struct_ref_seq_dif.pdbx_pdb_id_code 
_struct_ref_seq_dif.mon_id 
_struct_ref_seq_dif.pdbx_pdb_strand_id 
_struct_ref_seq_dif.seq_num 
_struct_ref_seq_dif.pdbx_pdb_ins_code 
_struct_ref_seq_dif.pdbx_seq_db_name 
_struct_ref_seq_dif.pdbx_seq_db_accession_code 
_struct_ref_seq_dif.db_mon_id 
_struct_ref_seq_dif.pdbx_seq_db_seq_num 
_struct_ref_seq_dif.details 
_struct_ref_seq_dif.pdbx_auth_seq_num 
_struct_ref_seq_dif.pdbx_ordinal 
1 4BAS MET A 1  ? UNP C9ZVV9 ? ? 'expression tag' -9 1  
1 4BAS GLY A 2  ? UNP C9ZVV9 ? ? 'expression tag' -8 2  
1 4BAS SER A 3  ? UNP C9ZVV9 ? ? 'expression tag' -7 3  
1 4BAS SER A 4  ? UNP C9ZVV9 ? ? 'expression tag' -6 4  
1 4BAS HIS A 5  ? UNP C9ZVV9 ? ? 'expression tag' -5 5  
1 4BAS HIS A 6  ? UNP C9ZVV9 ? ? 'expression tag' -4 6  
1 4BAS HIS A 7  ? UNP C9ZVV9 ? ? 'expression tag' -3 7  
1 4BAS HIS A 8  ? UNP C9ZVV9 ? ? 'expression tag' -2 8  
1 4BAS HIS A 9  ? UNP C9ZVV9 ? ? 'expression tag' -1 9  
1 4BAS HIS A 10 ? UNP C9ZVV9 ? ? 'expression tag' 0  10 
# 
loop_
_chem_comp.id 
_chem_comp.type 
_chem_comp.mon_nstd_flag 
_chem_comp.name 
_chem_comp.pdbx_synonyms 
_chem_comp.formula 
_chem_comp.formula_weight 
ALA 'L-peptide linking' y ALANINE                                       ? 'C3 H7 N O2'        89.093  
ARG 'L-peptide linking' y ARGININE                                      ? 'C6 H15 N4 O2 1'    175.209 
ASN 'L-peptide linking' y ASPARAGINE                                    ? 'C4 H8 N2 O3'       132.118 
ASP 'L-peptide linking' y 'ASPARTIC ACID'                               ? 'C4 H7 N O4'        133.103 
CYS 'L-peptide linking' y CYSTEINE                                      ? 'C3 H7 N O2 S'      121.158 
GLN 'L-peptide linking' y GLUTAMINE                                     ? 'C5 H10 N2 O3'      146.144 
GLU 'L-peptide linking' y 'GLUTAMIC ACID'                               ? 'C5 H9 N O4'        147.129 
GLY 'peptide linking'   y GLYCINE                                       ? 'C2 H5 N O2'        75.067  
GNP non-polymer         . 'PHOSPHOAMINOPHOSPHONIC ACID-GUANYLATE ESTER' ? 'C10 H17 N6 O13 P3' 522.196 
HIS 'L-peptide linking' y HISTIDINE                                     ? 'C6 H10 N3 O2 1'    156.162 
HOH non-polymer         . WATER                                         ? 'H2 O'              18.015  
ILE 'L-peptide linking' y ISOLEUCINE                                    ? 'C6 H13 N O2'       131.173 
LEU 'L-peptide linking' y LEUCINE                                       ? 'C6 H13 N O2'       131.173 
LYS 'L-peptide linking' y LYSINE                                        ? 'C6 H15 N2 O2 1'    147.195 
MET 'L-peptide linking' y METHIONINE                                    ? 'C5 H11 N O2 S'     149.211 
MG  non-polymer         . 'MAGNESIUM ION'                               ? 'Mg 2'              24.305  
PHE 'L-peptide linking' y PHENYLALANINE                                 ? 'C9 H11 N O2'       165.189 
PRO 'L-peptide linking' y PROLINE                                       ? 'C5 H9 N O2'        115.130 
SER 'L-peptide linking' y SERINE                                        ? 'C3 H7 N O3'        105.093 
SO4 non-polymer         . 'SULFATE ION'                                 ? 'O4 S -2'           96.063  
THR 'L-peptide linking' y THREONINE                                     ? 'C4 H9 N O3'        119.119 
TRP 'L-peptide linking' y TRYPTOPHAN                                    ? 'C11 H12 N2 O2'     204.225 
TYR 'L-peptide linking' y TYROSINE                                      ? 'C9 H11 N O3'       181.189 
VAL 'L-peptide linking' y VALINE                                        ? 'C5 H11 N O2'       117.146 
# 
_exptl.entry_id          4BAS 
_exptl.method            'X-RAY DIFFRACTION' 
_exptl.crystals_number   1 
# 
_exptl_crystal.id                    1 
_exptl_crystal.density_meas          ? 
_exptl_crystal.density_Matthews      2.7 
_exptl_crystal.density_percent_sol   54 
_exptl_crystal.description           NONE 
# 
_exptl_crystal_grow.crystal_id      1 
_exptl_crystal_grow.method          ? 
_exptl_crystal_grow.temp            ? 
_exptl_crystal_grow.temp_details    ? 
_exptl_crystal_grow.pH              ? 
_exptl_crystal_grow.pdbx_pH_range   ? 
_exptl_crystal_grow.pdbx_details    '0.2 M CSCL, 2.2 M (NH4)2SO4' 
# 
_diffrn.id                     1 
_diffrn.ambient_temp           100 
_diffrn.ambient_temp_details   ? 
_diffrn.crystal_id             1 
# 
_diffrn_detector.diffrn_id              1 
_diffrn_detector.detector               CCD 
_diffrn_detector.type                   'ADSC CCD' 
_diffrn_detector.pdbx_collection_date   2011-08-04 
_diffrn_detector.details                MIRRORS 
# 
_diffrn_radiation.diffrn_id                        1 
_diffrn_radiation.wavelength_id                    1 
_diffrn_radiation.pdbx_monochromatic_or_laue_m_l   M 
_diffrn_radiation.monochromator                    'SINGLE CRYSTAL' 
_diffrn_radiation.pdbx_diffrn_protocol             'SINGLE WAVELENGTH' 
_diffrn_radiation.pdbx_scattering_type             x-ray 
# 
_diffrn_radiation_wavelength.id           1 
_diffrn_radiation_wavelength.wavelength   0.979 
_diffrn_radiation_wavelength.wt           1.0 
# 
_diffrn_source.diffrn_id                   1 
_diffrn_source.source                      SYNCHROTRON 
_diffrn_source.type                        'DIAMOND BEAMLINE I04' 
_diffrn_source.pdbx_synchrotron_site       Diamond 
_diffrn_source.pdbx_synchrotron_beamline   I04 
_diffrn_source.pdbx_wavelength             0.979 
_diffrn_source.pdbx_wavelength_list        ? 
# 
_reflns.pdbx_diffrn_id               1 
_reflns.pdbx_ordinal                 1 
_reflns.entry_id                     4BAS 
_reflns.observed_criterion_sigma_I   1.0 
_reflns.observed_criterion_sigma_F   ? 
_reflns.d_resolution_low             48.92 
_reflns.d_resolution_high            2.00 
_reflns.number_obs                   15861 
_reflns.number_all                   ? 
_reflns.percent_possible_obs         96.7 
_reflns.pdbx_Rmerge_I_obs            0.12 
_reflns.pdbx_Rsym_value              ? 
_reflns.pdbx_netI_over_sigmaI        15.00 
_reflns.B_iso_Wilson_estimate        26.2 
_reflns.pdbx_redundancy              10.6 
# 
_reflns_shell.pdbx_diffrn_id         1 
_reflns_shell.pdbx_ordinal           1 
_reflns_shell.d_res_high             2.00 
_reflns_shell.d_res_low              2.11 
_reflns_shell.percent_possible_all   100.0 
_reflns_shell.Rmerge_I_obs           0.84 
_reflns_shell.pdbx_Rsym_value        ? 
_reflns_shell.meanI_over_sigI_obs    3.00 
_reflns_shell.pdbx_redundancy        11.0 
# 
_refine.pdbx_refine_id                           'X-RAY DIFFRACTION' 
_refine.entry_id                                 4BAS 
_refine.pdbx_diffrn_id                           1 
_refine.pdbx_TLS_residual_ADP_flag               ? 
_refine.ls_number_reflns_obs                     15009 
_refine.ls_number_reflns_all                     ? 
_refine.pdbx_ls_sigma_I                          ? 
_refine.pdbx_ls_sigma_F                          . 
_refine.pdbx_data_cutoff_high_absF               ? 
_refine.pdbx_data_cutoff_low_absF                ? 
_refine.pdbx_data_cutoff_high_rms_absF           ? 
_refine.ls_d_res_low                             61.42 
_refine.ls_d_res_high                            2.00 
_refine.ls_percent_reflns_obs                    96.53 
_refine.ls_R_factor_obs                          0.18658 
_refine.ls_R_factor_all                          ? 
_refine.ls_R_factor_R_work                       0.18345 
_refine.ls_R_factor_R_free                       0.24783 
_refine.ls_R_factor_R_free_error                 ? 
_refine.ls_R_factor_R_free_error_details         ? 
_refine.ls_percent_reflns_R_free                 5.0 
_refine.ls_number_reflns_R_free                  796 
_refine.ls_number_parameters                     ? 
_refine.ls_number_restraints                     ? 
_refine.occupancy_min                            ? 
_refine.occupancy_max                            ? 
_refine.correlation_coeff_Fo_to_Fc               0.956 
_refine.correlation_coeff_Fo_to_Fc_free          0.924 
_refine.B_iso_mean                               25.531 
_refine.aniso_B[1][1]                            1.45 
_refine.aniso_B[2][2]                            1.45 
_refine.aniso_B[3][3]                            -2.18 
_refine.aniso_B[1][2]                            0.73 
_refine.aniso_B[1][3]                            0.00 
_refine.aniso_B[2][3]                            0.00 
_refine.solvent_model_details                    MASK 
_refine.solvent_model_param_ksol                 ? 
_refine.solvent_model_param_bsol                 ? 
_refine.pdbx_solvent_vdw_probe_radii             1.20 
_refine.pdbx_solvent_ion_probe_radii             0.80 
_refine.pdbx_solvent_shrinkage_radii             0.80 
_refine.pdbx_ls_cross_valid_method               THROUGHOUT 
_refine.details                                  'HYDROGENS HAVE BEEN ADDED IN THE RIDING POSITIONS. U VALUES REFINED INDIVIDUALLY' 
_refine.pdbx_starting_model                      'PDB ENTRY 2H57' 
_refine.pdbx_method_to_determine_struct          'MOLECULAR REPLACEMENT' 
_refine.pdbx_isotropic_thermal_model             ? 
_refine.pdbx_stereochemistry_target_values       'MAXIMUM LIKELIHOOD' 
_refine.pdbx_stereochem_target_val_spec_case     ? 
_refine.pdbx_R_Free_selection_details            RANDOM 
_refine.pdbx_overall_ESU_R                       0.150 
_refine.pdbx_overall_ESU_R_Free                  0.159 
_refine.overall_SU_ML                            0.109 
_refine.pdbx_overall_phase_error                 ? 
_refine.overall_SU_B                             3.926 
_refine.overall_SU_R_Cruickshank_DPI             ? 
_refine.pdbx_overall_SU_R_free_Cruickshank_DPI   ? 
_refine.pdbx_overall_SU_R_Blow_DPI               ? 
_refine.pdbx_overall_SU_R_free_Blow_DPI          ? 
# 
_refine_hist.pdbx_refine_id                   'X-RAY DIFFRACTION' 
_refine_hist.cycle_id                         LAST 
_refine_hist.pdbx_number_atoms_protein        1305 
_refine_hist.pdbx_number_atoms_nucleic_acid   0 
_refine_hist.pdbx_number_atoms_ligand         43 
_refine_hist.number_atoms_solvent             96 
_refine_hist.number_atoms_total               1444 
_refine_hist.d_res_high                       2.00 
_refine_hist.d_res_low                        61.42 
# 
loop_
_refine_ls_restr.type 
_refine_ls_restr.dev_ideal 
_refine_ls_restr.dev_ideal_target 
_refine_ls_restr.weight 
_refine_ls_restr.number 
_refine_ls_restr.pdbx_refine_id 
_refine_ls_restr.pdbx_restraint_function 
r_bond_refined_d             0.009  0.020  ? 1387 'X-RAY DIFFRACTION' ? 
r_bond_other_d               0.001  0.020  ? 895  'X-RAY DIFFRACTION' ? 
r_angle_refined_deg          1.455  1.978  ? 1888 'X-RAY DIFFRACTION' ? 
r_angle_other_deg            0.889  3.000  ? 2187 'X-RAY DIFFRACTION' ? 
r_dihedral_angle_1_deg       5.557  5.000  ? 174  'X-RAY DIFFRACTION' ? 
r_dihedral_angle_2_deg       35.904 24.211 ? 57   'X-RAY DIFFRACTION' ? 
r_dihedral_angle_3_deg       13.288 15.000 ? 223  'X-RAY DIFFRACTION' ? 
r_dihedral_angle_4_deg       16.812 15.000 ? 6    'X-RAY DIFFRACTION' ? 
r_chiral_restr               0.076  0.200  ? 216  'X-RAY DIFFRACTION' ? 
r_gen_planes_refined         0.005  0.020  ? 1526 'X-RAY DIFFRACTION' ? 
r_gen_planes_other           0.001  0.020  ? 288  'X-RAY DIFFRACTION' ? 
r_nbd_refined                ?      ?      ? ?    'X-RAY DIFFRACTION' ? 
r_nbd_other                  ?      ?      ? ?    'X-RAY DIFFRACTION' ? 
r_nbtor_refined              ?      ?      ? ?    'X-RAY DIFFRACTION' ? 
r_nbtor_other                ?      ?      ? ?    'X-RAY DIFFRACTION' ? 
r_xyhbond_nbd_refined        ?      ?      ? ?    'X-RAY DIFFRACTION' ? 
r_xyhbond_nbd_other          ?      ?      ? ?    'X-RAY DIFFRACTION' ? 
r_metal_ion_refined          ?      ?      ? ?    'X-RAY DIFFRACTION' ? 
r_metal_ion_other            ?      ?      ? ?    'X-RAY DIFFRACTION' ? 
r_symmetry_vdw_refined       ?      ?      ? ?    'X-RAY DIFFRACTION' ? 
r_symmetry_vdw_other         ?      ?      ? ?    'X-RAY DIFFRACTION' ? 
r_symmetry_hbond_refined     ?      ?      ? ?    'X-RAY DIFFRACTION' ? 
r_symmetry_hbond_other       ?      ?      ? ?    'X-RAY DIFFRACTION' ? 
r_symmetry_metal_ion_refined ?      ?      ? ?    'X-RAY DIFFRACTION' ? 
r_symmetry_metal_ion_other   ?      ?      ? ?    'X-RAY DIFFRACTION' ? 
r_mcbond_it                  ?      ?      ? ?    'X-RAY DIFFRACTION' ? 
r_mcbond_other               ?      ?      ? ?    'X-RAY DIFFRACTION' ? 
r_mcangle_it                 ?      ?      ? ?    'X-RAY DIFFRACTION' ? 
r_mcangle_other              ?      ?      ? ?    'X-RAY DIFFRACTION' ? 
r_scbond_it                  ?      ?      ? ?    'X-RAY DIFFRACTION' ? 
r_scbond_other               ?      ?      ? ?    'X-RAY DIFFRACTION' ? 
r_scangle_it                 ?      ?      ? ?    'X-RAY DIFFRACTION' ? 
r_scangle_other              ?      ?      ? ?    'X-RAY DIFFRACTION' ? 
r_long_range_B_refined       ?      ?      ? ?    'X-RAY DIFFRACTION' ? 
r_long_range_B_other         ?      ?      ? ?    'X-RAY DIFFRACTION' ? 
r_rigid_bond_restr           ?      ?      ? ?    'X-RAY DIFFRACTION' ? 
r_sphericity_free            ?      ?      ? ?    'X-RAY DIFFRACTION' ? 
r_sphericity_bonded          ?      ?      ? ?    'X-RAY DIFFRACTION' ? 
# 
_refine_ls_shell.pdbx_refine_id                   'X-RAY DIFFRACTION' 
_refine_ls_shell.pdbx_total_number_of_bins_used   20 
_refine_ls_shell.d_res_high                       2.000 
_refine_ls_shell.d_res_low                        2.052 
_refine_ls_shell.number_reflns_R_work             1043 
_refine_ls_shell.R_factor_R_work                  0.229 
_refine_ls_shell.percent_reflns_obs               99.91 
_refine_ls_shell.R_factor_R_free                  0.235 
_refine_ls_shell.R_factor_R_free_error            ? 
_refine_ls_shell.percent_reflns_R_free            ? 
_refine_ls_shell.number_reflns_R_free             58 
_refine_ls_shell.number_reflns_all                ? 
_refine_ls_shell.R_factor_all                     ? 
# 
_struct.entry_id                  4BAS 
_struct.title                     
'Structure of the Arl6 BBS3 Small GTPase from Trypanosoma brucei with bound nucleotide analogue GppNp' 
_struct.pdbx_model_details        ? 
_struct.pdbx_CASP_flag            ? 
_struct.pdbx_model_type_details   ? 
# 
_struct_keywords.entry_id        4BAS 
_struct_keywords.pdbx_keywords   HYDROLASE 
_struct_keywords.text            HYDROLASE 
# 
loop_
_struct_asym.id 
_struct_asym.pdbx_blank_PDB_chainid_flag 
_struct_asym.pdbx_modified 
_struct_asym.entity_id 
_struct_asym.details 
A N N 1 ? 
B N N 2 ? 
C N N 3 ? 
D N N 4 ? 
E N N 4 ? 
F N N 5 ? 
# 
_struct_biol.id   1 
# 
loop_
_struct_conf.conf_type_id 
_struct_conf.id 
_struct_conf.pdbx_PDB_helix_id 
_struct_conf.beg_label_comp_id 
_struct_conf.beg_label_asym_id 
_struct_conf.beg_label_seq_id 
_struct_conf.pdbx_beg_PDB_ins_code 
_struct_conf.end_label_comp_id 
_struct_conf.end_label_asym_id 
_struct_conf.end_label_seq_id 
_struct_conf.pdbx_end_PDB_ins_code 
_struct_conf.beg_auth_comp_id 
_struct_conf.beg_auth_asym_id 
_struct_conf.beg_auth_seq_id 
_struct_conf.end_auth_comp_id 
_struct_conf.end_auth_asym_id 
_struct_conf.end_auth_seq_id 
_struct_conf.pdbx_PDB_helix_class 
_struct_conf.details 
_struct_conf.pdbx_PDB_helix_length 
HELX_P HELX_P1 1 GLY A 29  ? LYS A 38  ? GLY A 19  LYS A 28  1 ? 10 
HELX_P HELX_P2 2 ALA A 73  ? TYR A 84  ? ALA A 63  TYR A 74  5 ? 12 
HELX_P HELX_P3 3 ASP A 98  ? LEU A 100 ? ASP A 88  LEU A 90  5 ? 3  
HELX_P HELX_P4 4 ARG A 101 ? LYS A 114 ? ARG A 91  LYS A 104 1 ? 14 
HELX_P HELX_P5 5 HIS A 115 ? ARG A 120 ? HIS A 105 ARG A 110 1 ? 6  
HELX_P HELX_P6 6 THR A 144 ? ASP A 153 ? THR A 134 ASP A 143 1 ? 10 
HELX_P HELX_P7 7 ASP A 153 ? GLY A 159 ? ASP A 143 GLY A 149 1 ? 7  
HELX_P HELX_P8 8 GLY A 175 ? SER A 191 ? GLY A 165 SER A 181 1 ? 17 
# 
_struct_conf_type.id          HELX_P 
_struct_conf_type.criteria    ? 
_struct_conf_type.reference   ? 
# 
loop_
_struct_conn.id 
_struct_conn.conn_type_id 
_struct_conn.pdbx_leaving_atom_flag 
_struct_conn.pdbx_PDB_id 
_struct_conn.ptnr1_label_asym_id 
_struct_conn.ptnr1_label_comp_id 
_struct_conn.ptnr1_label_seq_id 
_struct_conn.ptnr1_label_atom_id 
_struct_conn.pdbx_ptnr1_label_alt_id 
_struct_conn.pdbx_ptnr1_PDB_ins_code 
_struct_conn.pdbx_ptnr1_standard_comp_id 
_struct_conn.ptnr1_symmetry 
_struct_conn.ptnr2_label_asym_id 
_struct_conn.ptnr2_label_comp_id 
_struct_conn.ptnr2_label_seq_id 
_struct_conn.ptnr2_label_atom_id 
_struct_conn.pdbx_ptnr2_label_alt_id 
_struct_conn.pdbx_ptnr2_PDB_ins_code 
_struct_conn.ptnr1_auth_asym_id 
_struct_conn.ptnr1_auth_comp_id 
_struct_conn.ptnr1_auth_seq_id 
_struct_conn.ptnr2_auth_asym_id 
_struct_conn.ptnr2_auth_comp_id 
_struct_conn.ptnr2_auth_seq_id 
_struct_conn.ptnr2_symmetry 
_struct_conn.pdbx_ptnr3_label_atom_id 
_struct_conn.pdbx_ptnr3_label_seq_id 
_struct_conn.pdbx_ptnr3_label_comp_id 
_struct_conn.pdbx_ptnr3_label_asym_id 
_struct_conn.pdbx_ptnr3_label_alt_id 
_struct_conn.pdbx_ptnr3_PDB_ins_code 
_struct_conn.details 
_struct_conn.pdbx_dist_value 
_struct_conn.pdbx_value_order 
_struct_conn.pdbx_role 
metalc1 metalc ? ? A THR 31 OG1 ? ? ? 1_555 C MG  . MG ? ? A THR 21   A MG  1183 1_555 ? ? ? ? ? ? ? 2.147 ? ? 
metalc2 metalc ? ? A THR 50 OG1 ? ? ? 1_555 C MG  . MG ? ? A THR 40   A MG  1183 1_555 ? ? ? ? ? ? ? 2.183 ? ? 
metalc3 metalc ? ? B GNP .  O2B ? ? ? 1_555 C MG  . MG ? ? A GNP 1182 A MG  1183 1_555 ? ? ? ? ? ? ? 1.972 ? ? 
metalc4 metalc ? ? B GNP .  O1G ? ? ? 1_555 C MG  . MG ? ? A GNP 1182 A MG  1183 1_555 ? ? ? ? ? ? ? 2.004 ? ? 
metalc5 metalc ? ? C MG  .  MG  ? ? ? 1_555 F HOH . O  ? ? A MG  1183 A HOH 2012 1_555 ? ? ? ? ? ? ? 2.069 ? ? 
metalc6 metalc ? ? C MG  .  MG  ? ? ? 1_555 F HOH . O  ? ? A MG  1183 A HOH 2013 1_555 ? ? ? ? ? ? ? 2.042 ? ? 
# 
_struct_conn_type.id          metalc 
_struct_conn_type.criteria    ? 
_struct_conn_type.reference   ? 
# 
_struct_sheet.id               AA 
_struct_sheet.type             ? 
_struct_sheet.number_strands   6 
_struct_sheet.details          ? 
# 
loop_
_struct_sheet_order.sheet_id 
_struct_sheet_order.range_id_1 
_struct_sheet_order.range_id_2 
_struct_sheet_order.offset 
_struct_sheet_order.sense 
AA 1 2 ? anti-parallel 
AA 2 3 ? parallel      
AA 3 4 ? parallel      
AA 4 5 ? parallel      
AA 5 6 ? parallel      
# 
loop_
_struct_sheet_range.sheet_id 
_struct_sheet_range.id 
_struct_sheet_range.beg_label_comp_id 
_struct_sheet_range.beg_label_asym_id 
_struct_sheet_range.beg_label_seq_id 
_struct_sheet_range.pdbx_beg_PDB_ins_code 
_struct_sheet_range.end_label_comp_id 
_struct_sheet_range.end_label_asym_id 
_struct_sheet_range.end_label_seq_id 
_struct_sheet_range.pdbx_end_PDB_ins_code 
_struct_sheet_range.beg_auth_comp_id 
_struct_sheet_range.beg_auth_asym_id 
_struct_sheet_range.beg_auth_seq_id 
_struct_sheet_range.end_auth_comp_id 
_struct_sheet_range.end_auth_asym_id 
_struct_sheet_range.end_auth_seq_id 
AA 1 TYR A 53  ? LYS A 60  ? TYR A 43  LYS A 50  
AA 2 VAL A 63  ? MET A 70  ? VAL A 53  MET A 60  
AA 3 LYS A 17  ? CYS A 23  ? LYS A 7   CYS A 13  
AA 4 ALA A 89  ? ASP A 95  ? ALA A 79  ASP A 85  
AA 5 PHE A 130 ? ASN A 135 ? PHE A 120 ASN A 125 
AA 6 PHE A 163 ? ALA A 167 ? PHE A 153 ALA A 157 
# 
loop_
_pdbx_struct_sheet_hbond.sheet_id 
_pdbx_struct_sheet_hbond.range_id_1 
_pdbx_struct_sheet_hbond.range_id_2 
_pdbx_struct_sheet_hbond.range_1_label_atom_id 
_pdbx_struct_sheet_hbond.range_1_label_comp_id 
_pdbx_struct_sheet_hbond.range_1_label_asym_id 
_pdbx_struct_sheet_hbond.range_1_label_seq_id 
_pdbx_struct_sheet_hbond.range_1_PDB_ins_code 
_pdbx_struct_sheet_hbond.range_1_auth_atom_id 
_pdbx_struct_sheet_hbond.range_1_auth_comp_id 
_pdbx_struct_sheet_hbond.range_1_auth_asym_id 
_pdbx_struct_sheet_hbond.range_1_auth_seq_id 
_pdbx_struct_sheet_hbond.range_2_label_atom_id 
_pdbx_struct_sheet_hbond.range_2_label_comp_id 
_pdbx_struct_sheet_hbond.range_2_label_asym_id 
_pdbx_struct_sheet_hbond.range_2_label_seq_id 
_pdbx_struct_sheet_hbond.range_2_PDB_ins_code 
_pdbx_struct_sheet_hbond.range_2_auth_atom_id 
_pdbx_struct_sheet_hbond.range_2_auth_comp_id 
_pdbx_struct_sheet_hbond.range_2_auth_asym_id 
_pdbx_struct_sheet_hbond.range_2_auth_seq_id 
AA 1 2 N LYS A 60  ? N LYS A 50  O VAL A 63  ? O VAL A 53  
AA 2 3 N THR A 66  ? N THR A 56  O LEU A 18  ? O LEU A 8   
AA 3 4 N VAL A 21  ? N VAL A 11  O ALA A 89  ? O ALA A 79  
AA 4 5 N PHE A 92  ? N PHE A 82  O LEU A 131 ? O LEU A 121 
AA 5 6 N PHE A 132 ? N PHE A 122 O VAL A 164 ? O VAL A 154 
# 
loop_
_struct_site.id 
_struct_site.pdbx_evidence_code 
_struct_site.pdbx_auth_asym_id 
_struct_site.pdbx_auth_comp_id 
_struct_site.pdbx_auth_seq_id 
_struct_site.pdbx_auth_ins_code 
_struct_site.pdbx_num_residues 
_struct_site.details 
AC1 Software A GNP 1182 ? 26 'BINDING SITE FOR RESIDUE GNP A 1182' 
AC2 Software A MG  1183 ? 5  'BINDING SITE FOR RESIDUE MG A 1183'  
AC3 Software A SO4 1184 ? 4  'BINDING SITE FOR RESIDUE SO4 A 1184' 
AC4 Software A SO4 1185 ? 6  'BINDING SITE FOR RESIDUE SO4 A 1185' 
# 
loop_
_struct_site_gen.id 
_struct_site_gen.site_id 
_struct_site_gen.pdbx_num_res 
_struct_site_gen.label_comp_id 
_struct_site_gen.label_asym_id 
_struct_site_gen.label_seq_id 
_struct_site_gen.pdbx_auth_ins_code 
_struct_site_gen.auth_comp_id 
_struct_site_gen.auth_asym_id 
_struct_site_gen.auth_seq_id 
_struct_site_gen.label_atom_id 
_struct_site_gen.label_alt_id 
_struct_site_gen.symmetry 
_struct_site_gen.details 
1  AC1 26 ASP A 26  ? ASP A 16   . ? 1_555 ? 
2  AC1 26 ASN A 27  ? ASN A 17   . ? 1_555 ? 
3  AC1 26 SER A 28  ? SER A 18   . ? 1_555 ? 
4  AC1 26 GLY A 29  ? GLY A 19   . ? 1_555 ? 
5  AC1 26 LYS A 30  ? LYS A 20   . ? 1_555 ? 
6  AC1 26 THR A 31  ? THR A 21   . ? 1_555 ? 
7  AC1 26 THR A 32  ? THR A 22   . ? 1_555 ? 
8  AC1 26 ILE A 47  ? ILE A 37   . ? 1_555 ? 
9  AC1 26 ALA A 49  ? ALA A 39   . ? 1_555 ? 
10 AC1 26 THR A 50  ? THR A 40   . ? 1_555 ? 
11 AC1 26 GLY A 72  ? GLY A 62   . ? 1_555 ? 
12 AC1 26 ASN A 135 ? ASN A 125  . ? 1_555 ? 
13 AC1 26 LYS A 136 ? LYS A 126  . ? 1_555 ? 
14 AC1 26 ASP A 138 ? ASP A 128  . ? 1_555 ? 
15 AC1 26 ASN A 169 ? ASN A 159  . ? 1_555 ? 
16 AC1 26 GLY A 170 ? GLY A 160  . ? 1_555 ? 
17 AC1 26 LEU A 171 ? LEU A 161  . ? 1_555 ? 
18 AC1 26 MG  C .   ? MG  A 1183 . ? 1_555 ? 
19 AC1 26 HOH F .   ? HOH A 2012 . ? 1_555 ? 
20 AC1 26 HOH F .   ? HOH A 2013 . ? 1_555 ? 
21 AC1 26 HOH F .   ? HOH A 2015 . ? 1_555 ? 
22 AC1 26 HOH F .   ? HOH A 2025 . ? 1_555 ? 
23 AC1 26 HOH F .   ? HOH A 2027 . ? 1_555 ? 
24 AC1 26 HOH F .   ? HOH A 2066 . ? 1_555 ? 
25 AC1 26 HOH F .   ? HOH A 2094 . ? 1_555 ? 
26 AC1 26 HOH F .   ? HOH A 2095 . ? 1_555 ? 
27 AC2 5  THR A 31  ? THR A 21   . ? 1_555 ? 
28 AC2 5  THR A 50  ? THR A 40   . ? 1_555 ? 
29 AC2 5  GNP B .   ? GNP A 1182 . ? 1_555 ? 
30 AC2 5  HOH F .   ? HOH A 2012 . ? 1_555 ? 
31 AC2 5  HOH F .   ? HOH A 2013 . ? 1_555 ? 
32 AC3 4  ARG A 77  ? ARG A 67   . ? 1_555 ? 
33 AC3 4  ARG A 101 ? ARG A 91   . ? 1_555 ? 
34 AC3 4  VAL A 104 ? VAL A 94   . ? 1_555 ? 
35 AC3 4  HOH F .   ? HOH A 2007 . ? 1_555 ? 
36 AC4 6  GLY A 126 ? GLY A 116  . ? 1_555 ? 
37 AC4 6  ARG A 127 ? ARG A 117  . ? 1_555 ? 
38 AC4 6  PRO A 162 ? PRO A 152  . ? 1_555 ? 
39 AC4 6  ARG A 189 ? ARG A 179  . ? 1_555 ? 
40 AC4 6  GLN A 190 ? GLN A 180  . ? 1_555 ? 
41 AC4 6  HOH F .   ? HOH A 2096 . ? 1_555 ? 
# 
_atom_sites.entry_id                    4BAS 
_atom_sites.fract_transf_matrix[1][1]   -0.00527222 
_atom_sites.fract_transf_matrix[1][2]   0.01492468 
_atom_sites.fract_transf_matrix[1][3]   0.00381359 
_atom_sites.fract_transf_matrix[2][1]   -0.01584920 
_atom_sites.fract_transf_matrix[2][2]   0.00259932 
_atom_sites.fract_transf_matrix[2][3]   0.00267392 
_atom_sites.fract_transf_matrix[3][1]   0.00161447 
_atom_sites.fract_transf_matrix[3][2]   -0.00249452 
_atom_sites.fract_transf_matrix[3][3]   0.01199443 
_atom_sites.fract_transf_vector[1]      0.848495 
_atom_sites.fract_transf_vector[2]      0.493470 
_atom_sites.fract_transf_vector[3]      0.214112 
# 
loop_
_atom_type.symbol 
C  
MG 
N  
O  
P  
S  
# 
loop_
_atom_site.group_PDB 
_atom_site.id 
_atom_site.type_symbol 
_atom_site.label_atom_id 
_atom_site.label_alt_id 
_atom_site.label_comp_id 
_atom_site.label_asym_id 
_atom_site.label_entity_id 
_atom_site.label_seq_id 
_atom_site.pdbx_PDB_ins_code 
_atom_site.Cartn_x 
_atom_site.Cartn_y 
_atom_site.Cartn_z 
_atom_site.occupancy 
_atom_site.B_iso_or_equiv 
_atom_site.pdbx_formal_charge 
_atom_site.auth_seq_id 
_atom_site.auth_comp_id 
_atom_site.auth_asym_id 
_atom_site.auth_atom_id 
_atom_site.pdbx_PDB_model_num 
ATOM   1    N  N     . THR A 1 16  ? -3.339  -18.661 9.320   1.00 36.30  ? 6    THR A N     1 
ATOM   2    C  CA    . THR A 1 16  ? -3.811  -17.296 8.924   1.00 37.80  ? 6    THR A CA    1 
ATOM   3    C  C     . THR A 1 16  ? -3.279  -16.908 7.557   1.00 48.04  ? 6    THR A C     1 
ATOM   4    O  O     . THR A 1 16  ? -2.079  -17.024 7.311   1.00 34.80  ? 6    THR A O     1 
ATOM   5    C  CB    . THR A 1 16  ? -3.365  -16.215 9.922   1.00 39.77  ? 6    THR A CB    1 
ATOM   6    O  OG1   . THR A 1 16  ? -3.851  -16.552 11.220  1.00 58.87  ? 6    THR A OG1   1 
ATOM   7    C  CG2   . THR A 1 16  ? -3.929  -14.838 9.526   1.00 46.29  ? 6    THR A CG2   1 
ATOM   8    N  N     . LYS A 1 17  ? -4.180  -16.432 6.693   1.00 37.34  ? 7    LYS A N     1 
ATOM   9    C  CA    . LYS A 1 17  ? -3.876  -16.083 5.298   1.00 37.62  ? 7    LYS A CA    1 
ATOM   10   C  C     . LYS A 1 17  ? -4.317  -14.656 5.037   1.00 36.08  ? 7    LYS A C     1 
ATOM   11   O  O     . LYS A 1 17  ? -5.382  -14.252 5.457   1.00 28.11  ? 7    LYS A O     1 
ATOM   12   C  CB    . LYS A 1 17  ? -4.636  -16.964 4.296   1.00 39.08  ? 7    LYS A CB    1 
ATOM   13   C  CG    . LYS A 1 17  ? -5.091  -18.325 4.783   1.00 53.49  ? 7    LYS A CG    1 
ATOM   14   C  CD    . LYS A 1 17  ? -4.027  -19.374 4.580   1.00 28.49  ? 7    LYS A CD    1 
ATOM   15   C  CE    . LYS A 1 17  ? -4.648  -20.763 4.553   1.00 61.44  ? 7    LYS A CE    1 
ATOM   16   N  NZ    . LYS A 1 17  ? -3.775  -21.734 3.846   1.00 66.63  ? 7    LYS A NZ    1 
ATOM   17   N  N     . LEU A 1 18  ? -3.507  -13.900 4.317   1.00 28.61  ? 8    LEU A N     1 
ATOM   18   C  CA    . LEU A 1 18  ? -3.850  -12.524 4.023   1.00 22.83  ? 8    LEU A CA    1 
ATOM   19   C  C     . LEU A 1 18  ? -3.673  -12.278 2.539   1.00 29.70  ? 8    LEU A C     1 
ATOM   20   O  O     . LEU A 1 18  ? -2.675  -12.711 1.969   1.00 23.40  ? 8    LEU A O     1 
ATOM   21   C  CB    . LEU A 1 18  ? -2.977  -11.569 4.839   1.00 31.23  ? 8    LEU A CB    1 
ATOM   22   C  CG    . LEU A 1 18  ? -3.297  -11.544 6.340   1.00 35.55  ? 8    LEU A CG    1 
ATOM   23   C  CD1   . LEU A 1 18  ? -2.299  -10.671 7.081   1.00 34.79  ? 8    LEU A CD1   1 
ATOM   24   C  CD2   . LEU A 1 18  ? -4.726  -11.068 6.574   1.00 32.68  ? 8    LEU A CD2   1 
ATOM   25   N  N     . GLN A 1 19  ? -4.654  -11.618 1.924   1.00 32.30  ? 9    GLN A N     1 
ATOM   26   C  CA    . GLN A 1 19  ? -4.558  -11.179 0.527   1.00 21.43  ? 9    GLN A CA    1 
ATOM   27   C  C     . GLN A 1 19  ? -4.433  -9.663  0.571   1.00 13.89  ? 9    GLN A C     1 
ATOM   28   O  O     . GLN A 1 19  ? -5.224  -8.978  1.240   1.00 29.28  ? 9    GLN A O     1 
ATOM   29   C  CB    . GLN A 1 19  ? -5.806  -11.551 -0.300  1.00 31.95  ? 9    GLN A CB    1 
ATOM   30   C  CG    . GLN A 1 19  ? -6.582  -12.785 0.143   1.00 98.02  ? 9    GLN A CG    1 
ATOM   31   C  CD    . GLN A 1 19  ? -5.834  -14.076 -0.106  1.00 126.27 ? 9    GLN A CD    1 
ATOM   32   O  OE1   . GLN A 1 19  ? -5.166  -14.230 -1.127  1.00 105.03 ? 9    GLN A OE1   1 
ATOM   33   N  NE2   . GLN A 1 19  ? -5.957  -15.024 0.821   1.00 46.10  ? 9    GLN A NE2   1 
ATOM   34   N  N     . VAL A 1 20  ? -3.458  -9.136  -0.147  1.00 18.82  ? 10   VAL A N     1 
ATOM   35   C  CA    . VAL A 1 20  ? -3.167  -7.710  -0.090  1.00 24.98  ? 10   VAL A CA    1 
ATOM   36   C  C     . VAL A 1 20  ? -2.902  -7.239  -1.505  1.00 30.87  ? 10   VAL A C     1 
ATOM   37   O  O     . VAL A 1 20  ? -2.301  -7.971  -2.293  1.00 24.67  ? 10   VAL A O     1 
ATOM   38   C  CB    . VAL A 1 20  ? -1.932  -7.461  0.809   1.00 29.81  ? 10   VAL A CB    1 
ATOM   39   C  CG1   . VAL A 1 20  ? -1.505  -6.003  0.784   1.00 27.19  ? 10   VAL A CG1   1 
ATOM   40   C  CG2   . VAL A 1 20  ? -2.227  -7.895  2.248   1.00 35.74  ? 10   VAL A CG2   1 
ATOM   41   N  N     . VAL A 1 21  ? -3.367  -6.034  -1.838  1.00 22.45  ? 11   VAL A N     1 
ATOM   42   C  CA    . VAL A 1 21  ? -3.002  -5.401  -3.123  1.00 28.79  ? 11   VAL A CA    1 
ATOM   43   C  C     . VAL A 1 21  ? -2.097  -4.235  -2.815  1.00 23.83  ? 11   VAL A C     1 
ATOM   44   O  O     . VAL A 1 21  ? -2.350  -3.449  -1.896  1.00 23.03  ? 11   VAL A O     1 
ATOM   45   C  CB    . VAL A 1 21  ? -4.209  -4.935  -4.004  1.00 25.10  ? 11   VAL A CB    1 
ATOM   46   C  CG1   . VAL A 1 21  ? -5.112  -3.975  -3.272  1.00 19.97  ? 11   VAL A CG1   1 
ATOM   47   C  CG2   . VAL A 1 21  ? -3.697  -4.293  -5.304  1.00 20.63  ? 11   VAL A CG2   1 
ATOM   48   N  N     . MET A 1 22  ? -1.044  -4.124  -3.601  1.00 19.25  ? 12   MET A N     1 
ATOM   49   C  CA    . MET A 1 22  ? -0.033  -3.118  -3.399  1.00 21.75  ? 12   MET A CA    1 
ATOM   50   C  C     . MET A 1 22  ? -0.012  -2.141  -4.570  1.00 26.17  ? 12   MET A C     1 
ATOM   51   O  O     . MET A 1 22  ? 0.321   -2.522  -5.705  1.00 20.23  ? 12   MET A O     1 
ATOM   52   C  CB    . MET A 1 22  ? 1.293   -3.823  -3.245  1.00 20.36  ? 12   MET A CB    1 
ATOM   53   C  CG    . MET A 1 22  ? 2.505   -2.973  -3.450  1.00 47.15  ? 12   MET A CG    1 
ATOM   54   S  SD    . MET A 1 22  ? 3.806   -3.836  -2.588  1.00 56.54  ? 12   MET A SD    1 
ATOM   55   C  CE    . MET A 1 22  ? 4.048   -2.609  -1.357  1.00 19.82  ? 12   MET A CE    1 
ATOM   56   N  N     . CYS A 1 23  ? -0.329  -0.883  -4.258  1.00 20.66  ? 13   CYS A N     1 
ATOM   57   C  CA    . CYS A 1 23  ? -0.523  0.181   -5.248  1.00 23.71  ? 13   CYS A CA    1 
ATOM   58   C  C     . CYS A 1 23  ? 0.349   1.405   -4.948  1.00 33.36  ? 13   CYS A C     1 
ATOM   59   O  O     . CYS A 1 23  ? 0.945   1.523   -3.869  1.00 22.23  ? 13   CYS A O     1 
ATOM   60   C  CB    . CYS A 1 23  ? -1.987  0.618   -5.285  1.00 29.68  ? 13   CYS A CB    1 
ATOM   61   S  SG    . CYS A 1 23  ? -3.152  -0.706  -5.668  1.00 31.38  ? 13   CYS A SG    1 
ATOM   62   N  N     . GLY A 1 24  ? 0.419   2.309   -5.926  1.00 22.35  ? 14   GLY A N     1 
ATOM   63   C  CA    . GLY A 1 24  ? 1.295   3.485   -5.860  1.00 17.57  ? 14   GLY A CA    1 
ATOM   64   C  C     . GLY A 1 24  ? 1.884   3.761   -7.233  1.00 21.32  ? 14   GLY A C     1 
ATOM   65   O  O     . GLY A 1 24  ? 1.945   2.885   -8.077  1.00 16.46  ? 14   GLY A O     1 
ATOM   66   N  N     . LEU A 1 25  ? 2.338   4.982   -7.460  1.00 17.95  ? 15   LEU A N     1 
ATOM   67   C  CA    . LEU A 1 25  ? 2.845   5.347   -8.774  1.00 19.35  ? 15   LEU A CA    1 
ATOM   68   C  C     . LEU A 1 25  ? 4.148   4.630   -9.065  1.00 28.04  ? 15   LEU A C     1 
ATOM   69   O  O     . LEU A 1 25  ? 4.813   4.096   -8.176  1.00 25.16  ? 15   LEU A O     1 
ATOM   70   C  CB    . LEU A 1 25  ? 3.036   6.865   -8.885  1.00 22.40  ? 15   LEU A CB    1 
ATOM   71   C  CG    . LEU A 1 25  ? 1.884   7.797   -8.493  1.00 17.62  ? 15   LEU A CG    1 
ATOM   72   C  CD1   . LEU A 1 25  ? 2.191   9.199   -9.016  1.00 22.65  ? 15   LEU A CD1   1 
ATOM   73   C  CD2   . LEU A 1 25  ? 0.520   7.342   -8.996  1.00 21.12  ? 15   LEU A CD2   1 
ATOM   74   N  N     . ASP A 1 26  ? 4.518   4.621   -10.334 1.00 21.51  ? 16   ASP A N     1 
ATOM   75   C  CA    . ASP A 1 26  ? 5.780   4.057   -10.740 1.00 20.01  ? 16   ASP A CA    1 
ATOM   76   C  C     . ASP A 1 26  ? 6.932   4.716   -9.953  1.00 22.40  ? 16   ASP A C     1 
ATOM   77   O  O     . ASP A 1 26  ? 6.905   5.901   -9.640  1.00 20.95  ? 16   ASP A O     1 
ATOM   78   C  CB    . ASP A 1 26  ? 5.980   4.214   -12.250 1.00 27.31  ? 16   ASP A CB    1 
ATOM   79   C  CG    . ASP A 1 26  ? 5.775   5.633   -12.707 1.00 19.77  ? 16   ASP A CG    1 
ATOM   80   O  OD1   . ASP A 1 26  ? 4.611   6.127   -12.694 1.00 27.79  ? 16   ASP A OD1   1 
ATOM   81   O  OD2   . ASP A 1 26  ? 6.787   6.271   -13.027 1.00 27.03  ? 16   ASP A OD2   1 
ATOM   82   N  N     . ASN A 1 27  ? 7.931   3.904   -9.633  1.00 23.14  ? 17   ASN A N     1 
ATOM   83   C  CA    . ASN A 1 27  ? 9.117   4.338   -8.944  1.00 26.08  ? 17   ASN A CA    1 
ATOM   84   C  C     . ASN A 1 27  ? 8.888   4.736   -7.486  1.00 21.94  ? 17   ASN A C     1 
ATOM   85   O  O     . ASN A 1 27  ? 9.760   5.342   -6.883  1.00 22.89  ? 17   ASN A O     1 
ATOM   86   C  CB    . ASN A 1 27  ? 9.766   5.509   -9.694  1.00 19.34  ? 17   ASN A CB    1 
ATOM   87   C  CG    . ASN A 1 27  ? 11.272  5.582   -9.464  1.00 26.69  ? 17   ASN A CG    1 
ATOM   88   O  OD1   . ASN A 1 27  ? 11.984  4.599   -9.650  1.00 49.24  ? 17   ASN A OD1   1 
ATOM   89   N  ND2   . ASN A 1 27  ? 11.761  6.762   -9.083  1.00 33.40  ? 17   ASN A ND2   1 
ATOM   90   N  N     . SER A 1 28  ? 7.730   4.399   -6.924  1.00 22.81  ? 18   SER A N     1 
ATOM   91   C  CA    . SER A 1 28  ? 7.452   4.735   -5.530  1.00 19.47  ? 18   SER A CA    1 
ATOM   92   C  C     . SER A 1 28  ? 8.190   3.814   -4.549  1.00 19.15  ? 18   SER A C     1 
ATOM   93   O  O     . SER A 1 28  ? 8.530   4.231   -3.433  1.00 21.96  ? 18   SER A O     1 
ATOM   94   C  CB    . SER A 1 28  ? 5.937   4.759   -5.265  1.00 14.01  ? 18   SER A CB    1 
ATOM   95   O  OG    . SER A 1 28  ? 5.342   3.503   -5.492  1.00 22.91  ? 18   SER A OG    1 
ATOM   96   N  N     . GLY A 1 29  ? 8.434   2.569   -4.963  1.00 23.56  ? 19   GLY A N     1 
ATOM   97   C  CA    . GLY A 1 29  ? 9.199   1.600   -4.180  1.00 22.37  ? 19   GLY A CA    1 
ATOM   98   C  C     . GLY A 1 29  ? 8.424   0.369   -3.716  1.00 25.10  ? 19   GLY A C     1 
ATOM   99   O  O     . GLY A 1 29  ? 8.864   -0.310  -2.819  1.00 15.96  ? 19   GLY A O     1 
ATOM   100  N  N     . LYS A 1 30  ? 7.299   0.070   -4.364  1.00 20.51  ? 20   LYS A N     1 
ATOM   101  C  CA    . LYS A 1 30  ? 6.434   -1.042  -4.023  1.00 19.97  ? 20   LYS A CA    1 
ATOM   102  C  C     . LYS A 1 30  ? 7.168   -2.372  -3.943  1.00 17.08  ? 20   LYS A C     1 
ATOM   103  O  O     . LYS A 1 30  ? 7.094   -3.076  -2.927  1.00 18.87  ? 20   LYS A O     1 
ATOM   104  C  CB    . LYS A 1 30  ? 5.297   -1.122  -5.064  1.00 23.29  ? 20   LYS A CB    1 
ATOM   105  C  CG    . LYS A 1 30  ? 4.351   0.075   -5.015  1.00 19.10  ? 20   LYS A CG    1 
ATOM   106  C  CD    . LYS A 1 30  ? 3.233   0.045   -6.055  1.00 27.33  ? 20   LYS A CD    1 
ATOM   107  C  CE    . LYS A 1 30  ? 3.698   0.118   -7.504  1.00 23.64  ? 20   LYS A CE    1 
ATOM   108  N  NZ    . LYS A 1 30  ? 4.460   1.337   -7.902  1.00 17.81  ? 20   LYS A NZ    1 
ATOM   109  N  N     . THR A 1 31  ? 7.908   -2.697  -5.007  1.00 19.91  ? 21   THR A N     1 
ATOM   110  C  CA    . THR A 1 31  ? 8.600   -3.978  -5.118  1.00 20.12  ? 21   THR A CA    1 
ATOM   111  C  C     . THR A 1 31  ? 9.779   -4.070  -4.129  1.00 21.01  ? 21   THR A C     1 
ATOM   112  O  O     . THR A 1 31  ? 10.038  -5.131  -3.547  1.00 20.68  ? 21   THR A O     1 
ATOM   113  C  CB    . THR A 1 31  ? 9.064   -4.213  -6.583  1.00 16.74  ? 21   THR A CB    1 
ATOM   114  O  OG1   . THR A 1 31  ? 7.920   -4.165  -7.447  1.00 20.89  ? 21   THR A OG1   1 
ATOM   115  C  CG2   . THR A 1 31  ? 9.725   -5.558  -6.761  1.00 19.14  ? 21   THR A CG2   1 
ATOM   116  N  N     . THR A 1 32  ? 10.493  -2.972  -3.948  1.00 24.72  ? 22   THR A N     1 
ATOM   117  C  CA    . THR A 1 32  ? 11.576  -2.927  -2.971  1.00 22.91  ? 22   THR A CA    1 
ATOM   118  C  C     . THR A 1 32  ? 11.060  -3.235  -1.562  1.00 16.42  ? 22   THR A C     1 
ATOM   119  O  O     . THR A 1 32  ? 11.645  -4.029  -0.834  1.00 16.90  ? 22   THR A O     1 
ATOM   120  C  CB    . THR A 1 32  ? 12.233  -1.555  -2.980  1.00 25.19  ? 22   THR A CB    1 
ATOM   121  O  OG1   . THR A 1 32  ? 12.767  -1.308  -4.287  1.00 19.08  ? 22   THR A OG1   1 
ATOM   122  C  CG2   . THR A 1 32  ? 13.352  -1.484  -1.936  1.00 21.96  ? 22   THR A CG2   1 
ATOM   123  N  N     . ILE A 1 33  ? 9.944   -2.609  -1.205  1.00 13.45  ? 23   ILE A N     1 
ATOM   124  C  CA    . ILE A 1 33  ? 9.310   -2.800  0.093   1.00 22.17  ? 23   ILE A CA    1 
ATOM   125  C  C     . ILE A 1 33  ? 8.838   -4.232  0.305   1.00 33.24  ? 23   ILE A C     1 
ATOM   126  O  O     . ILE A 1 33  ? 9.154   -4.860  1.308   1.00 20.08  ? 23   ILE A O     1 
ATOM   127  C  CB    . ILE A 1 33  ? 8.142   -1.799  0.277   1.00 23.92  ? 23   ILE A CB    1 
ATOM   128  C  CG1   . ILE A 1 33  ? 8.731   -0.404  0.553   1.00 28.50  ? 23   ILE A CG1   1 
ATOM   129  C  CG2   . ILE A 1 33  ? 7.206   -2.263  1.381   1.00 17.00  ? 23   ILE A CG2   1 
ATOM   130  C  CD1   . ILE A 1 33  ? 7.724   0.721   0.640   1.00 17.56  ? 23   ILE A CD1   1 
ATOM   131  N  N     . ILE A 1 34  ? 8.125   -4.789  -0.655  1.00 20.31  ? 24   ILE A N     1 
ATOM   132  C  CA    . ILE A 1 34  ? 7.637   -6.145  -0.478  1.00 15.44  ? 24   ILE A CA    1 
ATOM   133  C  C     . ILE A 1 34  ? 8.771   -7.173  -0.359  1.00 18.91  ? 24   ILE A C     1 
ATOM   134  O  O     . ILE A 1 34  ? 8.673   -8.153  0.419   1.00 21.99  ? 24   ILE A O     1 
ATOM   135  C  CB    . ILE A 1 34  ? 6.590   -6.518  -1.567  1.00 23.59  ? 24   ILE A CB    1 
ATOM   136  C  CG1   . ILE A 1 34  ? 5.703   -7.654  -1.052  1.00 30.91  ? 24   ILE A CG1   1 
ATOM   137  C  CG2   . ILE A 1 34  ? 7.257   -6.857  -2.899  1.00 27.22  ? 24   ILE A CG2   1 
ATOM   138  C  CD1   . ILE A 1 34  ? 4.898   -7.254  0.182   1.00 24.02  ? 24   ILE A CD1   1 
ATOM   139  N  N     . ASN A 1 35  ? 9.857   -6.944  -1.086  1.00 17.40  ? 25   ASN A N     1 
ATOM   140  C  CA    . ASN A 1 35  ? 11.046  -7.785  -0.951  1.00 19.76  ? 25   ASN A CA    1 
ATOM   141  C  C     . ASN A 1 35  ? 11.690  -7.731  0.448   1.00 27.42  ? 25   ASN A C     1 
ATOM   142  O  O     . ASN A 1 35  ? 12.297  -8.701  0.872   1.00 28.15  ? 25   ASN A O     1 
ATOM   143  C  CB    . ASN A 1 35  ? 12.058  -7.506  -2.063  1.00 23.04  ? 25   ASN A CB    1 
ATOM   144  C  CG    . ASN A 1 35  ? 11.678  -8.199  -3.375  1.00 37.71  ? 25   ASN A CG    1 
ATOM   145  O  OD1   . ASN A 1 35  ? 11.833  -9.413  -3.517  1.00 42.93  ? 25   ASN A OD1   1 
ATOM   146  N  ND2   . ASN A 1 35  ? 11.155  -7.442  -4.315  1.00 39.83  ? 25   ASN A ND2   1 
ATOM   147  N  N     . GLN A 1 36  ? 11.489  -6.641  1.185   1.00 24.38  ? 26   GLN A N     1 
ATOM   148  C  CA    . GLN A 1 36  ? 11.954  -6.580  2.578   1.00 24.55  ? 26   GLN A CA    1 
ATOM   149  C  C     . GLN A 1 36  ? 11.228  -7.527  3.538   1.00 20.15  ? 26   GLN A C     1 
ATOM   150  O  O     . GLN A 1 36  ? 11.770  -7.873  4.592   1.00 23.73  ? 26   GLN A O     1 
ATOM   151  C  CB    . GLN A 1 36  ? 11.869  -5.149  3.114   1.00 21.67  ? 26   GLN A CB    1 
ATOM   152  C  CG    . GLN A 1 36  ? 12.866  -4.191  2.478   1.00 28.32  ? 26   GLN A CG    1 
ATOM   153  C  CD    . GLN A 1 36  ? 14.322  -4.440  2.870   1.00 48.98  ? 26   GLN A CD    1 
ATOM   154  O  OE1   . GLN A 1 36  ? 14.634  -5.302  3.693   1.00 31.15  ? 26   GLN A OE1   1 
ATOM   155  N  NE2   . GLN A 1 36  ? 15.220  -3.665  2.276   1.00 26.33  ? 26   GLN A NE2   1 
ATOM   156  N  N     . VAL A 1 37  ? 10.008  -7.952  3.202   1.00 25.93  ? 27   VAL A N     1 
ATOM   157  C  CA    . VAL A 1 37  ? 9.258   -8.847  4.094   1.00 19.28  ? 27   VAL A CA    1 
ATOM   158  C  C     . VAL A 1 37  ? 9.202   -10.319 3.625   1.00 29.50  ? 27   VAL A C     1 
ATOM   159  O  O     . VAL A 1 37  ? 8.652   -11.172 4.306   1.00 23.37  ? 27   VAL A O     1 
ATOM   160  C  CB    . VAL A 1 37  ? 7.854   -8.290  4.413   1.00 30.15  ? 27   VAL A CB    1 
ATOM   161  C  CG1   . VAL A 1 37  ? 7.985   -6.922  5.068   1.00 21.09  ? 27   VAL A CG1   1 
ATOM   162  C  CG2   . VAL A 1 37  ? 6.981   -8.209  3.159   1.00 19.14  ? 27   VAL A CG2   1 
ATOM   163  N  N     . LYS A 1 38  ? 9.800   -10.613 2.480   1.00 19.09  ? 28   LYS A N     1 
ATOM   164  C  CA    . LYS A 1 38  ? 9.853   -11.963 1.941   1.00 30.79  ? 28   LYS A CA    1 
ATOM   165  C  C     . LYS A 1 38  ? 10.947  -12.759 2.633   1.00 34.09  ? 28   LYS A C     1 
ATOM   166  O  O     . LYS A 1 38  ? 11.860  -12.164 3.224   1.00 27.23  ? 28   LYS A O     1 
ATOM   167  C  CB    . LYS A 1 38  ? 10.126  -11.922 0.434   1.00 34.13  ? 28   LYS A CB    1 
ATOM   168  C  CG    . LYS A 1 38  ? 8.910   -11.572 -0.409  1.00 33.12  ? 28   LYS A CG    1 
ATOM   169  C  CD    . LYS A 1 38  ? 9.264   -11.340 -1.881  1.00 28.82  ? 28   LYS A CD    1 
ATOM   170  C  CE    . LYS A 1 38  ? 9.676   -12.627 -2.595  1.00 45.97  ? 28   LYS A CE    1 
ATOM   171  N  NZ    . LYS A 1 38  ? 10.025  -12.375 -4.020  1.00 45.41  ? 28   LYS A NZ    1 
ATOM   172  N  N     . PRO A 1 39  ? 10.876  -14.107 2.563   1.00 37.36  ? 29   PRO A N     1 
ATOM   173  C  CA    . PRO A 1 39  ? 11.955  -14.920 3.123   1.00 26.96  ? 29   PRO A CA    1 
ATOM   174  C  C     . PRO A 1 39  ? 13.306  -14.628 2.473   1.00 41.23  ? 29   PRO A C     1 
ATOM   175  O  O     . PRO A 1 39  ? 13.357  -14.279 1.288   1.00 34.71  ? 29   PRO A O     1 
ATOM   176  C  CB    . PRO A 1 39  ? 11.517  -16.359 2.803   1.00 30.80  ? 29   PRO A CB    1 
ATOM   177  C  CG    . PRO A 1 39  ? 10.061  -16.290 2.548   1.00 37.31  ? 29   PRO A CG    1 
ATOM   178  C  CD    . PRO A 1 39  ? 9.831   -14.941 1.943   1.00 33.93  ? 29   PRO A CD    1 
ATOM   179  N  N     . ALA A 1 40  ? 14.390  -14.767 3.236   1.00 30.55  ? 30   ALA A N     1 
ATOM   180  C  CA    . ALA A 1 40  ? 15.737  -14.680 2.671   1.00 52.46  ? 30   ALA A CA    1 
ATOM   181  C  C     . ALA A 1 40  ? 15.938  -15.937 1.821   1.00 43.42  ? 30   ALA A C     1 
ATOM   182  O  O     . ALA A 1 40  ? 15.347  -16.971 2.135   1.00 41.27  ? 30   ALA A O     1 
ATOM   183  C  CB    . ALA A 1 40  ? 16.769  -14.595 3.784   1.00 59.85  ? 30   ALA A CB    1 
ATOM   184  N  N     . GLN A 1 41  ? 16.732  -15.870 0.748   1.00 62.22  ? 31   GLN A N     1 
ATOM   185  C  CA    . GLN A 1 41  ? 16.852  -17.021 -0.179  1.00 132.89 ? 31   GLN A CA    1 
ATOM   186  C  C     . GLN A 1 41  ? 18.261  -17.254 -0.745  1.00 70.35  ? 31   GLN A C     1 
ATOM   187  O  O     . GLN A 1 41  ? 19.177  -16.459 -0.539  1.00 58.40  ? 31   GLN A O     1 
ATOM   188  C  CB    . GLN A 1 41  ? 15.845  -16.887 -1.332  1.00 40.31  ? 31   GLN A CB    1 
ATOM   189  N  N     . HIS A 1 46  ? 17.887  -8.748  -8.600  1.00 38.67  ? 36   HIS A N     1 
ATOM   190  C  CA    . HIS A 1 46  ? 17.936  -7.423  -9.209  1.00 42.54  ? 36   HIS A CA    1 
ATOM   191  C  C     . HIS A 1 46  ? 16.543  -6.924  -9.506  1.00 219.83 ? 36   HIS A C     1 
ATOM   192  O  O     . HIS A 1 46  ? 15.832  -7.478  -10.328 1.00 33.75  ? 36   HIS A O     1 
ATOM   193  C  CB    . HIS A 1 46  ? 18.779  -7.457  -10.478 1.00 42.51  ? 36   HIS A CB    1 
ATOM   194  N  N     . ILE A 1 47  ? 16.124  -5.871  -8.823  1.00 38.43  ? 37   ILE A N     1 
ATOM   195  C  CA    . ILE A 1 47  ? 14.771  -5.335  -8.997  1.00 16.56  ? 37   ILE A CA    1 
ATOM   196  C  C     . ILE A 1 47  ? 14.696  -4.437  -10.237 1.00 21.20  ? 37   ILE A C     1 
ATOM   197  O  O     . ILE A 1 47  ? 15.563  -3.614  -10.471 1.00 29.46  ? 37   ILE A O     1 
ATOM   198  C  CB    . ILE A 1 47  ? 14.287  -4.562  -7.749  1.00 43.78  ? 37   ILE A CB    1 
ATOM   199  C  CG1   . ILE A 1 47  ? 14.046  -5.545  -6.601  1.00 35.43  ? 37   ILE A CG1   1 
ATOM   200  C  CG2   . ILE A 1 47  ? 13.001  -3.813  -8.065  1.00 27.26  ? 37   ILE A CG2   1 
ATOM   201  C  CD1   . ILE A 1 47  ? 13.813  -4.909  -5.252  1.00 31.19  ? 37   ILE A CD1   1 
ATOM   202  N  N     . THR A 1 48  ? 13.633  -4.607  -11.016 1.00 29.96  ? 38   THR A N     1 
ATOM   203  C  CA    . THR A 1 48  ? 13.345  -3.742  -12.151 1.00 23.51  ? 38   THR A CA    1 
ATOM   204  C  C     . THR A 1 48  ? 11.869  -3.333  -12.139 1.00 27.60  ? 38   THR A C     1 
ATOM   205  O  O     . THR A 1 48  ? 11.054  -3.913  -11.396 1.00 23.01  ? 38   THR A O     1 
ATOM   206  C  CB    . THR A 1 48  ? 13.639  -4.468  -13.476 1.00 34.20  ? 38   THR A CB    1 
ATOM   207  O  OG1   . THR A 1 48  ? 12.782  -5.610  -13.567 1.00 22.72  ? 38   THR A OG1   1 
ATOM   208  C  CG2   . THR A 1 48  ? 15.108  -4.939  -13.523 1.00 27.08  ? 38   THR A CG2   1 
ATOM   209  N  N     . ALA A 1 49  ? 11.525  -2.358  -12.987 1.00 21.56  ? 39   ALA A N     1 
ATOM   210  C  CA    . ALA A 1 49  ? 10.174  -1.827  -13.047 1.00 24.42  ? 39   ALA A CA    1 
ATOM   211  C  C     . ALA A 1 49  ? 9.234   -2.993  -13.319 1.00 24.29  ? 39   ALA A C     1 
ATOM   212  O  O     . ALA A 1 49  ? 9.554   -3.872  -14.133 1.00 19.72  ? 39   ALA A O     1 
ATOM   213  C  CB    . ALA A 1 49  ? 10.057  -0.773  -14.145 1.00 26.28  ? 39   ALA A CB    1 
ATOM   214  N  N     . THR A 1 50  ? 8.096   -3.002  -12.631 1.00 21.68  ? 40   THR A N     1 
ATOM   215  C  CA    . THR A 1 50  ? 7.134   -4.098  -12.717 1.00 21.30  ? 40   THR A CA    1 
ATOM   216  C  C     . THR A 1 50  ? 6.179   -3.870  -13.886 1.00 23.11  ? 40   THR A C     1 
ATOM   217  O  O     . THR A 1 50  ? 5.432   -2.898  -13.904 1.00 20.62  ? 40   THR A O     1 
ATOM   218  C  CB    . THR A 1 50  ? 6.308   -4.240  -11.416 1.00 25.10  ? 40   THR A CB    1 
ATOM   219  O  OG1   . THR A 1 50  ? 7.196   -4.364  -10.281 1.00 17.56  ? 40   THR A OG1   1 
ATOM   220  C  CG2   . THR A 1 50  ? 5.403   -5.484  -11.483 1.00 18.98  ? 40   THR A CG2   1 
ATOM   221  N  N     . VAL A 1 51  ? 6.195   -4.791  -14.844 1.00 21.89  ? 41   VAL A N     1 
ATOM   222  C  CA    . VAL A 1 51  ? 5.366   -4.700  -16.032 1.00 18.12  ? 41   VAL A CA    1 
ATOM   223  C  C     . VAL A 1 51  ? 4.088   -5.466  -15.785 1.00 24.69  ? 41   VAL A C     1 
ATOM   224  O  O     . VAL A 1 51  ? 4.100   -6.680  -15.682 1.00 24.14  ? 41   VAL A O     1 
ATOM   225  C  CB    . VAL A 1 51  ? 6.142   -5.239  -17.258 1.00 19.04  ? 41   VAL A CB    1 
ATOM   226  C  CG1   . VAL A 1 51  ? 5.287   -5.264  -18.515 1.00 17.92  ? 41   VAL A CG1   1 
ATOM   227  C  CG2   . VAL A 1 51  ? 7.385   -4.384  -17.474 1.00 19.36  ? 41   VAL A CG2   1 
ATOM   228  N  N     . GLY A 1 52  ? 2.998   -4.721  -15.650 1.00 19.87  ? 42   GLY A N     1 
ATOM   229  C  CA    . GLY A 1 52  ? 1.697   -5.277  -15.367 1.00 31.01  ? 42   GLY A CA    1 
ATOM   230  C  C     . GLY A 1 52  ? 1.507   -5.453  -13.878 1.00 20.85  ? 42   GLY A C     1 
ATOM   231  O  O     . GLY A 1 52  ? 1.011   -4.553  -13.203 1.00 22.42  ? 42   GLY A O     1 
ATOM   232  N  N     . TYR A 1 53  ? 1.880   -6.634  -13.400 1.00 23.68  ? 43   TYR A N     1 
ATOM   233  C  CA    . TYR A 1 53  ? 1.890   -6.960  -11.984 1.00 17.54  ? 43   TYR A CA    1 
ATOM   234  C  C     . TYR A 1 53  ? 2.653   -8.237  -11.772 1.00 39.23  ? 43   TYR A C     1 
ATOM   235  O  O     . TYR A 1 53  ? 2.989   -8.941  -12.723 1.00 23.01  ? 43   TYR A O     1 
ATOM   236  C  CB    . TYR A 1 53  ? 0.470   -7.121  -11.435 1.00 22.16  ? 43   TYR A CB    1 
ATOM   237  C  CG    . TYR A 1 53  ? -0.269  -8.395  -11.820 1.00 21.32  ? 43   TYR A CG    1 
ATOM   238  C  CD1   . TYR A 1 53  ? -0.888  -8.526  -13.061 1.00 30.27  ? 43   TYR A CD1   1 
ATOM   239  C  CD2   . TYR A 1 53  ? -0.409  -9.436  -10.914 1.00 27.12  ? 43   TYR A CD2   1 
ATOM   240  C  CE1   . TYR A 1 53  ? -1.593  -9.671  -13.397 1.00 34.98  ? 43   TYR A CE1   1 
ATOM   241  C  CE2   . TYR A 1 53  ? -1.116  -10.585 -11.237 1.00 29.63  ? 43   TYR A CE2   1 
ATOM   242  C  CZ    . TYR A 1 53  ? -1.704  -10.710 -12.478 1.00 29.68  ? 43   TYR A CZ    1 
ATOM   243  O  OH    . TYR A 1 53  ? -2.413  -11.865 -12.777 1.00 19.13  ? 43   TYR A OH    1 
ATOM   244  N  N     . ASN A 1 54  ? 2.921   -8.514  -10.508 1.00 27.68  ? 44   ASN A N     1 
ATOM   245  C  CA    . ASN A 1 54  ? 3.530   -9.741  -10.076 1.00 27.65  ? 44   ASN A CA    1 
ATOM   246  C  C     . ASN A 1 54  ? 2.786   -10.204 -8.803  1.00 21.67  ? 44   ASN A C     1 
ATOM   247  O  O     . ASN A 1 54  ? 2.390   -9.377  -7.975  1.00 21.50  ? 44   ASN A O     1 
ATOM   248  C  CB    . ASN A 1 54  ? 5.025   -9.488  -9.828  1.00 35.31  ? 44   ASN A CB    1 
ATOM   249  C  CG    . ASN A 1 54  ? 5.803   -10.758 -9.553  1.00 63.12  ? 44   ASN A CG    1 
ATOM   250  O  OD1   . ASN A 1 54  ? 5.961   -11.612 -10.429 1.00 56.83  ? 44   ASN A OD1   1 
ATOM   251  N  ND2   . ASN A 1 54  ? 6.315   -10.880 -8.334  1.00 59.63  ? 44   ASN A ND2   1 
ATOM   252  N  N     . VAL A 1 55  ? 2.562   -11.509 -8.676  1.00 20.73  ? 45   VAL A N     1 
ATOM   253  C  CA    . VAL A 1 55  ? 1.956   -12.080 -7.469  1.00 21.65  ? 45   VAL A CA    1 
ATOM   254  C  C     . VAL A 1 55  ? 3.076   -12.615 -6.598  1.00 31.63  ? 45   VAL A C     1 
ATOM   255  O  O     . VAL A 1 55  ? 3.870   -13.436 -7.051  1.00 31.35  ? 45   VAL A O     1 
ATOM   256  C  CB    . VAL A 1 55  ? 0.991   -13.250 -7.748  1.00 34.83  ? 45   VAL A CB    1 
ATOM   257  C  CG1   . VAL A 1 55  ? 0.319   -13.699 -6.450  1.00 33.25  ? 45   VAL A CG1   1 
ATOM   258  C  CG2   . VAL A 1 55  ? -0.076  -12.853 -8.733  1.00 25.32  ? 45   VAL A CG2   1 
ATOM   259  N  N     . GLU A 1 56  ? 3.149   -12.132 -5.360  1.00 24.40  ? 46   GLU A N     1 
ATOM   260  C  CA    . GLU A 1 56  ? 4.101   -12.670 -4.375  1.00 28.11  ? 46   GLU A CA    1 
ATOM   261  C  C     . GLU A 1 56  ? 3.324   -13.476 -3.332  1.00 37.04  ? 46   GLU A C     1 
ATOM   262  O  O     . GLU A 1 56  ? 2.434   -12.948 -2.648  1.00 29.58  ? 46   GLU A O     1 
ATOM   263  C  CB    . GLU A 1 56  ? 4.897   -11.541 -3.707  1.00 28.02  ? 46   GLU A CB    1 
ATOM   264  C  CG    . GLU A 1 56  ? 5.670   -10.646 -4.672  1.00 29.43  ? 46   GLU A CG    1 
ATOM   265  C  CD    . GLU A 1 56  ? 6.960   -11.266 -5.207  1.00 49.99  ? 46   GLU A CD    1 
ATOM   266  O  OE1   . GLU A 1 56  ? 7.335   -12.387 -4.805  1.00 39.20  ? 46   GLU A OE1   1 
ATOM   267  O  OE2   . GLU A 1 56  ? 7.615   -10.616 -6.042  1.00 69.67  ? 46   GLU A OE2   1 
ATOM   268  N  N     . THR A 1 57  ? 3.629   -14.767 -3.265  1.00 29.26  ? 47   THR A N     1 
ATOM   269  C  CA    . THR A 1 57  ? 3.025   -15.670 -2.296  1.00 35.28  ? 47   THR A CA    1 
ATOM   270  C  C     . THR A 1 57  ? 4.147   -16.202 -1.422  1.00 40.77  ? 47   THR A C     1 
ATOM   271  O  O     . THR A 1 57  ? 5.091   -16.806 -1.916  1.00 23.57  ? 47   THR A O     1 
ATOM   272  C  CB    . THR A 1 57  ? 2.284   -16.848 -2.965  1.00 36.87  ? 47   THR A CB    1 
ATOM   273  O  OG1   . THR A 1 57  ? 3.128   -17.483 -3.940  1.00 27.80  ? 47   THR A OG1   1 
ATOM   274  C  CG2   . THR A 1 57  ? 1.026   -16.368 -3.634  1.00 29.91  ? 47   THR A CG2   1 
ATOM   275  N  N     . PHE A 1 58  ? 4.044   -15.976 -0.122  1.00 28.50  ? 48   PHE A N     1 
ATOM   276  C  CA    . PHE A 1 58  ? 5.104   -16.373 0.783   1.00 34.55  ? 48   PHE A CA    1 
ATOM   277  C  C     . PHE A 1 58  ? 4.601   -16.406 2.216   1.00 29.19  ? 48   PHE A C     1 
ATOM   278  O  O     . PHE A 1 58  ? 3.545   -15.842 2.548   1.00 30.99  ? 48   PHE A O     1 
ATOM   279  C  CB    . PHE A 1 58  ? 6.270   -15.384 0.667   1.00 30.52  ? 48   PHE A CB    1 
ATOM   280  C  CG    . PHE A 1 58  ? 5.879   -13.943 0.948   1.00 19.21  ? 48   PHE A CG    1 
ATOM   281  C  CD1   . PHE A 1 58  ? 5.344   -13.133 -0.066  1.00 23.85  ? 48   PHE A CD1   1 
ATOM   282  C  CD2   . PHE A 1 58  ? 5.995   -13.412 2.233   1.00 27.98  ? 48   PHE A CD2   1 
ATOM   283  C  CE1   . PHE A 1 58  ? 4.983   -11.827 0.199   1.00 22.91  ? 48   PHE A CE1   1 
ATOM   284  C  CE2   . PHE A 1 58  ? 5.628   -12.097 2.502   1.00 29.34  ? 48   PHE A CE2   1 
ATOM   285  C  CZ    . PHE A 1 58  ? 5.114   -11.308 1.490   1.00 28.09  ? 48   PHE A CZ    1 
ATOM   286  N  N     . GLU A 1 59  ? 5.364   -17.076 3.065   1.00 26.43  ? 49   GLU A N     1 
ATOM   287  C  CA    . GLU A 1 59  ? 5.107   -17.028 4.507   1.00 30.68  ? 49   GLU A CA    1 
ATOM   288  C  C     . GLU A 1 59  ? 5.957   -15.948 5.165   1.00 16.69  ? 49   GLU A C     1 
ATOM   289  O  O     . GLU A 1 59  ? 7.103   -15.696 4.758   1.00 27.60  ? 49   GLU A O     1 
ATOM   290  C  CB    . GLU A 1 59  ? 5.388   -18.385 5.144   1.00 39.70  ? 49   GLU A CB    1 
ATOM   291  C  CG    . GLU A 1 59  ? 4.370   -19.430 4.729   1.00 39.77  ? 49   GLU A CG    1 
ATOM   292  C  CD    . GLU A 1 59  ? 4.729   -20.820 5.184   1.00 92.86  ? 49   GLU A CD    1 
ATOM   293  O  OE1   . GLU A 1 59  ? 5.838   -21.006 5.724   1.00 55.28  ? 49   GLU A OE1   1 
ATOM   294  O  OE2   . GLU A 1 59  ? 3.896   -21.724 4.991   1.00 61.18  ? 49   GLU A OE2   1 
ATOM   295  N  N     . LYS A 1 60  ? 5.383   -15.334 6.194   1.00 25.46  ? 50   LYS A N     1 
ATOM   296  C  CA    . LYS A 1 60  ? 6.057   -14.324 6.992   1.00 32.69  ? 50   LYS A CA    1 
ATOM   297  C  C     . LYS A 1 60  ? 5.583   -14.589 8.397   1.00 27.98  ? 50   LYS A C     1 
ATOM   298  O  O     . LYS A 1 60  ? 4.401   -14.470 8.678   1.00 21.98  ? 50   LYS A O     1 
ATOM   299  C  CB    . LYS A 1 60  ? 5.667   -12.928 6.535   1.00 33.01  ? 50   LYS A CB    1 
ATOM   300  C  CG    . LYS A 1 60  ? 6.233   -11.773 7.365   1.00 30.39  ? 50   LYS A CG    1 
ATOM   301  C  CD    . LYS A 1 60  ? 5.673   -10.451 6.866   1.00 26.35  ? 50   LYS A CD    1 
ATOM   302  C  CE    . LYS A 1 60  ? 6.023   -9.269  7.746   1.00 29.28  ? 50   LYS A CE    1 
ATOM   303  N  NZ    . LYS A 1 60  ? 5.336   -9.412  9.066   1.00 23.04  ? 50   LYS A NZ    1 
ATOM   304  N  N     . GLY A 1 61  ? 6.488   -15.024 9.266   1.00 27.61  ? 51   GLY A N     1 
ATOM   305  C  CA    . GLY A 1 61  ? 6.068   -15.503 10.584  1.00 31.43  ? 51   GLY A CA    1 
ATOM   306  C  C     . GLY A 1 61  ? 5.057   -16.638 10.445  1.00 28.55  ? 51   GLY A C     1 
ATOM   307  O  O     . GLY A 1 61  ? 5.254   -17.561 9.657   1.00 25.91  ? 51   GLY A O     1 
ATOM   308  N  N     . ARG A 1 62  ? 3.958   -16.533 11.190  1.00 24.39  ? 52   ARG A N     1 
ATOM   309  C  CA    . ARG A 1 62  ? 2.868   -17.515 11.156  1.00 42.28  ? 52   ARG A CA    1 
ATOM   310  C  C     . ARG A 1 62  ? 1.785   -17.212 10.097  1.00 49.71  ? 52   ARG A C     1 
ATOM   311  O  O     . ARG A 1 62  ? 0.743   -17.849 10.100  1.00 33.44  ? 52   ARG A O     1 
ATOM   312  C  CB    . ARG A 1 62  ? 2.206   -17.579 12.542  1.00 26.94  ? 52   ARG A CB    1 
ATOM   313  N  N     . VAL A 1 63  ? 2.025   -16.256 9.201   1.00 44.61  ? 53   VAL A N     1 
ATOM   314  C  CA    . VAL A 1 63  ? 1.022   -15.837 8.213   1.00 39.62  ? 53   VAL A CA    1 
ATOM   315  C  C     . VAL A 1 63  ? 1.465   -16.171 6.784   1.00 32.05  ? 53   VAL A C     1 
ATOM   316  O  O     . VAL A 1 63  ? 2.638   -15.986 6.431   1.00 39.63  ? 53   VAL A O     1 
ATOM   317  C  CB    . VAL A 1 63  ? 0.760   -14.311 8.306   1.00 35.03  ? 53   VAL A CB    1 
ATOM   318  C  CG1   . VAL A 1 63  ? -0.358  -13.907 7.351   1.00 30.05  ? 53   VAL A CG1   1 
ATOM   319  C  CG2   . VAL A 1 63  ? 0.437   -13.906 9.747   1.00 30.99  ? 53   VAL A CG2   1 
ATOM   320  N  N     . ALA A 1 64  ? 0.525   -16.655 5.965   1.00 39.43  ? 54   ALA A N     1 
ATOM   321  C  CA    . ALA A 1 64  ? 0.751   -16.838 4.529   1.00 50.37  ? 54   ALA A CA    1 
ATOM   322  C  C     . ALA A 1 64  ? 0.142   -15.654 3.763   1.00 33.16  ? 54   ALA A C     1 
ATOM   323  O  O     . ALA A 1 64  ? -1.069  -15.406 3.833   1.00 32.59  ? 54   ALA A O     1 
ATOM   324  C  CB    . ALA A 1 64  ? 0.153   -18.151 4.050   1.00 21.10  ? 54   ALA A CB    1 
ATOM   325  N  N     . PHE A 1 65  ? 1.002   -14.923 3.060   1.00 33.32  ? 55   PHE A N     1 
ATOM   326  C  CA    . PHE A 1 65  ? 0.599   -13.738 2.316   1.00 26.33  ? 55   PHE A CA    1 
ATOM   327  C  C     . PHE A 1 65  ? 0.424   -14.047 0.853   1.00 29.04  ? 55   PHE A C     1 
ATOM   328  O  O     . PHE A 1 65  ? 1.212   -14.812 0.268   1.00 28.29  ? 55   PHE A O     1 
ATOM   329  C  CB    . PHE A 1 65  ? 1.657   -12.645 2.421   1.00 25.49  ? 55   PHE A CB    1 
ATOM   330  C  CG    . PHE A 1 65  ? 1.468   -11.723 3.580   1.00 41.30  ? 55   PHE A CG    1 
ATOM   331  C  CD1   . PHE A 1 65  ? 2.036   -12.012 4.809   1.00 42.26  ? 55   PHE A CD1   1 
ATOM   332  C  CD2   . PHE A 1 65  ? 0.749   -10.551 3.432   1.00 29.34  ? 55   PHE A CD2   1 
ATOM   333  C  CE1   . PHE A 1 65  ? 1.871   -11.155 5.876   1.00 26.85  ? 55   PHE A CE1   1 
ATOM   334  C  CE2   . PHE A 1 65  ? 0.582   -9.687  4.495   1.00 49.57  ? 55   PHE A CE2   1 
ATOM   335  C  CZ    . PHE A 1 65  ? 1.147   -9.989  5.717   1.00 29.52  ? 55   PHE A CZ    1 
ATOM   336  N  N     . THR A 1 66  ? -0.583  -13.414 0.256   1.00 29.48  ? 56   THR A N     1 
ATOM   337  C  CA    . THR A 1 66  ? -0.686  -13.293 -1.212  1.00 24.47  ? 56   THR A CA    1 
ATOM   338  C  C     . THR A 1 66  ? -0.781  -11.797 -1.542  1.00 19.46  ? 56   THR A C     1 
ATOM   339  O  O     . THR A 1 66  ? -1.738  -11.120 -1.166  1.00 21.33  ? 56   THR A O     1 
ATOM   340  C  CB    . THR A 1 66  ? -1.900  -14.046 -1.766  1.00 23.79  ? 56   THR A CB    1 
ATOM   341  O  OG1   . THR A 1 66  ? -1.785  -15.443 -1.451  1.00 26.65  ? 56   THR A OG1   1 
ATOM   342  C  CG2   . THR A 1 66  ? -2.005  -13.866 -3.303  1.00 24.83  ? 56   THR A CG2   1 
ATOM   343  N  N     . VAL A 1 67  ? 0.248   -11.292 -2.208  1.00 18.06  ? 57   VAL A N     1 
ATOM   344  C  CA    . VAL A 1 67  ? 0.377   -9.876  -2.483  1.00 24.79  ? 57   VAL A CA    1 
ATOM   345  C  C     . VAL A 1 67  ? 0.420   -9.672  -3.993  1.00 26.06  ? 57   VAL A C     1 
ATOM   346  O  O     . VAL A 1 67  ? 1.270   -10.232 -4.683  1.00 25.95  ? 57   VAL A O     1 
ATOM   347  C  CB    . VAL A 1 67  ? 1.667   -9.271  -1.888  1.00 28.55  ? 57   VAL A CB    1 
ATOM   348  C  CG1   . VAL A 1 67  ? 1.700   -7.767  -2.160  1.00 23.47  ? 57   VAL A CG1   1 
ATOM   349  C  CG2   . VAL A 1 67  ? 1.769   -9.557  -0.395  1.00 26.84  ? 57   VAL A CG2   1 
ATOM   350  N  N     . PHE A 1 68  ? -0.490  -8.840  -4.478  1.00 21.86  ? 58   PHE A N     1 
ATOM   351  C  CA    . PHE A 1 68  ? -0.485  -8.413  -5.862  1.00 22.46  ? 58   PHE A CA    1 
ATOM   352  C  C     . PHE A 1 68  ? 0.297   -7.116  -5.913  1.00 16.28  ? 58   PHE A C     1 
ATOM   353  O  O     . PHE A 1 68  ? -0.199  -6.059  -5.515  1.00 21.38  ? 58   PHE A O     1 
ATOM   354  C  CB    . PHE A 1 68  ? -1.925  -8.267  -6.365  1.00 18.66  ? 58   PHE A CB    1 
ATOM   355  C  CG    . PHE A 1 68  ? -2.692  -9.558  -6.314  1.00 27.93  ? 58   PHE A CG    1 
ATOM   356  C  CD1   . PHE A 1 68  ? -2.531  -10.516 -7.317  1.00 25.97  ? 58   PHE A CD1   1 
ATOM   357  C  CD2   . PHE A 1 68  ? -3.529  -9.845  -5.235  1.00 33.89  ? 58   PHE A CD2   1 
ATOM   358  C  CE1   . PHE A 1 68  ? -3.214  -11.722 -7.267  1.00 18.87  ? 58   PHE A CE1   1 
ATOM   359  C  CE2   . PHE A 1 68  ? -4.213  -11.051 -5.174  1.00 31.11  ? 58   PHE A CE2   1 
ATOM   360  C  CZ    . PHE A 1 68  ? -4.062  -11.991 -6.195  1.00 30.42  ? 58   PHE A CZ    1 
ATOM   361  N  N     . ASP A 1 69  ? 1.542   -7.226  -6.368  1.00 18.64  ? 59   ASP A N     1 
ATOM   362  C  CA    . ASP A 1 69  ? 2.455   -6.108  -6.489  1.00 31.47  ? 59   ASP A CA    1 
ATOM   363  C  C     . ASP A 1 69  ? 2.223   -5.525  -7.872  1.00 20.12  ? 59   ASP A C     1 
ATOM   364  O  O     . ASP A 1 69  ? 2.769   -6.006  -8.878  1.00 22.85  ? 59   ASP A O     1 
ATOM   365  C  CB    . ASP A 1 69  ? 3.899   -6.605  -6.320  1.00 17.16  ? 59   ASP A CB    1 
ATOM   366  C  CG    . ASP A 1 69  ? 4.938   -5.524  -6.556  1.00 16.30  ? 59   ASP A CG    1 
ATOM   367  O  OD1   . ASP A 1 69  ? 4.590   -4.324  -6.557  1.00 26.29  ? 59   ASP A OD1   1 
ATOM   368  O  OD2   . ASP A 1 69  ? 6.126   -5.895  -6.761  1.00 22.95  ? 59   ASP A OD2   1 
ATOM   369  N  N     . MET A 1 70  ? 1.387   -4.498  -7.917  1.00 23.30  ? 60   MET A N     1 
ATOM   370  C  CA    . MET A 1 70  ? 0.976   -3.894  -9.162  1.00 25.46  ? 60   MET A CA    1 
ATOM   371  C  C     . MET A 1 70  ? 2.094   -3.020  -9.776  1.00 22.42  ? 60   MET A C     1 
ATOM   372  O  O     . MET A 1 70  ? 2.837   -2.348  -9.073  1.00 21.61  ? 60   MET A O     1 
ATOM   373  C  CB    . MET A 1 70  ? -0.275  -3.048  -8.914  1.00 17.49  ? 60   MET A CB    1 
ATOM   374  C  CG    . MET A 1 70  ? -1.473  -3.770  -8.285  1.00 21.22  ? 60   MET A CG    1 
ATOM   375  S  SD    . MET A 1 70  ? -1.846  -5.353  -9.060  1.00 24.41  ? 60   MET A SD    1 
ATOM   376  C  CE    . MET A 1 70  ? -2.256  -4.791  -10.730 1.00 18.64  ? 60   MET A CE    1 
ATOM   377  N  N     . GLY A 1 71  ? 2.197   -3.023  -11.098 1.00 20.02  ? 61   GLY A N     1 
ATOM   378  C  CA    . GLY A 1 71  ? 2.949   -1.990  -11.806 1.00 13.51  ? 61   GLY A CA    1 
ATOM   379  C  C     . GLY A 1 71  ? 2.265   -0.651  -11.610 1.00 11.76  ? 61   GLY A C     1 
ATOM   380  O  O     . GLY A 1 71  ? 1.026   -0.571  -11.654 1.00 16.85  ? 61   GLY A O     1 
ATOM   381  N  N     . GLY A 1 72  ? 3.063   0.399   -11.375 1.00 14.50  ? 62   GLY A N     1 
ATOM   382  C  CA    . GLY A 1 72  ? 2.553   1.733   -11.071 1.00 29.42  ? 62   GLY A CA    1 
ATOM   383  C  C     . GLY A 1 72  ? 2.529   2.731   -12.224 1.00 19.47  ? 62   GLY A C     1 
ATOM   384  O  O     . GLY A 1 72  ? 1.948   3.797   -12.093 1.00 24.19  ? 62   GLY A O     1 
ATOM   385  N  N     . ALA A 1 73  ? 3.179   2.405   -13.332 1.00 20.44  ? 63   ALA A N     1 
ATOM   386  C  CA    . ALA A 1 73  ? 3.092   3.227   -14.556 1.00 22.52  ? 63   ALA A CA    1 
ATOM   387  C  C     . ALA A 1 73  ? 1.635   3.446   -14.975 1.00 18.86  ? 63   ALA A C     1 
ATOM   388  O  O     . ALA A 1 73  ? 0.782   2.572   -14.773 1.00 27.23  ? 63   ALA A O     1 
ATOM   389  C  CB    . ALA A 1 73  ? 3.873   2.575   -15.690 1.00 18.70  ? 63   ALA A CB    1 
ATOM   390  N  N     . LYS A 1 74  ? 1.360   4.609   -15.568 1.00 27.96  ? 64   LYS A N     1 
ATOM   391  C  CA    . LYS A 1 74  ? -0.003  5.012   -15.920 1.00 26.08  ? 64   LYS A CA    1 
ATOM   392  C  C     . LYS A 1 74  ? -0.729  3.912   -16.692 1.00 17.53  ? 64   LYS A C     1 
ATOM   393  O  O     . LYS A 1 74  ? -1.866  3.571   -16.372 1.00 21.97  ? 64   LYS A O     1 
ATOM   394  C  CB    . LYS A 1 74  ? -0.007  6.331   -16.721 1.00 24.78  ? 64   LYS A CB    1 
ATOM   395  N  N     . LYS A 1 75  ? -0.047  3.302   -17.649 1.00 22.74  ? 65   LYS A N     1 
ATOM   396  C  CA    . LYS A 1 75  ? -0.669  2.263   -18.462 1.00 25.25  ? 65   LYS A CA    1 
ATOM   397  C  C     . LYS A 1 75  ? -1.084  0.981   -17.727 1.00 28.04  ? 65   LYS A C     1 
ATOM   398  O  O     . LYS A 1 75  ? -1.880  0.222   -18.251 1.00 26.24  ? 65   LYS A O     1 
ATOM   399  C  CB    . LYS A 1 75  ? 0.219   1.908   -19.654 1.00 24.84  ? 65   LYS A CB    1 
ATOM   400  C  CG    . LYS A 1 75  ? 1.552   1.259   -19.357 1.00 34.28  ? 65   LYS A CG    1 
ATOM   401  C  CD    . LYS A 1 75  ? 2.065   0.591   -20.632 1.00 30.70  ? 65   LYS A CD    1 
ATOM   402  C  CE    . LYS A 1 75  ? 3.569   0.614   -20.743 1.00 42.50  ? 65   LYS A CE    1 
ATOM   403  N  NZ    . LYS A 1 75  ? 3.971   -0.025  -22.026 1.00 26.13  ? 65   LYS A NZ    1 
ATOM   404  N  N     . PHE A 1 76  ? -0.548  0.732   -16.534 1.00 25.33  ? 66   PHE A N     1 
ATOM   405  C  CA    . PHE A 1 76  ? -0.956  -0.431  -15.722 1.00 17.58  ? 66   PHE A CA    1 
ATOM   406  C  C     . PHE A 1 76  ? -2.004  -0.145  -14.657 1.00 27.37  ? 66   PHE A C     1 
ATOM   407  O  O     . PHE A 1 76  ? -2.560  -1.078  -14.073 1.00 20.04  ? 66   PHE A O     1 
ATOM   408  C  CB    . PHE A 1 76  ? 0.281   -1.080  -15.061 1.00 26.51  ? 66   PHE A CB    1 
ATOM   409  C  CG    . PHE A 1 76  ? 1.392   -1.358  -16.030 1.00 20.47  ? 66   PHE A CG    1 
ATOM   410  C  CD1   . PHE A 1 76  ? 1.146   -2.077  -17.192 1.00 19.96  ? 66   PHE A CD1   1 
ATOM   411  C  CD2   . PHE A 1 76  ? 2.669   -0.891  -15.805 1.00 19.09  ? 66   PHE A CD2   1 
ATOM   412  C  CE1   . PHE A 1 76  ? 2.166   -2.312  -18.100 1.00 16.05  ? 66   PHE A CE1   1 
ATOM   413  C  CE2   . PHE A 1 76  ? 3.696   -1.134  -16.702 1.00 30.02  ? 66   PHE A CE2   1 
ATOM   414  C  CZ    . PHE A 1 76  ? 3.441   -1.847  -17.860 1.00 30.04  ? 66   PHE A CZ    1 
ATOM   415  N  N     . ARG A 1 77  ? -2.307  1.125   -14.415 1.00 22.16  ? 67   ARG A N     1 
ATOM   416  C  CA    . ARG A 1 77  ? -3.193  1.475   -13.317 1.00 24.64  ? 67   ARG A CA    1 
ATOM   417  C  C     . ARG A 1 77  ? -4.614  0.982   -13.527 1.00 29.02  ? 67   ARG A C     1 
ATOM   418  O  O     . ARG A 1 77  ? -5.346  0.787   -12.552 1.00 25.96  ? 67   ARG A O     1 
ATOM   419  C  CB    . ARG A 1 77  ? -3.184  2.979   -13.035 1.00 22.78  ? 67   ARG A CB    1 
ATOM   420  C  CG    . ARG A 1 77  ? -1.869  3.447   -12.490 1.00 17.83  ? 67   ARG A CG    1 
ATOM   421  C  CD    . ARG A 1 77  ? -1.782  4.955   -12.280 1.00 26.99  ? 67   ARG A CD    1 
ATOM   422  N  NE    . ARG A 1 77  ? -0.372  5.352   -12.333 1.00 25.14  ? 67   ARG A NE    1 
ATOM   423  C  CZ    . ARG A 1 77  ? 0.089   6.545   -12.690 1.00 16.98  ? 67   ARG A CZ    1 
ATOM   424  N  NH1   . ARG A 1 77  ? -0.730  7.533   -13.027 1.00 28.65  ? 67   ARG A NH1   1 
ATOM   425  N  NH2   . ARG A 1 77  ? 1.395   6.739   -12.728 1.00 25.92  ? 67   ARG A NH2   1 
ATOM   426  N  N     . GLY A 1 78  ? -5.000  0.767   -14.783 1.00 30.45  ? 68   GLY A N     1 
ATOM   427  C  CA    . GLY A 1 78  ? -6.299  0.195   -15.097 1.00 33.40  ? 68   GLY A CA    1 
ATOM   428  C  C     . GLY A 1 78  ? -6.459  -1.235  -14.609 1.00 21.75  ? 68   GLY A C     1 
ATOM   429  O  O     . GLY A 1 78  ? -7.571  -1.672  -14.358 1.00 27.88  ? 68   GLY A O     1 
ATOM   430  N  N     . LEU A 1 79  ? -5.337  -1.940  -14.431 1.00 18.77  ? 69   LEU A N     1 
ATOM   431  C  CA    . LEU A 1 79  ? -5.330  -3.304  -13.931 1.00 15.56  ? 69   LEU A CA    1 
ATOM   432  C  C     . LEU A 1 79  ? -5.650  -3.385  -12.428 1.00 18.20  ? 69   LEU A C     1 
ATOM   433  O  O     . LEU A 1 79  ? -6.202  -4.385  -11.970 1.00 27.41  ? 69   LEU A O     1 
ATOM   434  C  CB    . LEU A 1 79  ? -3.963  -3.977  -14.176 1.00 21.88  ? 69   LEU A CB    1 
ATOM   435  C  CG    . LEU A 1 79  ? -3.413  -4.099  -15.597 1.00 36.74  ? 69   LEU A CG    1 
ATOM   436  C  CD1   . LEU A 1 79  ? -1.958  -4.569  -15.593 1.00 29.40  ? 69   LEU A CD1   1 
ATOM   437  C  CD2   . LEU A 1 79  ? -4.306  -5.031  -16.402 1.00 35.33  ? 69   LEU A CD2   1 
ATOM   438  N  N     . TRP A 1 80  ? -5.308  -2.348  -11.668 1.00 25.76  ? 70   TRP A N     1 
ATOM   439  C  CA    . TRP A 1 80  ? -5.346  -2.452  -10.200 1.00 26.51  ? 70   TRP A CA    1 
ATOM   440  C  C     . TRP A 1 80  ? -6.657  -2.952  -9.708  1.00 25.25  ? 70   TRP A C     1 
ATOM   441  O  O     . TRP A 1 80  ? -6.712  -3.809  -8.820  1.00 29.64  ? 70   TRP A O     1 
ATOM   442  C  CB    . TRP A 1 80  ? -5.089  -1.122  -9.527  1.00 23.67  ? 70   TRP A CB    1 
ATOM   443  C  CG    . TRP A 1 80  ? -3.724  -0.524  -9.753  1.00 21.22  ? 70   TRP A CG    1 
ATOM   444  C  CD1   . TRP A 1 80  ? -2.645  -1.071  -10.423 1.00 21.55  ? 70   TRP A CD1   1 
ATOM   445  C  CD2   . TRP A 1 80  ? -3.241  0.755   -9.235  1.00 16.53  ? 70   TRP A CD2   1 
ATOM   446  N  NE1   . TRP A 1 80  ? -1.565  -0.225  -10.389 1.00 25.40  ? 70   TRP A NE1   1 
ATOM   447  C  CE2   . TRP A 1 80  ? -1.855  0.884   -9.682  1.00 11.05  ? 70   TRP A CE2   1 
ATOM   448  C  CE3   . TRP A 1 80  ? -3.797  1.769   -8.463  1.00 24.11  ? 70   TRP A CE3   1 
ATOM   449  C  CZ2   . TRP A 1 80  ? -1.086  2.005   -9.380  1.00 21.78  ? 70   TRP A CZ2   1 
ATOM   450  C  CZ3   . TRP A 1 80  ? -3.007  2.891   -8.171  1.00 17.72  ? 70   TRP A CZ3   1 
ATOM   451  C  CH2   . TRP A 1 80  ? -1.688  2.998   -8.613  1.00 21.70  ? 70   TRP A CH2   1 
ATOM   452  N  N     . GLU A 1 81  ? -7.736  -2.426  -10.289 1.00 24.32  ? 71   GLU A N     1 
ATOM   453  C  CA    . GLU A 1 81  ? -9.083  -2.769  -9.836  1.00 28.94  ? 71   GLU A CA    1 
ATOM   454  C  C     . GLU A 1 81  ? -9.435  -4.243  -9.982  1.00 29.26  ? 71   GLU A C     1 
ATOM   455  O  O     . GLU A 1 81  ? -10.286 -4.731  -9.239  1.00 29.81  ? 71   GLU A O     1 
ATOM   456  C  CB    . GLU A 1 81  ? -10.150 -1.899  -10.509 1.00 32.00  ? 71   GLU A CB    1 
ATOM   457  C  CG    . GLU A 1 81  ? -10.266 -2.054  -12.020 1.00 31.30  ? 71   GLU A CG    1 
ATOM   458  C  CD    . GLU A 1 81  ? -11.460 -1.298  -12.589 1.00 52.90  ? 71   GLU A CD    1 
ATOM   459  O  OE1   . GLU A 1 81  ? -11.527 -0.064  -12.414 1.00 45.66  ? 71   GLU A OE1   1 
ATOM   460  O  OE2   . GLU A 1 81  ? -12.326 -1.938  -13.219 1.00 82.24  ? 71   GLU A OE2   1 
ATOM   461  N  N     . THR A 1 82  ? -8.781  -4.963  -10.900 1.00 27.00  ? 72   THR A N     1 
ATOM   462  C  CA    . THR A 1 82  ? -9.039  -6.395  -11.027 1.00 33.66  ? 72   THR A CA    1 
ATOM   463  C  C     . THR A 1 82  ? -8.705  -7.138  -9.726  1.00 28.37  ? 72   THR A C     1 
ATOM   464  O  O     . THR A 1 82  ? -9.324  -8.172  -9.418  1.00 24.32  ? 72   THR A O     1 
ATOM   465  C  CB    . THR A 1 82  ? -8.261  -7.039  -12.198 1.00 36.99  ? 72   THR A CB    1 
ATOM   466  O  OG1   . THR A 1 82  ? -8.693  -6.460  -13.416 1.00 32.62  ? 72   THR A OG1   1 
ATOM   467  C  CG2   . THR A 1 82  ? -8.528  -8.533  -12.285 1.00 25.88  ? 72   THR A CG2   1 
ATOM   468  N  N     . TYR A 1 83  ? -7.753  -6.601  -8.962  1.00 25.46  ? 73   TYR A N     1 
ATOM   469  C  CA    . TYR A 1 83  ? -7.241  -7.278  -7.763  1.00 24.64  ? 73   TYR A CA    1 
ATOM   470  C  C     . TYR A 1 83  ? -7.792  -6.734  -6.438  1.00 28.78  ? 73   TYR A C     1 
ATOM   471  O  O     . TYR A 1 83  ? -7.271  -7.066  -5.384  1.00 32.55  ? 73   TYR A O     1 
ATOM   472  C  CB    . TYR A 1 83  ? -5.694  -7.297  -7.816  1.00 38.51  ? 73   TYR A CB    1 
ATOM   473  C  CG    . TYR A 1 83  ? -5.293  -7.940  -9.117  1.00 36.07  ? 73   TYR A CG    1 
ATOM   474  C  CD1   . TYR A 1 83  ? -5.245  -9.322  -9.238  1.00 39.81  ? 73   TYR A CD1   1 
ATOM   475  C  CD2   . TYR A 1 83  ? -5.115  -7.172  -10.268 1.00 27.20  ? 73   TYR A CD2   1 
ATOM   476  C  CE1   . TYR A 1 83  ? -4.956  -9.924  -10.453 1.00 33.65  ? 73   TYR A CE1   1 
ATOM   477  C  CE2   . TYR A 1 83  ? -4.835  -7.771  -11.499 1.00 36.74  ? 73   TYR A CE2   1 
ATOM   478  C  CZ    . TYR A 1 83  ? -4.760  -9.149  -11.579 1.00 36.83  ? 73   TYR A CZ    1 
ATOM   479  O  OH    . TYR A 1 83  ? -4.504  -9.780  -12.776 1.00 34.91  ? 73   TYR A OH    1 
ATOM   480  N  N     . TYR A 1 84  ? -8.880  -5.963  -6.492  1.00 28.83  ? 74   TYR A N     1 
ATOM   481  C  CA    . TYR A 1 84  ? -9.528  -5.449  -5.263  1.00 21.77  ? 74   TYR A CA    1 
ATOM   482  C  C     . TYR A 1 84  ? -10.494 -6.431  -4.608  1.00 39.41  ? 74   TYR A C     1 
ATOM   483  O  O     . TYR A 1 84  ? -10.858 -6.261  -3.454  1.00 32.95  ? 74   TYR A O     1 
ATOM   484  C  CB    . TYR A 1 84  ? -10.281 -4.153  -5.540  1.00 24.40  ? 74   TYR A CB    1 
ATOM   485  C  CG    . TYR A 1 84  ? -9.443  -2.997  -6.000  1.00 23.17  ? 74   TYR A CG    1 
ATOM   486  C  CD1   . TYR A 1 84  ? -8.069  -2.971  -5.795  1.00 18.06  ? 74   TYR A CD1   1 
ATOM   487  C  CD2   . TYR A 1 84  ? -10.037 -1.888  -6.600  1.00 23.74  ? 74   TYR A CD2   1 
ATOM   488  C  CE1   . TYR A 1 84  ? -7.306  -1.891  -6.210  1.00 17.90  ? 74   TYR A CE1   1 
ATOM   489  C  CE2   . TYR A 1 84  ? -9.288  -0.805  -7.010  1.00 23.80  ? 74   TYR A CE2   1 
ATOM   490  C  CZ    . TYR A 1 84  ? -7.922  -0.811  -6.824  1.00 19.22  ? 74   TYR A CZ    1 
ATOM   491  O  OH    . TYR A 1 84  ? -7.160  0.258   -7.221  1.00 21.65  ? 74   TYR A OH    1 
ATOM   492  N  N     . ASP A 1 85  ? -10.900 -7.451  -5.356  1.00 28.02  ? 75   ASP A N     1 
ATOM   493  C  CA    . ASP A 1 85  ? -11.878 -8.444  -4.914  1.00 32.98  ? 75   ASP A CA    1 
ATOM   494  C  C     . ASP A 1 85  ? -11.392 -9.243  -3.704  1.00 32.17  ? 75   ASP A C     1 
ATOM   495  O  O     . ASP A 1 85  ? -10.309 -9.835  -3.747  1.00 34.01  ? 75   ASP A O     1 
ATOM   496  C  CB    . ASP A 1 85  ? -12.122 -9.413  -6.082  1.00 48.71  ? 75   ASP A CB    1 
ATOM   497  C  CG    . ASP A 1 85  ? -13.120 -10.478 -5.750  1.00 77.61  ? 75   ASP A CG    1 
ATOM   498  O  OD1   . ASP A 1 85  ? -14.330 -10.163 -5.736  1.00 94.61  ? 75   ASP A OD1   1 
ATOM   499  O  OD2   . ASP A 1 85  ? -12.695 -11.628 -5.509  1.00 161.19 ? 75   ASP A OD2   1 
ATOM   500  N  N     . ASN A 1 86  ? -12.193 -9.267  -2.638  1.00 35.74  ? 76   ASN A N     1 
ATOM   501  C  CA    . ASN A 1 86  ? -11.895 -10.053 -1.424  1.00 50.06  ? 76   ASN A CA    1 
ATOM   502  C  C     . ASN A 1 86  ? -10.574 -9.717  -0.718  1.00 25.44  ? 76   ASN A C     1 
ATOM   503  O  O     . ASN A 1 86  ? -10.016 -10.538 0.011   1.00 35.99  ? 76   ASN A O     1 
ATOM   504  C  CB    . ASN A 1 86  ? -11.949 -11.562 -1.740  1.00 41.95  ? 76   ASN A CB    1 
ATOM   505  C  CG    . ASN A 1 86  ? -13.366 -12.100 -1.795  1.00 42.46  ? 76   ASN A CG    1 
ATOM   506  O  OD1   . ASN A 1 86  ? -14.266 -11.596 -1.117  1.00 51.88  ? 76   ASN A OD1   1 
ATOM   507  N  ND2   . ASN A 1 86  ? -13.568 -13.139 -2.592  1.00 81.12  ? 76   ASN A ND2   1 
ATOM   508  N  N     . ILE A 1 87  ? -10.064 -8.515  -0.946  1.00 32.82  ? 77   ILE A N     1 
ATOM   509  C  CA    . ILE A 1 87  ? -8.760  -8.120  -0.425  1.00 39.86  ? 77   ILE A CA    1 
ATOM   510  C  C     . ILE A 1 87  ? -8.878  -7.777  1.070   1.00 36.67  ? 77   ILE A C     1 
ATOM   511  O  O     . ILE A 1 87  ? -9.871  -7.212  1.487   1.00 34.75  ? 77   ILE A O     1 
ATOM   512  C  CB    . ILE A 1 87  ? -8.202  -6.949  -1.279  1.00 41.87  ? 77   ILE A CB    1 
ATOM   513  C  CG1   . ILE A 1 87  ? -6.722  -7.162  -1.577  1.00 30.86  ? 77   ILE A CG1   1 
ATOM   514  C  CG2   . ILE A 1 87  ? -8.519  -5.593  -0.660  1.00 35.74  ? 77   ILE A CG2   1 
ATOM   515  C  CD1   . ILE A 1 87  ? -6.457  -8.267  -2.577  1.00 47.42  ? 77   ILE A CD1   1 
ATOM   516  N  N     . ASP A 1 88  ? -7.880  -8.147  1.878   1.00 38.61  ? 78   ASP A N     1 
ATOM   517  C  CA    . ASP A 1 88  ? -7.885  -7.841  3.318   1.00 34.18  ? 78   ASP A CA    1 
ATOM   518  C  C     . ASP A 1 88  ? -7.282  -6.482  3.645   1.00 41.17  ? 78   ASP A C     1 
ATOM   519  O  O     . ASP A 1 88  ? -7.542  -5.909  4.706   1.00 25.86  ? 78   ASP A O     1 
ATOM   520  C  CB    . ASP A 1 88  ? -7.113  -8.905  4.096   1.00 36.66  ? 78   ASP A CB    1 
ATOM   521  C  CG    . ASP A 1 88  ? -7.718  -10.268 3.937   1.00 64.93  ? 78   ASP A CG    1 
ATOM   522  O  OD1   . ASP A 1 88  ? -8.947  -10.398 4.105   1.00 37.42  ? 78   ASP A OD1   1 
ATOM   523  O  OD2   . ASP A 1 88  ? -6.970  -11.198 3.619   1.00 33.24  ? 78   ASP A OD2   1 
ATOM   524  N  N     . ALA A 1 89  ? -6.445  -5.980  2.750   1.00 25.89  ? 79   ALA A N     1 
ATOM   525  C  CA    . ALA A 1 89  ? -5.809  -4.691  2.980   1.00 22.36  ? 79   ALA A CA    1 
ATOM   526  C  C     . ALA A 1 89  ? -5.232  -4.134  1.696   1.00 24.67  ? 79   ALA A C     1 
ATOM   527  O  O     . ALA A 1 89  ? -4.880  -4.896  0.782   1.00 20.18  ? 79   ALA A O     1 
ATOM   528  C  CB    . ALA A 1 89  ? -4.722  -4.848  4.043   1.00 24.22  ? 79   ALA A CB    1 
ATOM   529  N  N     . VAL A 1 90  ? -5.140  -2.808  1.634   1.00 19.97  ? 80   VAL A N     1 
ATOM   530  C  CA    . VAL A 1 90  ? -4.414  -2.109  0.586   1.00 23.50  ? 80   VAL A CA    1 
ATOM   531  C  C     . VAL A 1 90  ? -3.125  -1.534  1.175   1.00 22.41  ? 80   VAL A C     1 
ATOM   532  O  O     . VAL A 1 90  ? -3.136  -0.926  2.253   1.00 21.16  ? 80   VAL A O     1 
ATOM   533  C  CB    . VAL A 1 90  ? -5.261  -0.969  -0.013  1.00 23.91  ? 80   VAL A CB    1 
ATOM   534  C  CG1   . VAL A 1 90  ? -4.412  -0.115  -0.939  1.00 20.02  ? 80   VAL A CG1   1 
ATOM   535  C  CG2   . VAL A 1 90  ? -6.485  -1.533  -0.736  1.00 18.82  ? 80   VAL A CG2   1 
ATOM   536  N  N     . ILE A 1 91  ? -2.018  -1.733  0.470   1.00 16.68  ? 81   ILE A N     1 
ATOM   537  C  CA    . ILE A 1 91  ? -0.782  -1.046  0.788   1.00 15.34  ? 81   ILE A CA    1 
ATOM   538  C  C     . ILE A 1 91  ? -0.573  -0.019  -0.312  1.00 20.22  ? 81   ILE A C     1 
ATOM   539  O  O     . ILE A 1 91  ? -0.507  -0.386  -1.476  1.00 19.80  ? 81   ILE A O     1 
ATOM   540  C  CB    . ILE A 1 91  ? 0.435   -1.993  0.820   1.00 19.77  ? 81   ILE A CB    1 
ATOM   541  C  CG1   . ILE A 1 91  ? 0.281   -3.082  1.891   1.00 23.39  ? 81   ILE A CG1   1 
ATOM   542  C  CG2   . ILE A 1 91  ? 1.716   -1.211  1.069   1.00 17.01  ? 81   ILE A CG2   1 
ATOM   543  C  CD1   . ILE A 1 91  ? 1.396   -4.116  1.848   1.00 18.32  ? 81   ILE A CD1   1 
ATOM   544  N  N     . PHE A 1 92  ? -0.472  1.252   0.065   1.00 17.54  ? 82   PHE A N     1 
ATOM   545  C  CA    . PHE A 1 92  ? -0.234  2.341   -0.898  1.00 13.66  ? 82   PHE A CA    1 
ATOM   546  C  C     . PHE A 1 92  ? 1.075   3.053   -0.609  1.00 16.80  ? 82   PHE A C     1 
ATOM   547  O  O     . PHE A 1 92  ? 1.225   3.685   0.432   1.00 22.15  ? 82   PHE A O     1 
ATOM   548  C  CB    . PHE A 1 92  ? -1.414  3.317   -0.910  1.00 17.87  ? 82   PHE A CB    1 
ATOM   549  C  CG    . PHE A 1 92  ? -1.487  4.144   -2.160  1.00 22.10  ? 82   PHE A CG    1 
ATOM   550  C  CD1   . PHE A 1 92  ? -0.578  5.168   -2.381  1.00 16.69  ? 82   PHE A CD1   1 
ATOM   551  C  CD2   . PHE A 1 92  ? -2.444  3.882   -3.124  1.00 27.49  ? 82   PHE A CD2   1 
ATOM   552  C  CE1   . PHE A 1 92  ? -0.618  5.914   -3.544  1.00 27.12  ? 82   PHE A CE1   1 
ATOM   553  C  CE2   . PHE A 1 92  ? -2.495  4.634   -4.278  1.00 22.94  ? 82   PHE A CE2   1 
ATOM   554  C  CZ    . PHE A 1 92  ? -1.585  5.644   -4.492  1.00 17.25  ? 82   PHE A CZ    1 
ATOM   555  N  N     . VAL A 1 93  ? 2.028   2.914   -1.538  1.00 15.62  ? 83   VAL A N     1 
ATOM   556  C  CA    . VAL A 1 93  ? 3.373   3.428   -1.400  1.00 13.11  ? 83   VAL A CA    1 
ATOM   557  C  C     . VAL A 1 93  ? 3.478   4.783   -2.126  1.00 23.47  ? 83   VAL A C     1 
ATOM   558  O  O     . VAL A 1 93  ? 3.140   4.910   -3.303  1.00 20.07  ? 83   VAL A O     1 
ATOM   559  C  CB    . VAL A 1 93  ? 4.411   2.411   -1.940  1.00 16.07  ? 83   VAL A CB    1 
ATOM   560  C  CG1   . VAL A 1 93  ? 5.845   2.909   -1.787  1.00 14.08  ? 83   VAL A CG1   1 
ATOM   561  C  CG2   . VAL A 1 93  ? 4.245   1.059   -1.279  1.00 20.24  ? 83   VAL A CG2   1 
ATOM   562  N  N     . VAL A 1 94  ? 3.886   5.807   -1.388  1.00 16.50  ? 84   VAL A N     1 
ATOM   563  C  CA    . VAL A 1 94  ? 4.139   7.148   -1.924  1.00 13.62  ? 84   VAL A CA    1 
ATOM   564  C  C     . VAL A 1 94  ? 5.650   7.418   -1.904  1.00 30.28  ? 84   VAL A C     1 
ATOM   565  O  O     . VAL A 1 94  ? 6.314   7.103   -0.920  1.00 19.19  ? 84   VAL A O     1 
ATOM   566  C  CB    . VAL A 1 94  ? 3.394   8.209   -1.058  1.00 25.11  ? 84   VAL A CB    1 
ATOM   567  C  CG1   . VAL A 1 94  ? 3.666   9.629   -1.562  1.00 17.04  ? 84   VAL A CG1   1 
ATOM   568  C  CG2   . VAL A 1 94  ? 1.903   7.903   -1.030  1.00 21.04  ? 84   VAL A CG2   1 
ATOM   569  N  N     . ASP A 1 95  ? 6.203   7.956   -2.995  1.00 20.35  ? 85   ASP A N     1 
ATOM   570  C  CA    . ASP A 1 95  ? 7.568   8.499   -2.983  1.00 23.76  ? 85   ASP A CA    1 
ATOM   571  C  C     . ASP A 1 95  ? 7.421   9.864   -2.324  1.00 22.22  ? 85   ASP A C     1 
ATOM   572  O  O     . ASP A 1 95  ? 6.911   10.797  -2.925  1.00 17.32  ? 85   ASP A O     1 
ATOM   573  C  CB    . ASP A 1 95  ? 8.136   8.626   -4.404  1.00 20.13  ? 85   ASP A CB    1 
ATOM   574  C  CG    . ASP A 1 95  ? 9.519   9.258   -4.452  1.00 29.08  ? 85   ASP A CG    1 
ATOM   575  O  OD1   . ASP A 1 95  ? 10.018  9.818   -3.456  1.00 25.26  ? 85   ASP A OD1   1 
ATOM   576  O  OD2   . ASP A 1 95  ? 10.125  9.187   -5.528  1.00 23.36  ? 85   ASP A OD2   1 
ATOM   577  N  N     . SER A 1 96  ? 7.836   9.965   -1.068  1.00 22.79  ? 86   SER A N     1 
ATOM   578  C  CA    . SER A 1 96  ? 7.685   11.215  -0.297  1.00 22.03  ? 86   SER A CA    1 
ATOM   579  C  C     . SER A 1 96  ? 8.532   12.380  -0.859  1.00 22.35  ? 86   SER A C     1 
ATOM   580  O  O     . SER A 1 96  ? 8.287   13.550  -0.539  1.00 23.67  ? 86   SER A O     1 
ATOM   581  C  CB    . SER A 1 96  ? 8.002   10.958  1.186   1.00 20.14  ? 86   SER A CB    1 
ATOM   582  O  OG    . SER A 1 96  ? 9.363   10.618  1.366   1.00 33.19  ? 86   SER A OG    1 
ATOM   583  N  N     . SER A 1 97  ? 9.507   12.056  -1.708  1.00 24.45  ? 87   SER A N     1 
ATOM   584  C  CA    . SER A 1 97  ? 10.381  13.055  -2.341  1.00 24.83  ? 87   SER A CA    1 
ATOM   585  C  C     . SER A 1 97  ? 9.891   13.525  -3.723  1.00 24.15  ? 87   SER A C     1 
ATOM   586  O  O     . SER A 1 97  ? 10.502  14.408  -4.321  1.00 29.45  ? 87   SER A O     1 
ATOM   587  C  CB    . SER A 1 97  ? 11.812  12.507  -2.480  1.00 40.11  ? 87   SER A CB    1 
ATOM   588  O  OG    . SER A 1 97  ? 11.935  11.611  -3.580  1.00 27.46  ? 87   SER A OG    1 
ATOM   589  N  N     . ASP A 1 98  ? 8.824   12.920  -4.242  1.00 24.27  ? 88   ASP A N     1 
ATOM   590  C  CA    . ASP A 1 98  ? 8.303   13.279  -5.572  1.00 29.08  ? 88   ASP A CA    1 
ATOM   591  C  C     . ASP A 1 98  ? 7.102   14.222  -5.418  1.00 28.49  ? 88   ASP A C     1 
ATOM   592  O  O     . ASP A 1 98  ? 5.949   13.801  -5.484  1.00 31.28  ? 88   ASP A O     1 
ATOM   593  C  CB    . ASP A 1 98  ? 7.934   12.022  -6.373  1.00 29.74  ? 88   ASP A CB    1 
ATOM   594  C  CG    . ASP A 1 98  ? 7.385   12.339  -7.785  1.00 32.88  ? 88   ASP A CG    1 
ATOM   595  O  OD1   . ASP A 1 98  ? 7.424   13.516  -8.200  1.00 26.47  ? 88   ASP A OD1   1 
ATOM   596  O  OD2   . ASP A 1 98  ? 6.906   11.405  -8.465  1.00 51.48  ? 88   ASP A OD2   1 
ATOM   597  N  N     . HIS A 1 99  ? 7.406   15.496  -5.205  1.00 23.75  ? 89   HIS A N     1 
ATOM   598  C  CA    . HIS A 1 99  ? 6.385   16.549  -4.987  1.00 24.51  ? 89   HIS A CA    1 
ATOM   599  C  C     . HIS A 1 99  ? 5.489   16.807  -6.190  1.00 25.21  ? 89   HIS A C     1 
ATOM   600  O  O     . HIS A 1 99  ? 4.294   17.075  -6.032  1.00 31.42  ? 89   HIS A O     1 
ATOM   601  C  CB    . HIS A 1 99  ? 7.072   17.845  -4.563  1.00 33.87  ? 89   HIS A CB    1 
ATOM   602  C  CG    . HIS A 1 99  ? 8.120   18.314  -5.539  1.00 201.90 ? 89   HIS A CG    1 
ATOM   603  N  ND1   . HIS A 1 99  ? 9.338   17.759  -5.605  1.00 63.30  ? 89   HIS A ND1   1 
ATOM   604  C  CD2   . HIS A 1 99  ? 8.080   19.293  -6.529  1.00 42.05  ? 89   HIS A CD2   1 
ATOM   605  C  CE1   . HIS A 1 99  ? 10.047  18.358  -6.573  1.00 24.49  ? 89   HIS A CE1   1 
ATOM   606  N  NE2   . HIS A 1 99  ? 9.277   19.298  -7.135  1.00 220.05 ? 89   HIS A NE2   1 
ATOM   607  N  N     . LEU A 1 100 ? 6.043   16.678  -7.396  1.00 29.43  ? 90   LEU A N     1 
ATOM   608  C  CA    . LEU A 1 100 ? 5.321   17.000  -8.642  1.00 27.39  ? 90   LEU A CA    1 
ATOM   609  C  C     . LEU A 1 100 ? 4.102   16.132  -8.899  1.00 21.56  ? 90   LEU A C     1 
ATOM   610  O  O     . LEU A 1 100 ? 3.177   16.564  -9.568  1.00 35.65  ? 90   LEU A O     1 
ATOM   611  C  CB    . LEU A 1 100 ? 6.251   16.892  -9.868  1.00 39.30  ? 90   LEU A CB    1 
ATOM   612  C  CG    . LEU A 1 100 ? 7.346   17.938  -10.111 1.00 59.36  ? 90   LEU A CG    1 
ATOM   613  C  CD1   . LEU A 1 100 ? 8.142   17.537  -11.344 1.00 34.26  ? 90   LEU A CD1   1 
ATOM   614  C  CD2   . LEU A 1 100 ? 6.789   19.348  -10.283 1.00 36.27  ? 90   LEU A CD2   1 
ATOM   615  N  N     . ARG A 1 101 ? 4.093   14.904  -8.380  1.00 22.39  ? 91   ARG A N     1 
ATOM   616  C  CA    . ARG A 1 101 ? 3.026   13.963  -8.711  1.00 30.21  ? 91   ARG A CA    1 
ATOM   617  C  C     . ARG A 1 101 ? 2.146   13.637  -7.529  1.00 23.18  ? 91   ARG A C     1 
ATOM   618  O  O     . ARG A 1 101 ? 1.335   12.708  -7.578  1.00 29.12  ? 91   ARG A O     1 
ATOM   619  C  CB    . ARG A 1 101 ? 3.616   12.688  -9.289  1.00 23.75  ? 91   ARG A CB    1 
ATOM   620  C  CG    . ARG A 1 101 ? 4.456   12.945  -10.524 1.00 28.62  ? 91   ARG A CG    1 
ATOM   621  C  CD    . ARG A 1 101 ? 4.545   11.684  -11.362 1.00 27.24  ? 91   ARG A CD    1 
ATOM   622  N  NE    . ARG A 1 101 ? 5.443   10.720  -10.739 1.00 27.69  ? 91   ARG A NE    1 
ATOM   623  C  CZ    . ARG A 1 101 ? 5.487   9.432   -11.046 1.00 21.93  ? 91   ARG A CZ    1 
ATOM   624  N  NH1   . ARG A 1 101 ? 4.656   8.924   -11.945 1.00 29.13  ? 91   ARG A NH1   1 
ATOM   625  N  NH2   . ARG A 1 101 ? 6.364   8.639   -10.438 1.00 26.41  ? 91   ARG A NH2   1 
ATOM   626  N  N     . LEU A 1 102 ? 2.283   14.416  -6.465  1.00 24.07  ? 92   LEU A N     1 
ATOM   627  C  CA    . LEU A 1 102 ? 1.406   14.249  -5.331  1.00 21.74  ? 92   LEU A CA    1 
ATOM   628  C  C     . LEU A 1 102 ? -0.057  14.462  -5.737  1.00 23.69  ? 92   LEU A C     1 
ATOM   629  O  O     . LEU A 1 102 ? -0.945  13.829  -5.164  1.00 26.28  ? 92   LEU A O     1 
ATOM   630  C  CB    . LEU A 1 102 ? 1.833   15.141  -4.152  1.00 22.93  ? 92   LEU A CB    1 
ATOM   631  C  CG    . LEU A 1 102 ? 3.054   14.677  -3.368  1.00 24.84  ? 92   LEU A CG    1 
ATOM   632  C  CD1   . LEU A 1 102 ? 3.414   15.691  -2.281  1.00 18.75  ? 92   LEU A CD1   1 
ATOM   633  C  CD2   . LEU A 1 102 ? 2.856   13.272  -2.767  1.00 23.03  ? 92   LEU A CD2   1 
ATOM   634  N  N     . CYS A 1 103 ? -0.317  15.300  -6.751  1.00 27.34  ? 93   CYS A N     1 
ATOM   635  C  CA    . CYS A 1 103 ? -1.683  15.446  -7.275  1.00 26.60  ? 93   CYS A CA    1 
ATOM   636  C  C     . CYS A 1 103 ? -2.180  14.167  -7.964  1.00 23.49  ? 93   CYS A C     1 
ATOM   637  O  O     . CYS A 1 103 ? -3.344  13.825  -7.885  1.00 26.18  ? 93   CYS A O     1 
ATOM   638  C  CB    . CYS A 1 103 ? -1.755  16.611  -8.257  1.00 54.28  ? 93   CYS A CB    1 
ATOM   639  S  SG    . CYS A 1 103 ? -0.544  16.465  -9.591  1.00 45.39  ? 93   CYS A SG    1 
ATOM   640  N  N     . VAL A 1 104 ? -1.276  13.459  -8.629  1.00 28.72  ? 94   VAL A N     1 
ATOM   641  C  CA    . VAL A 1 104 ? -1.619  12.184  -9.247  1.00 22.46  ? 94   VAL A CA    1 
ATOM   642  C  C     . VAL A 1 104 ? -1.869  11.108  -8.171  1.00 25.33  ? 94   VAL A C     1 
ATOM   643  O  O     . VAL A 1 104 ? -2.849  10.362  -8.231  1.00 25.34  ? 94   VAL A O     1 
ATOM   644  C  CB    . VAL A 1 104 ? -0.538  11.760  -10.256 1.00 33.16  ? 94   VAL A CB    1 
ATOM   645  C  CG1   . VAL A 1 104 ? -0.934  10.467  -10.954 1.00 18.52  ? 94   VAL A CG1   1 
ATOM   646  C  CG2   . VAL A 1 104 ? -0.336  12.868  -11.285 1.00 27.87  ? 94   VAL A CG2   1 
ATOM   647  N  N     . VAL A 1 105 ? -1.006  11.051  -7.162  1.00 16.40  ? 95   VAL A N     1 
ATOM   648  C  CA    . VAL A 1 105 ? -1.296  10.212  -5.985  1.00 21.32  ? 95   VAL A CA    1 
ATOM   649  C  C     . VAL A 1 105 ? -2.712  10.433  -5.425  1.00 17.53  ? 95   VAL A C     1 
ATOM   650  O  O     . VAL A 1 105 ? -3.473  9.474   -5.198  1.00 20.73  ? 95   VAL A O     1 
ATOM   651  C  CB    . VAL A 1 105 ? -0.254  10.428  -4.899  1.00 27.97  ? 95   VAL A CB    1 
ATOM   652  C  CG1   . VAL A 1 105 ? -0.628  9.618   -3.656  1.00 16.72  ? 95   VAL A CG1   1 
ATOM   653  C  CG2   . VAL A 1 105 ? 1.103   10.019  -5.450  1.00 13.91  ? 95   VAL A CG2   1 
ATOM   654  N  N     . LYS A 1 106 ? -3.090  11.690  -5.228  1.00 22.56  ? 96   LYS A N     1 
ATOM   655  C  CA    . LYS A 1 106 ? -4.441  11.997  -4.720  1.00 21.36  ? 96   LYS A CA    1 
ATOM   656  C  C     . LYS A 1 106 ? -5.552  11.491  -5.635  1.00 30.24  ? 96   LYS A C     1 
ATOM   657  O  O     . LYS A 1 106 ? -6.531  10.908  -5.176  1.00 18.99  ? 96   LYS A O     1 
ATOM   658  C  CB    . LYS A 1 106 ? -4.609  13.505  -4.505  1.00 22.00  ? 96   LYS A CB    1 
ATOM   659  C  CG    . LYS A 1 106 ? -5.939  13.894  -3.897  1.00 26.38  ? 96   LYS A CG    1 
ATOM   660  C  CD    . LYS A 1 106 ? -5.988  15.362  -3.492  1.00 47.12  ? 96   LYS A CD    1 
ATOM   661  C  CE    . LYS A 1 106 ? -7.300  15.680  -2.780  1.00 33.33  ? 96   LYS A CE    1 
ATOM   662  N  NZ    . LYS A 1 106 ? -7.332  17.072  -2.256  1.00 33.53  ? 96   LYS A NZ    1 
ATOM   663  N  N     . SER A 1 107 ? -5.416  11.693  -6.938  1.00 26.51  ? 97   SER A N     1 
ATOM   664  C  CA    . SER A 1 107 ? -6.522  11.312  -7.833  1.00 21.17  ? 97   SER A CA    1 
ATOM   665  C  C     . SER A 1 107 ? -6.653  9.800   -7.881  1.00 26.12  ? 97   SER A C     1 
ATOM   666  O  O     . SER A 1 107 ? -7.755  9.273   -7.963  1.00 23.88  ? 97   SER A O     1 
ATOM   667  C  CB    . SER A 1 107 ? -6.393  11.950  -9.230  1.00 27.96  ? 97   SER A CB    1 
ATOM   668  O  OG    . SER A 1 107 ? -5.046  12.057  -9.630  1.00 42.34  ? 97   SER A OG    1 
ATOM   669  N  N     . GLU A 1 108 ? -5.538  9.087   -7.752  1.00 23.54  ? 98   GLU A N     1 
ATOM   670  C  CA    . GLU A 1 108 ? -5.587  7.630   -7.800  1.00 27.87  ? 98   GLU A CA    1 
ATOM   671  C  C     . GLU A 1 108 ? -6.217  7.063   -6.528  1.00 22.10  ? 98   GLU A C     1 
ATOM   672  O  O     . GLU A 1 108 ? -7.068  6.177   -6.595  1.00 24.96  ? 98   GLU A O     1 
ATOM   673  C  CB    . GLU A 1 108 ? -4.199  7.061   -8.062  1.00 23.30  ? 98   GLU A CB    1 
ATOM   674  C  CG    . GLU A 1 108 ? -3.690  7.306   -9.477  1.00 48.70  ? 98   GLU A CG    1 
ATOM   675  C  CD    . GLU A 1 108 ? -4.510  6.600   -10.563 1.00 25.72  ? 98   GLU A CD    1 
ATOM   676  O  OE1   . GLU A 1 108 ? -5.133  5.556   -10.295 1.00 40.65  ? 98   GLU A OE1   1 
ATOM   677  O  OE2   . GLU A 1 108 ? -4.493  7.091   -11.701 1.00 39.15  ? 98   GLU A OE2   1 
ATOM   678  N  N     . ILE A 1 109 ? -5.856  7.625   -5.371  1.00 29.40  ? 99   ILE A N     1 
ATOM   679  C  CA    . ILE A 1 109 ? -6.494  7.245   -4.102  1.00 30.10  ? 99   ILE A CA    1 
ATOM   680  C  C     . ILE A 1 109 ? -8.015  7.500   -4.200  1.00 17.80  ? 99   ILE A C     1 
ATOM   681  O  O     . ILE A 1 109 ? -8.819  6.648   -3.838  1.00 24.30  ? 99   ILE A O     1 
ATOM   682  C  CB    . ILE A 1 109 ? -5.882  8.003   -2.890  1.00 20.20  ? 99   ILE A CB    1 
ATOM   683  C  CG1   . ILE A 1 109 ? -4.450  7.537   -2.614  1.00 17.20  ? 99   ILE A CG1   1 
ATOM   684  C  CG2   . ILE A 1 109 ? -6.700  7.762   -1.636  1.00 24.77  ? 99   ILE A CG2   1 
ATOM   685  C  CD1   . ILE A 1 109 ? -3.619  8.545   -1.829  1.00 21.52  ? 99   ILE A CD1   1 
ATOM   686  N  N     . GLN A 1 110 ? -8.393  8.671   -4.698  1.00 31.26  ? 100  GLN A N     1 
ATOM   687  C  CA    . GLN A 1 110 ? -9.807  8.994   -4.908  1.00 29.09  ? 100  GLN A CA    1 
ATOM   688  C  C     . GLN A 1 110 ? -10.509 7.984   -5.821  1.00 25.96  ? 100  GLN A C     1 
ATOM   689  O  O     . GLN A 1 110 ? -11.620 7.550   -5.525  1.00 28.48  ? 100  GLN A O     1 
ATOM   690  C  CB    . GLN A 1 110 ? -9.956  10.388  -5.512  1.00 31.16  ? 100  GLN A CB    1 
ATOM   691  C  CG    . GLN A 1 110 ? -9.766  11.516  -4.516  1.00 38.61  ? 100  GLN A CG    1 
ATOM   692  C  CD    . GLN A 1 110 ? -9.691  12.880  -5.179  1.00 95.84  ? 100  GLN A CD    1 
ATOM   693  O  OE1   . GLN A 1 110 ? -9.021  13.065  -6.195  1.00 35.49  ? 100  GLN A OE1   1 
ATOM   694  N  NE2   . GLN A 1 110 ? -10.380 13.844  -4.600  1.00 32.95  ? 100  GLN A NE2   1 
ATOM   695  N  N     . ALA A 1 111 ? -9.854  7.633   -6.931  1.00 26.07  ? 101  ALA A N     1 
ATOM   696  C  CA    . ALA A 1 111 ? -10.413 6.684   -7.912  1.00 30.02  ? 101  ALA A CA    1 
ATOM   697  C  C     . ALA A 1 111 ? -10.604 5.299   -7.299  1.00 33.52  ? 101  ALA A C     1 
ATOM   698  O  O     . ALA A 1 111 ? -11.614 4.649   -7.533  1.00 27.70  ? 101  ALA A O     1 
ATOM   699  C  CB    . ALA A 1 111 ? -9.514  6.599   -9.149  1.00 29.50  ? 101  ALA A CB    1 
ATOM   700  N  N     . MET A 1 112 ? -9.639  4.839   -6.507  1.00 30.16  ? 102  MET A N     1 
ATOM   701  C  CA    . MET A 1 112 ? -9.757  3.514   -5.940  1.00 20.26  ? 102  MET A CA    1 
ATOM   702  C  C     . MET A 1 112 ? -10.841 3.437   -4.862  1.00 21.77  ? 102  MET A C     1 
ATOM   703  O  O     . MET A 1 112 ? -11.559 2.435   -4.747  1.00 23.23  ? 102  MET A O     1 
ATOM   704  C  CB    . MET A 1 112 ? -8.382  2.942   -5.493  1.00 26.98  ? 102  MET A CB    1 
ATOM   705  C  CG    . MET A 1 112 ? -7.796  3.337   -4.161  1.00 35.18  ? 102  MET A CG    1 
ATOM   706  S  SD    . MET A 1 112 ? -6.124  2.605   -4.012  1.00 37.81  ? 102  MET A SD    1 
ATOM   707  C  CE    . MET A 1 112 ? -6.530  0.916   -3.657  1.00 25.01  ? 102  MET A CE    1 
ATOM   708  N  N     . LEU A 1 113 ? -11.023 4.513   -4.117  1.00 22.07  ? 103  LEU A N     1 
ATOM   709  C  CA    . LEU A 1 113 ? -12.003 4.488   -3.051  1.00 25.03  ? 103  LEU A CA    1 
ATOM   710  C  C     . LEU A 1 113 ? -13.424 4.375   -3.596  1.00 43.60  ? 103  LEU A C     1 
ATOM   711  O  O     . LEU A 1 113 ? -14.307 3.890   -2.898  1.00 27.60  ? 103  LEU A O     1 
ATOM   712  C  CB    . LEU A 1 113 ? -11.851 5.701   -2.148  1.00 31.25  ? 103  LEU A CB    1 
ATOM   713  C  CG    . LEU A 1 113 ? -10.657 5.638   -1.190  1.00 30.50  ? 103  LEU A CG    1 
ATOM   714  C  CD1   . LEU A 1 113 ? -10.364 7.052   -0.721  1.00 30.03  ? 103  LEU A CD1   1 
ATOM   715  C  CD2   . LEU A 1 113 ? -10.925 4.698   -0.019  1.00 20.43  ? 103  LEU A CD2   1 
ATOM   716  N  N     . LYS A 1 114 ? -13.630 4.790   -4.844  1.00 36.68  ? 104  LYS A N     1 
ATOM   717  C  CA    . LYS A 1 114 ? -14.956 4.726   -5.456  1.00 28.18  ? 104  LYS A CA    1 
ATOM   718  C  C     . LYS A 1 114 ? -15.334 3.329   -5.936  1.00 27.10  ? 104  LYS A C     1 
ATOM   719  O  O     . LYS A 1 114 ? -16.505 3.073   -6.202  1.00 28.38  ? 104  LYS A O     1 
ATOM   720  C  CB    . LYS A 1 114 ? -15.054 5.713   -6.622  1.00 33.75  ? 104  LYS A CB    1 
ATOM   721  C  CG    . LYS A 1 114 ? -15.084 7.169   -6.207  1.00 46.53  ? 104  LYS A CG    1 
ATOM   722  C  CD    . LYS A 1 114 ? -15.252 8.090   -7.412  1.00 68.21  ? 104  LYS A CD    1 
ATOM   723  C  CE    . LYS A 1 114 ? -15.440 9.543   -6.987  1.00 63.47  ? 104  LYS A CE    1 
ATOM   724  N  NZ    . LYS A 1 114 ? -16.077 10.376  -8.044  1.00 90.14  ? 104  LYS A NZ    1 
ATOM   725  N  N     . HIS A 1 115 ? -14.373 2.412   -6.009  1.00 31.67  ? 105  HIS A N     1 
ATOM   726  C  CA    A HIS A 1 115 ? -14.644 1.065   -6.504  0.50 38.37  ? 105  HIS A CA    1 
ATOM   727  C  CA    B HIS A 1 115 ? -14.651 1.059   -6.509  0.50 37.96  ? 105  HIS A CA    1 
ATOM   728  C  C     . HIS A 1 115 ? -15.408 0.234   -5.501  1.00 29.86  ? 105  HIS A C     1 
ATOM   729  O  O     . HIS A 1 115 ? -15.181 0.338   -4.284  1.00 32.30  ? 105  HIS A O     1 
ATOM   730  C  CB    A HIS A 1 115 ? -13.334 0.385   -6.880  0.50 18.33  ? 105  HIS A CB    1 
ATOM   731  C  CB    B HIS A 1 115 ? -13.363 0.340   -6.913  0.50 32.52  ? 105  HIS A CB    1 
ATOM   732  C  CG    A HIS A 1 115 ? -13.521 -0.912  -7.620  0.50 21.38  ? 105  HIS A CG    1 
ATOM   733  C  CG    B HIS A 1 115 ? -12.736 0.864   -8.189  0.50 14.31  ? 105  HIS A CG    1 
ATOM   734  N  ND1   A HIS A 1 115 ? -13.525 -0.984  -8.962  0.50 32.17  ? 105  HIS A ND1   1 
ATOM   735  N  ND1   B HIS A 1 115 ? -11.820 1.852   -8.193  0.50 64.42  ? 105  HIS A ND1   1 
ATOM   736  C  CD2   A HIS A 1 115 ? -13.717 -2.203  -7.155  0.50 20.06  ? 105  HIS A CD2   1 
ATOM   737  C  CD2   B HIS A 1 115 ? -12.906 0.485   -9.518  0.50 28.34  ? 105  HIS A CD2   1 
ATOM   738  C  CE1   A HIS A 1 115 ? -13.706 -2.260  -9.336  0.50 8.36   ? 105  HIS A CE1   1 
ATOM   739  C  CE1   B HIS A 1 115 ? -11.429 2.101   -9.457  0.50 12.40  ? 105  HIS A CE1   1 
ATOM   740  N  NE2   A HIS A 1 115 ? -13.823 -3.007  -8.230  0.50 30.76  ? 105  HIS A NE2   1 
ATOM   741  N  NE2   B HIS A 1 115 ? -12.087 1.265   -10.268 0.50 30.56  ? 105  HIS A NE2   1 
ATOM   742  N  N     . GLU A 1 116 ? -16.307 -0.622  -6.001  1.00 31.54  ? 106  GLU A N     1 
ATOM   743  C  CA    . GLU A 1 116 ? -17.237 -1.395  -5.157  1.00 32.45  ? 106  GLU A CA    1 
ATOM   744  C  C     . GLU A 1 116 ? -16.559 -2.300  -4.145  1.00 39.39  ? 106  GLU A C     1 
ATOM   745  O  O     . GLU A 1 116 ? -17.001 -2.410  -3.019  1.00 31.47  ? 106  GLU A O     1 
ATOM   746  C  CB    . GLU A 1 116 ? -18.197 -2.248  -6.023  1.00 38.55  ? 106  GLU A CB    1 
ATOM   747  N  N     . ASP A 1 117 ? -15.500 -2.969  -4.569  1.00 34.43  ? 107  ASP A N     1 
ATOM   748  C  CA    . ASP A 1 117 ? -14.783 -3.894  -3.716  1.00 40.17  ? 107  ASP A CA    1 
ATOM   749  C  C     . ASP A 1 117 ? -13.945 -3.211  -2.639  1.00 32.54  ? 107  ASP A C     1 
ATOM   750  O  O     . ASP A 1 117 ? -13.565 -3.862  -1.684  1.00 32.92  ? 107  ASP A O     1 
ATOM   751  C  CB    . ASP A 1 117 ? -13.877 -4.806  -4.544  1.00 40.07  ? 107  ASP A CB    1 
ATOM   752  C  CG    . ASP A 1 117 ? -14.647 -5.727  -5.463  1.00 81.64  ? 107  ASP A CG    1 
ATOM   753  O  OD1   . ASP A 1 117 ? -15.750 -6.192  -5.093  1.00 42.39  ? 107  ASP A OD1   1 
ATOM   754  O  OD2   . ASP A 1 117 ? -14.129 -6.000  -6.558  1.00 35.90  ? 107  ASP A OD2   1 
ATOM   755  N  N     . ILE A 1 118 ? -13.647 -1.923  -2.801  1.00 37.83  ? 108  ILE A N     1 
ATOM   756  C  CA    . ILE A 1 118 ? -12.951 -1.156  -1.773  1.00 31.65  ? 108  ILE A CA    1 
ATOM   757  C  C     . ILE A 1 118 ? -13.983 -0.553  -0.822  1.00 31.11  ? 108  ILE A C     1 
ATOM   758  O  O     . ILE A 1 118 ? -13.780 -0.539  0.380   1.00 25.34  ? 108  ILE A O     1 
ATOM   759  C  CB    . ILE A 1 118 ? -12.094 -0.028  -2.388  1.00 23.41  ? 108  ILE A CB    1 
ATOM   760  C  CG1   . ILE A 1 118 ? -11.042 -0.617  -3.315  1.00 25.12  ? 108  ILE A CG1   1 
ATOM   761  C  CG2   . ILE A 1 118 ? -11.401 0.794   -1.310  1.00 29.37  ? 108  ILE A CG2   1 
ATOM   762  C  CD1   . ILE A 1 118 ? -9.961  -1.389  -2.578  1.00 20.61  ? 108  ILE A CD1   1 
ATOM   763  N  N     . ARG A 1 119 ? -15.086 -0.066  -1.383  1.00 31.46  ? 109  ARG A N     1 
ATOM   764  C  CA    . ARG A 1 119 ? -16.224 0.458   -0.613  1.00 42.69  ? 109  ARG A CA    1 
ATOM   765  C  C     . ARG A 1 119 ? -16.921 -0.545  0.313   1.00 34.40  ? 109  ARG A C     1 
ATOM   766  O  O     . ARG A 1 119 ? -17.455 -0.159  1.351   1.00 37.55  ? 109  ARG A O     1 
ATOM   767  C  CB    . ARG A 1 119 ? -17.296 0.965   -1.564  1.00 34.93  ? 109  ARG A CB    1 
ATOM   768  C  CG    . ARG A 1 119 ? -17.099 2.351   -2.109  1.00 43.20  ? 109  ARG A CG    1 
ATOM   769  C  CD    . ARG A 1 119 ? -18.382 2.748   -2.817  1.00 33.71  ? 109  ARG A CD    1 
ATOM   770  N  NE    . ARG A 1 119 ? -18.334 4.077   -3.408  1.00 56.64  ? 109  ARG A NE    1 
ATOM   771  C  CZ    . ARG A 1 119 ? -18.513 5.214   -2.741  1.00 394.75 ? 109  ARG A CZ    1 
ATOM   772  N  NH1   . ARG A 1 119 ? -18.743 5.219   -1.430  1.00 73.45  ? 109  ARG A NH1   1 
ATOM   773  N  NH2   . ARG A 1 119 ? -18.453 6.360   -3.401  1.00 65.52  ? 109  ARG A NH2   1 
ATOM   774  N  N     . ARG A 1 120 ? -16.942 -1.818  -0.071  1.00 42.85  ? 110  ARG A N     1 
ATOM   775  C  CA    . ARG A 1 120 ? -17.804 -2.818  0.594   1.00 45.83  ? 110  ARG A CA    1 
ATOM   776  C  C     . ARG A 1 120 ? -17.591 -2.954  2.110   1.00 61.69  ? 110  ARG A C     1 
ATOM   777  O  O     . ARG A 1 120 ? -16.461 -2.899  2.587   1.00 47.20  ? 110  ARG A O     1 
ATOM   778  C  CB    . ARG A 1 120 ? -17.622 -4.204  -0.057  1.00 38.74  ? 110  ARG A CB    1 
ATOM   779  C  CG    . ARG A 1 120 ? -16.180 -4.695  -0.092  1.00 500.00 ? 110  ARG A CG    1 
ATOM   780  C  CD    . ARG A 1 120 ? -16.045 -6.189  0.172   1.00 51.41  ? 110  ARG A CD    1 
ATOM   781  N  NE    . ARG A 1 120 ? -14.729 -6.506  0.719   1.00 70.74  ? 110  ARG A NE    1 
ATOM   782  C  CZ    . ARG A 1 120 ? -13.605 -6.601  0.011   1.00 270.34 ? 110  ARG A CZ    1 
ATOM   783  N  NH1   . ARG A 1 120 ? -13.597 -6.416  -1.307  1.00 82.71  ? 110  ARG A NH1   1 
ATOM   784  N  NH2   . ARG A 1 120 ? -12.471 -6.886  0.631   1.00 37.33  ? 110  ARG A NH2   1 
ATOM   785  N  N     . GLU A 1 121 ? -18.687 -3.150  2.850   1.00 39.72  ? 111  GLU A N     1 
ATOM   786  C  CA    . GLU A 1 121 ? -18.625 -3.478  4.286   1.00 42.04  ? 111  GLU A CA    1 
ATOM   787  C  C     . GLU A 1 121 ? -18.054 -4.885  4.446   1.00 57.16  ? 111  GLU A C     1 
ATOM   788  O  O     . GLU A 1 121 ? -18.568 -5.838  3.864   1.00 59.92  ? 111  GLU A O     1 
ATOM   789  C  CB    . GLU A 1 121 ? -20.012 -3.383  4.949   1.00 36.72  ? 111  GLU A CB    1 
ATOM   790  N  N     . LEU A 1 122 ? -16.980 -5.015  5.219   1.00 44.58  ? 112  LEU A N     1 
ATOM   791  C  CA    . LEU A 1 122 ? -16.371 -6.320  5.441   1.00 22.83  ? 112  LEU A CA    1 
ATOM   792  C  C     . LEU A 1 122 ? -17.343 -7.235  6.197   1.00 500.00 ? 112  LEU A C     1 
ATOM   793  O  O     . LEU A 1 122 ? -18.225 -6.762  6.908   1.00 41.87  ? 112  LEU A O     1 
ATOM   794  C  CB    . LEU A 1 122 ? -15.030 -6.201  6.193   1.00 37.62  ? 112  LEU A CB    1 
ATOM   795  C  CG    . LEU A 1 122 ? -13.845 -5.560  5.458   1.00 41.74  ? 112  LEU A CG    1 
ATOM   796  C  CD1   . LEU A 1 122 ? -12.742 -5.198  6.447   1.00 36.14  ? 112  LEU A CD1   1 
ATOM   797  C  CD2   . LEU A 1 122 ? -13.314 -6.488  4.376   1.00 39.82  ? 112  LEU A CD2   1 
ATOM   798  N  N     . PRO A 1 123 ? -17.199 -8.555  6.030   1.00 48.40  ? 113  PRO A N     1 
ATOM   799  C  CA    . PRO A 1 123 ? -18.051 -9.519  6.723   1.00 65.09  ? 113  PRO A CA    1 
ATOM   800  C  C     . PRO A 1 123 ? -18.408 -9.152  8.173   1.00 50.08  ? 113  PRO A C     1 
ATOM   801  O  O     . PRO A 1 123 ? -19.547 -9.364  8.591   1.00 139.72 ? 113  PRO A O     1 
ATOM   802  C  CB    . PRO A 1 123 ? -17.209 -10.792 6.691   1.00 49.41  ? 113  PRO A CB    1 
ATOM   803  C  CG    . PRO A 1 123 ? -16.440 -10.692 5.412   1.00 97.13  ? 113  PRO A CG    1 
ATOM   804  C  CD    . PRO A 1 123 ? -16.247 -9.227  5.122   1.00 59.86  ? 113  PRO A CD    1 
ATOM   805  N  N     . GLY A 1 124 ? -17.449 -8.601  8.917   1.00 59.91  ? 114  GLY A N     1 
ATOM   806  C  CA    . GLY A 1 124 ? -17.667 -8.205  10.310  1.00 58.67  ? 114  GLY A CA    1 
ATOM   807  C  C     . GLY A 1 124 ? -18.060 -6.755  10.560  1.00 75.74  ? 114  GLY A C     1 
ATOM   808  O  O     . GLY A 1 124 ? -17.977 -6.291  11.696  1.00 57.48  ? 114  GLY A O     1 
ATOM   809  N  N     . GLY A 1 125 ? -18.490 -6.040  9.522   1.00 48.73  ? 115  GLY A N     1 
ATOM   810  C  CA    . GLY A 1 125 ? -18.909 -4.637  9.657   1.00 66.83  ? 115  GLY A CA    1 
ATOM   811  C  C     . GLY A 1 125 ? -17.818 -3.597  9.411   1.00 49.47  ? 115  GLY A C     1 
ATOM   812  O  O     . GLY A 1 125 ? -18.111 -2.407  9.322   1.00 56.25  ? 115  GLY A O     1 
ATOM   813  N  N     . GLY A 1 126 ? -16.565 -4.040  9.293   1.00 41.42  ? 116  GLY A N     1 
ATOM   814  C  CA    . GLY A 1 126 ? -15.429 -3.132  9.086   1.00 46.85  ? 116  GLY A CA    1 
ATOM   815  C  C     . GLY A 1 126 ? -15.280 -2.619  7.659   1.00 31.31  ? 116  GLY A C     1 
ATOM   816  O  O     . GLY A 1 126 ? -16.093 -2.912  6.781   1.00 34.25  ? 116  GLY A O     1 
ATOM   817  N  N     . ARG A 1 127 ? -14.236 -1.833  7.432   1.00 38.87  ? 117  ARG A N     1 
ATOM   818  C  CA    . ARG A 1 127 ? -13.963 -1.292  6.114   1.00 30.56  ? 117  ARG A CA    1 
ATOM   819  C  C     . ARG A 1 127 ? -12.535 -1.643  5.731   1.00 29.50  ? 117  ARG A C     1 
ATOM   820  O  O     . ARG A 1 127 ? -11.663 -1.754  6.604   1.00 25.82  ? 117  ARG A O     1 
ATOM   821  C  CB    . ARG A 1 127 ? -14.189 0.216   6.117   1.00 29.64  ? 117  ARG A CB    1 
ATOM   822  C  CG    . ARG A 1 127 ? -15.539 0.646   6.675   1.00 35.78  ? 117  ARG A CG    1 
ATOM   823  C  CD    . ARG A 1 127 ? -16.701 0.213   5.792   1.00 55.06  ? 117  ARG A CD    1 
ATOM   824  N  NE    . ARG A 1 127 ? -16.572 0.685   4.412   1.00 40.65  ? 117  ARG A NE    1 
ATOM   825  C  CZ    . ARG A 1 127 ? -16.859 1.920   3.993   1.00 155.36 ? 117  ARG A CZ    1 
ATOM   826  N  NH1   . ARG A 1 127 ? -17.299 2.846   4.832   1.00 39.90  ? 117  ARG A NH1   1 
ATOM   827  N  NH2   . ARG A 1 127 ? -16.706 2.236   2.716   1.00 38.43  ? 117  ARG A NH2   1 
ATOM   828  N  N     . VAL A 1 128 ? -12.284 -1.832  4.434   1.00 25.25  ? 118  VAL A N     1 
ATOM   829  C  CA    . VAL A 1 128 ? -10.944 -2.221  3.976   1.00 24.60  ? 118  VAL A CA    1 
ATOM   830  C  C     . VAL A 1 128 ? -9.882  -1.247  4.527   1.00 18.52  ? 118  VAL A C     1 
ATOM   831  O  O     . VAL A 1 128 ? -10.012 -0.034  4.342   1.00 23.09  ? 118  VAL A O     1 
ATOM   832  C  CB    . VAL A 1 128 ? -10.851 -2.248  2.433   1.00 37.42  ? 118  VAL A CB    1 
ATOM   833  C  CG1   . VAL A 1 128 ? -9.414  -2.433  1.989   1.00 28.44  ? 118  VAL A CG1   1 
ATOM   834  C  CG2   . VAL A 1 128 ? -11.733 -3.351  1.857   1.00 32.67  ? 118  VAL A CG2   1 
ATOM   835  N  N     . PRO A 1 129 ? -8.833  -1.771  5.194   1.00 17.13  ? 119  PRO A N     1 
ATOM   836  C  CA    . PRO A 1 129 ? -7.786  -0.906  5.748   1.00 26.45  ? 119  PRO A CA    1 
ATOM   837  C  C     . PRO A 1 129 ? -6.692  -0.553  4.759   1.00 27.02  ? 119  PRO A C     1 
ATOM   838  O  O     . PRO A 1 129 ? -6.401  -1.339  3.868   1.00 21.15  ? 119  PRO A O     1 
ATOM   839  C  CB    . PRO A 1 129 ? -7.202  -1.740  6.885   1.00 21.09  ? 119  PRO A CB    1 
ATOM   840  C  CG    . PRO A 1 129 ? -7.467  -3.153  6.518   1.00 22.23  ? 119  PRO A CG    1 
ATOM   841  C  CD    . PRO A 1 129 ? -8.706  -3.164  5.658   1.00 23.29  ? 119  PRO A CD    1 
ATOM   842  N  N     . PHE A 1 130 ? -6.088  0.621   4.943   1.00 22.28  ? 120  PHE A N     1 
ATOM   843  C  CA    . PHE A 1 130 ? -5.013  1.097   4.088   1.00 25.78  ? 120  PHE A CA    1 
ATOM   844  C  C     . PHE A 1 130 ? -3.726  1.332   4.905   1.00 13.46  ? 120  PHE A C     1 
ATOM   845  O  O     . PHE A 1 130 ? -3.721  2.123   5.859   1.00 20.88  ? 120  PHE A O     1 
ATOM   846  C  CB    . PHE A 1 130 ? -5.403  2.420   3.440   1.00 23.95  ? 120  PHE A CB    1 
ATOM   847  C  CG    . PHE A 1 130 ? -6.273  2.299   2.224   1.00 14.91  ? 120  PHE A CG    1 
ATOM   848  C  CD1   . PHE A 1 130 ? -7.570  1.802   2.319   1.00 18.68  ? 120  PHE A CD1   1 
ATOM   849  C  CD2   . PHE A 1 130 ? -5.820  2.744   0.991   1.00 26.52  ? 120  PHE A CD2   1 
ATOM   850  C  CE1   . PHE A 1 130 ? -8.381  1.721   1.203   1.00 28.07  ? 120  PHE A CE1   1 
ATOM   851  C  CE2   . PHE A 1 130 ? -6.628  2.667   -0.129  1.00 36.02  ? 120  PHE A CE2   1 
ATOM   852  C  CZ    . PHE A 1 130 ? -7.907  2.154   -0.021  1.00 22.66  ? 120  PHE A CZ    1 
ATOM   853  N  N     . LEU A 1 131 ? -2.655  0.674   4.497   1.00 22.10  ? 121  LEU A N     1 
ATOM   854  C  CA    . LEU A 1 131 ? -1.324  0.973   4.981   1.00 16.70  ? 121  LEU A CA    1 
ATOM   855  C  C     . LEU A 1 131 ? -0.629  1.898   4.005   1.00 20.21  ? 121  LEU A C     1 
ATOM   856  O  O     . LEU A 1 131 ? -0.302  1.498   2.899   1.00 17.25  ? 121  LEU A O     1 
ATOM   857  C  CB    . LEU A 1 131 ? -0.547  -0.323  5.148   1.00 21.25  ? 121  LEU A CB    1 
ATOM   858  C  CG    . LEU A 1 131 ? 0.934   -0.220  5.458   1.00 15.14  ? 121  LEU A CG    1 
ATOM   859  C  CD1   . LEU A 1 131 ? 1.190   0.649   6.683   1.00 20.39  ? 121  LEU A CD1   1 
ATOM   860  C  CD2   . LEU A 1 131 ? 1.497   -1.627  5.627   1.00 19.26  ? 121  LEU A CD2   1 
ATOM   861  N  N     . PHE A 1 132 ? -0.391  3.136   4.417   1.00 14.04  ? 122  PHE A N     1 
ATOM   862  C  CA    . PHE A 1 132 ? 0.424   4.074   3.618   1.00 11.82  ? 122  PHE A CA    1 
ATOM   863  C  C     . PHE A 1 132 ? 1.884   4.129   4.041   1.00 32.13  ? 122  PHE A C     1 
ATOM   864  O  O     . PHE A 1 132 ? 2.207   4.289   5.215   1.00 20.68  ? 122  PHE A O     1 
ATOM   865  C  CB    . PHE A 1 132 ? -0.151  5.482   3.671   1.00 14.87  ? 122  PHE A CB    1 
ATOM   866  C  CG    . PHE A 1 132 ? -1.473  5.627   2.968   1.00 22.69  ? 122  PHE A CG    1 
ATOM   867  C  CD1   . PHE A 1 132 ? -2.658  5.422   3.651   1.00 21.52  ? 122  PHE A CD1   1 
ATOM   868  C  CD2   . PHE A 1 132 ? -1.530  5.987   1.631   1.00 25.79  ? 122  PHE A CD2   1 
ATOM   869  C  CE1   . PHE A 1 132 ? -3.882  5.556   3.019   1.00 27.57  ? 122  PHE A CE1   1 
ATOM   870  C  CE2   . PHE A 1 132 ? -2.755  6.115   0.995   1.00 20.38  ? 122  PHE A CE2   1 
ATOM   871  C  CZ    . PHE A 1 132 ? -3.924  5.893   1.681   1.00 20.12  ? 122  PHE A CZ    1 
ATOM   872  N  N     . PHE A 1 133 ? 2.777   4.027   3.069   1.00 17.47  ? 123  PHE A N     1 
ATOM   873  C  CA    . PHE A 1 133 ? 4.180   4.308   3.316   1.00 13.41  ? 123  PHE A CA    1 
ATOM   874  C  C     . PHE A 1 133 ? 4.628   5.616   2.694   1.00 25.29  ? 123  PHE A C     1 
ATOM   875  O  O     . PHE A 1 133 ? 4.455   5.811   1.482   1.00 22.28  ? 123  PHE A O     1 
ATOM   876  C  CB    . PHE A 1 133 ? 5.050   3.176   2.795   1.00 15.82  ? 123  PHE A CB    1 
ATOM   877  C  CG    . PHE A 1 133 ? 5.036   1.951   3.657   1.00 27.18  ? 123  PHE A CG    1 
ATOM   878  C  CD1   . PHE A 1 133 ? 5.320   2.034   5.011   1.00 27.26  ? 123  PHE A CD1   1 
ATOM   879  C  CD2   . PHE A 1 133 ? 4.747   0.712   3.113   1.00 18.04  ? 123  PHE A CD2   1 
ATOM   880  C  CE1   . PHE A 1 133 ? 5.298   0.895   5.804   1.00 20.44  ? 123  PHE A CE1   1 
ATOM   881  C  CE2   . PHE A 1 133 ? 4.728   -0.429  3.899   1.00 20.52  ? 123  PHE A CE2   1 
ATOM   882  C  CZ    . PHE A 1 133 ? 5.026   -0.335  5.242   1.00 25.82  ? 123  PHE A CZ    1 
ATOM   883  N  N     . ALA A 1 134 ? 5.185   6.512   3.523   1.00 16.42  ? 124  ALA A N     1 
ATOM   884  C  CA    . ALA A 1 134 ? 5.841   7.716   3.032   1.00 18.81  ? 124  ALA A CA    1 
ATOM   885  C  C     . ALA A 1 134 ? 7.277   7.353   2.790   1.00 17.20  ? 124  ALA A C     1 
ATOM   886  O  O     . ALA A 1 134 ? 8.179   7.635   3.615   1.00 21.44  ? 124  ALA A O     1 
ATOM   887  C  CB    . ALA A 1 134 ? 5.735   8.862   4.032   1.00 18.25  ? 124  ALA A CB    1 
ATOM   888  N  N     . ASN A 1 135 ? 7.497   6.710   1.650   1.00 22.29  ? 125  ASN A N     1 
ATOM   889  C  CA    . ASN A 1 135 ? 8.792   6.115   1.322   1.00 16.16  ? 125  ASN A CA    1 
ATOM   890  C  C     . ASN A 1 135 ? 9.841   7.089   0.781   1.00 16.75  ? 125  ASN A C     1 
ATOM   891  O  O     . ASN A 1 135 ? 9.549   8.241   0.448   1.00 18.28  ? 125  ASN A O     1 
ATOM   892  C  CB    . ASN A 1 135 ? 8.538   4.978   0.334   1.00 23.45  ? 125  ASN A CB    1 
ATOM   893  C  CG    . ASN A 1 135 ? 9.666   3.994   0.257   1.00 32.73  ? 125  ASN A CG    1 
ATOM   894  O  OD1   . ASN A 1 135 ? 10.173  3.522   1.279   1.00 17.55  ? 125  ASN A OD1   1 
ATOM   895  N  ND2   . ASN A 1 135 ? 10.057  3.651   -0.975  1.00 20.23  ? 125  ASN A ND2   1 
ATOM   896  N  N     . LYS A 1 136 ? 11.076  6.602   0.717   1.00 20.18  ? 126  LYS A N     1 
ATOM   897  C  CA    . LYS A 1 136 ? 12.253  7.394   0.376   1.00 22.91  ? 126  LYS A CA    1 
ATOM   898  C  C     . LYS A 1 136 ? 12.455  8.511   1.391   1.00 31.68  ? 126  LYS A C     1 
ATOM   899  O  O     . LYS A 1 136 ? 12.808  9.631   1.037   1.00 23.44  ? 126  LYS A O     1 
ATOM   900  C  CB    . LYS A 1 136 ? 12.199  7.913   -1.079  1.00 23.00  ? 126  LYS A CB    1 
ATOM   901  C  CG    . LYS A 1 136 ? 11.756  6.853   -2.099  1.00 26.84  ? 126  LYS A CG    1 
ATOM   902  C  CD    . LYS A 1 136 ? 12.301  7.127   -3.510  1.00 22.15  ? 126  LYS A CD    1 
ATOM   903  C  CE    . LYS A 1 136 ? 11.821  6.072   -4.494  1.00 29.29  ? 126  LYS A CE    1 
ATOM   904  N  NZ    . LYS A 1 136 ? 12.312  6.232   -5.903  1.00 18.02  ? 126  LYS A NZ    1 
ATOM   905  N  N     . MET A 1 137 ? 12.268  8.176   2.666   1.00 23.60  ? 127  MET A N     1 
ATOM   906  C  CA    . MET A 1 137 ? 12.436  9.129   3.763   1.00 21.87  ? 127  MET A CA    1 
ATOM   907  C  C     . MET A 1 137 ? 13.873  9.655   3.800   1.00 30.75  ? 127  MET A C     1 
ATOM   908  O  O     . MET A 1 137 ? 14.130  10.761  4.265   1.00 26.88  ? 127  MET A O     1 
ATOM   909  C  CB    . MET A 1 137 ? 12.086  8.463   5.105   1.00 24.62  ? 127  MET A CB    1 
ATOM   910  C  CG    . MET A 1 137 ? 13.054  7.351   5.533   1.00 17.02  ? 127  MET A CG    1 
ATOM   911  S  SD    . MET A 1 137 ? 12.487  6.354   6.931   1.00 23.71  ? 127  MET A SD    1 
ATOM   912  C  CE    . MET A 1 137 ? 12.661  7.538   8.301   1.00 24.00  ? 127  MET A CE    1 
ATOM   913  N  N     . ASP A 1 138 ? 14.799  8.836   3.308   1.00 24.24  ? 128  ASP A N     1 
ATOM   914  C  CA    . ASP A 1 138 ? 16.196  9.210   3.150   1.00 21.00  ? 128  ASP A CA    1 
ATOM   915  C  C     . ASP A 1 138 ? 16.485  10.170  1.991   1.00 30.07  ? 128  ASP A C     1 
ATOM   916  O  O     . ASP A 1 138 ? 17.496  10.849  2.014   1.00 27.29  ? 128  ASP A O     1 
ATOM   917  C  CB    . ASP A 1 138 ? 17.060  7.950   2.976   1.00 24.46  ? 128  ASP A CB    1 
ATOM   918  C  CG    . ASP A 1 138 ? 16.734  7.177   1.693   1.00 38.10  ? 128  ASP A CG    1 
ATOM   919  O  OD1   . ASP A 1 138 ? 15.570  6.799   1.467   1.00 26.88  ? 128  ASP A OD1   1 
ATOM   920  O  OD2   . ASP A 1 138 ? 17.651  6.931   0.910   1.00 22.48  ? 128  ASP A OD2   1 
ATOM   921  N  N     . ALA A 1 139 ? 15.619  10.220  0.983   1.00 24.06  ? 129  ALA A N     1 
ATOM   922  C  CA    . ALA A 1 139 ? 15.908  11.018  -0.217  1.00 29.14  ? 129  ALA A CA    1 
ATOM   923  C  C     . ALA A 1 139 ? 15.927  12.506  0.087   1.00 36.49  ? 129  ALA A C     1 
ATOM   924  O  O     . ALA A 1 139 ? 15.235  12.974  0.993   1.00 35.83  ? 129  ALA A O     1 
ATOM   925  C  CB    . ALA A 1 139 ? 14.895  10.727  -1.318  1.00 38.71  ? 129  ALA A CB    1 
ATOM   926  N  N     . ALA A 1 140 ? 16.728  13.245  -0.677  1.00 40.26  ? 130  ALA A N     1 
ATOM   927  C  CA    . ALA A 1 140 ? 16.728  14.691  -0.590  1.00 35.66  ? 130  ALA A CA    1 
ATOM   928  C  C     . ALA A 1 140 ? 15.324  15.161  -0.935  1.00 26.20  ? 130  ALA A C     1 
ATOM   929  O  O     . ALA A 1 140 ? 14.703  14.692  -1.909  1.00 36.14  ? 130  ALA A O     1 
ATOM   930  C  CB    . ALA A 1 140 ? 17.762  15.296  -1.540  1.00 34.84  ? 130  ALA A CB    1 
ATOM   931  N  N     . GLY A 1 141 ? 14.792  16.049  -0.113  1.00 18.31  ? 131  GLY A N     1 
ATOM   932  C  CA    . GLY A 1 141 ? 13.431  16.565  -0.309  1.00 29.38  ? 131  GLY A CA    1 
ATOM   933  C  C     . GLY A 1 141 ? 12.273  15.714  0.188   1.00 35.88  ? 131  GLY A C     1 
ATOM   934  O  O     . GLY A 1 141 ? 11.114  16.044  -0.042  1.00 24.66  ? 131  GLY A O     1 
ATOM   935  N  N     . ALA A 1 142 ? 12.567  14.644  0.912   1.00 21.08  ? 132  ALA A N     1 
ATOM   936  C  CA    . ALA A 1 142 ? 11.505  13.784  1.454   1.00 23.91  ? 132  ALA A CA    1 
ATOM   937  C  C     . ALA A 1 142 ? 10.545  14.558  2.374   1.00 33.60  ? 132  ALA A C     1 
ATOM   938  O  O     . ALA A 1 142 ? 10.968  15.347  3.187   1.00 26.79  ? 132  ALA A O     1 
ATOM   939  C  CB    . ALA A 1 142 ? 12.128  12.609  2.198   1.00 22.01  ? 132  ALA A CB    1 
ATOM   940  N  N     . LYS A 1 143 ? 9.247   14.355  2.204   1.00 33.07  ? 133  LYS A N     1 
ATOM   941  C  CA    . LYS A 1 143 ? 8.252   14.876  3.134   1.00 26.88  ? 133  LYS A CA    1 
ATOM   942  C  C     . LYS A 1 143 ? 7.962   13.803  4.200   1.00 25.50  ? 133  LYS A C     1 
ATOM   943  O  O     . LYS A 1 143 ? 8.040   12.594  3.940   1.00 23.30  ? 133  LYS A O     1 
ATOM   944  C  CB    . LYS A 1 143 ? 6.960   15.240  2.381   1.00 27.43  ? 133  LYS A CB    1 
ATOM   945  C  CG    . LYS A 1 143 ? 7.180   16.262  1.261   1.00 29.41  ? 133  LYS A CG    1 
ATOM   946  C  CD    . LYS A 1 143 ? 5.898   16.758  0.614   1.00 53.59  ? 133  LYS A CD    1 
ATOM   947  C  CE    . LYS A 1 143 ? 6.178   17.853  -0.426  1.00 36.68  ? 133  LYS A CE    1 
ATOM   948  N  NZ    . LYS A 1 143 ? 6.892   19.033  0.154   1.00 61.91  ? 133  LYS A NZ    1 
ATOM   949  N  N     . THR A 1 144 ? 7.633   14.246  5.401   1.00 19.13  ? 134  THR A N     1 
ATOM   950  C  CA    . THR A 1 144 ? 7.232   13.337  6.479   1.00 18.49  ? 134  THR A CA    1 
ATOM   951  C  C     . THR A 1 144 ? 5.817   12.827  6.265   1.00 22.17  ? 134  THR A C     1 
ATOM   952  O  O     . THR A 1 144 ? 5.060   13.370  5.452   1.00 18.89  ? 134  THR A O     1 
ATOM   953  C  CB    . THR A 1 144 ? 7.266   14.042  7.852   1.00 49.37  ? 134  THR A CB    1 
ATOM   954  O  OG1   . THR A 1 144 ? 6.349   15.142  7.842   1.00 20.86  ? 134  THR A OG1   1 
ATOM   955  C  CG2   . THR A 1 144 ? 8.654   14.558  8.165   1.00 22.87  ? 134  THR A CG2   1 
ATOM   956  N  N     . ALA A 1 145 ? 5.471   11.773  7.000   1.00 17.66  ? 135  ALA A N     1 
ATOM   957  C  CA    . ALA A 1 145 ? 4.124   11.231  7.002   1.00 16.94  ? 135  ALA A CA    1 
ATOM   958  C  C     . ALA A 1 145 ? 3.055   12.317  7.259   1.00 22.53  ? 135  ALA A C     1 
ATOM   959  O  O     . ALA A 1 145 ? 2.022   12.374  6.563   1.00 17.75  ? 135  ALA A O     1 
ATOM   960  C  CB    . ALA A 1 145 ? 4.036   10.114  8.038   1.00 16.74  ? 135  ALA A CB    1 
ATOM   961  N  N     . ALA A 1 146 ? 3.314   13.178  8.250   1.00 16.65  ? 136  ALA A N     1 
ATOM   962  C  CA    . ALA A 1 146 ? 2.390   14.261  8.618   1.00 21.83  ? 136  ALA A CA    1 
ATOM   963  C  C     . ALA A 1 146 ? 2.228   15.222  7.460   1.00 21.37  ? 136  ALA A C     1 
ATOM   964  O  O     . ALA A 1 146 ? 1.123   15.587  7.117   1.00 20.62  ? 136  ALA A O     1 
ATOM   965  C  CB    . ALA A 1 146 ? 2.887   15.027  9.834   1.00 16.10  ? 136  ALA A CB    1 
ATOM   966  N  N     . GLU A 1 147 ? 3.337   15.641  6.869   1.00 19.34  ? 137  GLU A N     1 
ATOM   967  C  CA    . GLU A 1 147 ? 3.250   16.550  5.719   1.00 24.13  ? 137  GLU A CA    1 
ATOM   968  C  C     . GLU A 1 147 ? 2.428   15.941  4.569   1.00 29.75  ? 137  GLU A C     1 
ATOM   969  O  O     . GLU A 1 147 ? 1.579   16.617  3.972   1.00 24.68  ? 137  GLU A O     1 
ATOM   970  C  CB    . GLU A 1 147 ? 4.643   16.971  5.265   1.00 23.52  ? 137  GLU A CB    1 
ATOM   971  C  CG    . GLU A 1 147 ? 5.334   17.866  6.277   1.00 27.00  ? 137  GLU A CG    1 
ATOM   972  C  CD    . GLU A 1 147 ? 6.724   18.286  5.841   1.00 37.53  ? 137  GLU A CD    1 
ATOM   973  O  OE1   . GLU A 1 147 ? 7.624   17.422  5.760   1.00 30.36  ? 137  GLU A OE1   1 
ATOM   974  O  OE2   . GLU A 1 147 ? 6.915   19.490  5.593   1.00 118.02 ? 137  GLU A OE2   1 
ATOM   975  N  N     . LEU A 1 148 ? 2.632   14.657  4.292   1.00 20.86  ? 138  LEU A N     1 
ATOM   976  C  CA    . LEU A 1 148 ? 1.873   14.004  3.213   1.00 18.14  ? 138  LEU A CA    1 
ATOM   977  C  C     . LEU A 1 148 ? 0.386   13.934  3.515   1.00 36.13  ? 138  LEU A C     1 
ATOM   978  O  O     . LEU A 1 148 ? -0.425  14.100  2.612   1.00 18.24  ? 138  LEU A O     1 
ATOM   979  C  CB    . LEU A 1 148 ? 2.411   12.613  2.902   1.00 20.82  ? 138  LEU A CB    1 
ATOM   980  C  CG    . LEU A 1 148 ? 3.785   12.520  2.241   1.00 26.66  ? 138  LEU A CG    1 
ATOM   981  C  CD1   . LEU A 1 148 ? 4.094   11.045  2.001   1.00 24.30  ? 138  LEU A CD1   1 
ATOM   982  C  CD2   . LEU A 1 148 ? 3.850   13.311  0.938   1.00 21.90  ? 138  LEU A CD2   1 
ATOM   983  N  N     . VAL A 1 149 ? 0.023   13.681  4.768   1.00 24.46  ? 139  VAL A N     1 
ATOM   984  C  CA    . VAL A 1 149 ? -1.388  13.649  5.162   1.00 21.28  ? 139  VAL A CA    1 
ATOM   985  C  C     . VAL A 1 149 ? -2.099  14.994  4.874   1.00 22.52  ? 139  VAL A C     1 
ATOM   986  O  O     . VAL A 1 149 ? -3.248  15.028  4.349   1.00 19.92  ? 139  VAL A O     1 
ATOM   987  C  CB    . VAL A 1 149 ? -1.549  13.250  6.654   1.00 19.83  ? 139  VAL A CB    1 
ATOM   988  C  CG1   . VAL A 1 149 ? -2.936  13.616  7.149   1.00 16.69  ? 139  VAL A CG1   1 
ATOM   989  C  CG2   . VAL A 1 149 ? -1.270  11.752  6.849   1.00 18.96  ? 139  VAL A CG2   1 
ATOM   990  N  N     . GLU A 1 150 ? -1.427  16.077  5.242   1.00 20.30  ? 140  GLU A N     1 
ATOM   991  C  CA    . GLU A 1 150 ? -1.937  17.436  5.038   1.00 27.08  ? 140  GLU A CA    1 
ATOM   992  C  C     . GLU A 1 150 ? -2.003  17.809  3.541   1.00 28.67  ? 140  GLU A C     1 
ATOM   993  O  O     . GLU A 1 150 ? -2.980  18.402  3.098   1.00 28.04  ? 140  GLU A O     1 
ATOM   994  C  CB    . GLU A 1 150 ? -1.060  18.433  5.776   1.00 21.29  ? 140  GLU A CB    1 
ATOM   995  C  CG    . GLU A 1 150 ? -1.630  19.843  5.901   1.00 44.35  ? 140  GLU A CG    1 
ATOM   996  C  CD    . GLU A 1 150 ? -2.778  19.957  6.895   1.00 32.60  ? 140  GLU A CD    1 
ATOM   997  O  OE1   . GLU A 1 150 ? -2.858  19.140  7.829   1.00 39.19  ? 140  GLU A OE1   1 
ATOM   998  O  OE2   . GLU A 1 150 ? -3.615  20.866  6.737   1.00 37.00  ? 140  GLU A OE2   1 
ATOM   999  N  N     . ILE A 1 151 ? -0.964  17.467  2.779   1.00 24.27  ? 141  ILE A N     1 
ATOM   1000 C  CA    . ILE A 1 151 ? -0.940  17.753  1.341   1.00 17.75  ? 141  ILE A CA    1 
ATOM   1001 C  C     . ILE A 1 151 ? -2.016  16.981  0.583   1.00 23.78  ? 141  ILE A C     1 
ATOM   1002 O  O     . ILE A 1 151 ? -2.689  17.548  -0.260  1.00 29.98  ? 141  ILE A O     1 
ATOM   1003 C  CB    . ILE A 1 151 ? 0.406   17.450  0.674   1.00 30.98  ? 141  ILE A CB    1 
ATOM   1004 C  CG1   . ILE A 1 151 ? 1.478   18.391  1.198   1.00 35.95  ? 141  ILE A CG1   1 
ATOM   1005 C  CG2   . ILE A 1 151 ? 0.295   17.639  -0.841  1.00 36.57  ? 141  ILE A CG2   1 
ATOM   1006 C  CD1   . ILE A 1 151 ? 2.869   18.043  0.730   1.00 22.45  ? 141  ILE A CD1   1 
ATOM   1007 N  N     . LEU A 1 152 ? -2.173  15.699  0.881   1.00 19.81  ? 142  LEU A N     1 
ATOM   1008 C  CA    . LEU A 1 152 ? -3.165  14.859  0.193   1.00 26.06  ? 142  LEU A CA    1 
ATOM   1009 C  C     . LEU A 1 152 ? -4.559  14.986  0.772   1.00 32.21  ? 142  LEU A C     1 
ATOM   1010 O  O     . LEU A 1 152 ? -5.494  14.422  0.216   1.00 30.90  ? 142  LEU A O     1 
ATOM   1011 C  CB    . LEU A 1 152 ? -2.744  13.379  0.220   1.00 17.75  ? 142  LEU A CB    1 
ATOM   1012 C  CG    . LEU A 1 152 ? -1.411  12.981  -0.393  1.00 24.78  ? 142  LEU A CG    1 
ATOM   1013 C  CD1   . LEU A 1 152 ? -1.039  11.549  -0.030  1.00 21.27  ? 142  LEU A CD1   1 
ATOM   1014 C  CD2   . LEU A 1 152 ? -1.450  13.156  -1.907  1.00 17.43  ? 142  LEU A CD2   1 
ATOM   1015 N  N     . ASP A 1 153 ? -4.706  15.728  1.871   1.00 23.85  ? 143  ASP A N     1 
ATOM   1016 C  CA    . ASP A 1 153 ? -5.949  15.742  2.660   1.00 21.03  ? 143  ASP A CA    1 
ATOM   1017 C  C     . ASP A 1 153 ? -6.437  14.305  2.928   1.00 19.65  ? 143  ASP A C     1 
ATOM   1018 O  O     . ASP A 1 153 ? -7.612  13.962  2.709   1.00 25.29  ? 143  ASP A O     1 
ATOM   1019 C  CB    . ASP A 1 153 ? -7.043  16.591  1.976   1.00 33.78  ? 143  ASP A CB    1 
ATOM   1020 C  CG    . ASP A 1 153 ? -8.229  16.893  2.900   1.00 62.45  ? 143  ASP A CG    1 
ATOM   1021 O  OD1   . ASP A 1 153 ? -8.049  16.960  4.140   1.00 66.50  ? 143  ASP A OD1   1 
ATOM   1022 O  OD2   . ASP A 1 153 ? -9.349  17.068  2.379   1.00 90.78  ? 143  ASP A OD2   1 
ATOM   1023 N  N     . LEU A 1 154 ? -5.523  13.473  3.412   1.00 22.19  ? 144  LEU A N     1 
ATOM   1024 C  CA    . LEU A 1 154 ? -5.729  12.041  3.406   1.00 26.00  ? 144  LEU A CA    1 
ATOM   1025 C  C     . LEU A 1 154 ? -6.845  11.613  4.320   1.00 21.57  ? 144  LEU A C     1 
ATOM   1026 O  O     . LEU A 1 154 ? -7.554  10.646  4.028   1.00 20.45  ? 144  LEU A O     1 
ATOM   1027 C  CB    . LEU A 1 154 ? -4.436  11.335  3.790   1.00 19.90  ? 144  LEU A CB    1 
ATOM   1028 C  CG    . LEU A 1 154 ? -4.283  9.853   3.499   1.00 25.85  ? 144  LEU A CG    1 
ATOM   1029 C  CD1   . LEU A 1 154 ? -4.684  9.563   2.070   1.00 26.14  ? 144  LEU A CD1   1 
ATOM   1030 C  CD2   . LEU A 1 154 ? -2.832  9.461   3.767   1.00 20.24  ? 144  LEU A CD2   1 
ATOM   1031 N  N     . THR A 1 155 ? -7.014  12.340  5.420   1.00 21.90  ? 145  THR A N     1 
ATOM   1032 C  CA    . THR A 1 155 ? -8.021  11.981  6.416   1.00 26.88  ? 145  THR A CA    1 
ATOM   1033 C  C     . THR A 1 155 ? -9.432  12.149  5.850   1.00 26.31  ? 145  THR A C     1 
ATOM   1034 O  O     . THR A 1 155 ? -10.311 11.309  6.069   1.00 21.53  ? 145  THR A O     1 
ATOM   1035 C  CB    . THR A 1 155 ? -7.869  12.820  7.705   1.00 23.16  ? 145  THR A CB    1 
ATOM   1036 O  OG1   . THR A 1 155 ? -6.485  12.837  8.102   1.00 17.22  ? 145  THR A OG1   1 
ATOM   1037 C  CG2   . THR A 1 155 ? -8.728  12.252  8.833   1.00 20.53  ? 145  THR A CG2   1 
ATOM   1038 N  N     . THR A 1 156 ? -9.662  13.228  5.121   1.00 27.15  ? 146  THR A N     1 
ATOM   1039 C  CA    . THR A 1 156 ? -10.972 13.412  4.504   1.00 24.47  ? 146  THR A CA    1 
ATOM   1040 C  C     . THR A 1 156 ? -11.182 12.321  3.466   1.00 33.22  ? 146  THR A C     1 
ATOM   1041 O  O     . THR A 1 156 ? -12.243 11.713  3.419   1.00 32.89  ? 146  THR A O     1 
ATOM   1042 C  CB    . THR A 1 156 ? -11.079 14.777  3.840   1.00 23.17  ? 146  THR A CB    1 
ATOM   1043 O  OG1   . THR A 1 156 ? -10.729 15.775  4.800   1.00 23.81  ? 146  THR A OG1   1 
ATOM   1044 C  CG2   . THR A 1 156 ? -12.487 15.012  3.306   1.00 26.38  ? 146  THR A CG2   1 
ATOM   1045 N  N     . LEU A 1 157 ? -10.146 12.042  2.672   1.00 21.16  ? 147  LEU A N     1 
ATOM   1046 C  CA    . LEU A 1 157 ? -10.248 11.023  1.623   1.00 27.33  ? 147  LEU A CA    1 
ATOM   1047 C  C     . LEU A 1 157 ? -10.557 9.637   2.177   1.00 25.21  ? 147  LEU A C     1 
ATOM   1048 O  O     . LEU A 1 157 ? -11.417 8.927   1.666   1.00 27.88  ? 147  LEU A O     1 
ATOM   1049 C  CB    . LEU A 1 157 ? -8.962  10.970  0.805   1.00 26.78  ? 147  LEU A CB    1 
ATOM   1050 C  CG    . LEU A 1 157 ? -8.655  12.111  -0.157  1.00 57.20  ? 147  LEU A CG    1 
ATOM   1051 C  CD1   . LEU A 1 157 ? -7.408  11.757  -0.949  1.00 32.11  ? 147  LEU A CD1   1 
ATOM   1052 C  CD2   . LEU A 1 157 ? -9.832  12.355  -1.079  1.00 41.66  ? 147  LEU A CD2   1 
ATOM   1053 N  N     . MET A 1 158 ? -9.858  9.250   3.232   1.00 19.20  ? 148  MET A N     1 
ATOM   1054 C  CA    . MET A 1 158 ? -10.000 7.896   3.762   1.00 18.00  ? 148  MET A CA    1 
ATOM   1055 C  C     . MET A 1 158 ? -11.288 7.636   4.525   1.00 32.80  ? 148  MET A C     1 
ATOM   1056 O  O     . MET A 1 158 ? -11.662 6.479   4.700   1.00 30.70  ? 148  MET A O     1 
ATOM   1057 C  CB    . MET A 1 158 ? -8.819  7.566   4.678   1.00 18.93  ? 148  MET A CB    1 
ATOM   1058 C  CG    . MET A 1 158 ? -7.508  7.337   3.955   1.00 35.39  ? 148  MET A CG    1 
ATOM   1059 S  SD    . MET A 1 158 ? -7.589  5.923   2.836   1.00 42.11  ? 148  MET A SD    1 
ATOM   1060 C  CE    . MET A 1 158 ? -7.615  6.885   1.375   1.00 18.82  ? 148  MET A CE    1 
ATOM   1061 N  N     . GLY A 1 159 ? -11.947 8.696   4.994   1.00 31.29  ? 149  GLY A N     1 
ATOM   1062 C  CA    . GLY A 1 159 ? -13.191 8.566   5.761   1.00 25.81  ? 149  GLY A CA    1 
ATOM   1063 C  C     . GLY A 1 159 ? -13.165 7.443   6.793   1.00 38.21  ? 149  GLY A C     1 
ATOM   1064 O  O     . GLY A 1 159 ? -12.285 7.415   7.644   1.00 26.65  ? 149  GLY A O     1 
ATOM   1065 N  N     . ASP A 1 160 ? -14.114 6.508   6.686   1.00 24.27  ? 150  ASP A N     1 
ATOM   1066 C  CA    . ASP A 1 160 ? -14.259 5.365   7.619   1.00 23.32  ? 150  ASP A CA    1 
ATOM   1067 C  C     . ASP A 1 160 ? -13.252 4.238   7.460   1.00 25.00  ? 150  ASP A C     1 
ATOM   1068 O  O     . ASP A 1 160 ? -13.308 3.259   8.212   1.00 23.49  ? 150  ASP A O     1 
ATOM   1069 C  CB    . ASP A 1 160 ? -15.641 4.692   7.445   1.00 53.29  ? 150  ASP A CB    1 
ATOM   1070 C  CG    . ASP A 1 160 ? -16.791 5.555   7.906   1.00 75.82  ? 150  ASP A CG    1 
ATOM   1071 O  OD1   . ASP A 1 160 ? -16.563 6.621   8.513   1.00 67.36  ? 150  ASP A OD1   1 
ATOM   1072 O  OD2   . ASP A 1 160 ? -17.945 5.149   7.662   1.00 106.26 ? 150  ASP A OD2   1 
ATOM   1073 N  N     . HIS A 1 161 ? -12.388 4.305   6.450   1.00 26.85  ? 151  HIS A N     1 
ATOM   1074 C  CA    . HIS A 1 161 ? -11.382 3.269   6.293   1.00 27.08  ? 151  HIS A CA    1 
ATOM   1075 C  C     . HIS A 1 161 ? -10.336 3.445   7.365   1.00 31.01  ? 151  HIS A C     1 
ATOM   1076 O  O     . HIS A 1 161 ? -9.784  4.533   7.516   1.00 31.79  ? 151  HIS A O     1 
ATOM   1077 C  CB    . HIS A 1 161 ? -10.714 3.344   4.924   1.00 23.74  ? 151  HIS A CB    1 
ATOM   1078 C  CG    . HIS A 1 161 ? -11.603 2.946   3.786   1.00 27.32  ? 151  HIS A CG    1 
ATOM   1079 N  ND1   . HIS A 1 161 ? -11.677 1.670   3.345   1.00 27.53  ? 151  HIS A ND1   1 
ATOM   1080 C  CD2   . HIS A 1 161 ? -12.460 3.691   2.990   1.00 31.43  ? 151  HIS A CD2   1 
ATOM   1081 C  CE1   . HIS A 1 161 ? -12.543 1.609   2.316   1.00 32.36  ? 151  HIS A CE1   1 
ATOM   1082 N  NE2   . HIS A 1 161 ? -13.021 2.844   2.099   1.00 33.95  ? 151  HIS A NE2   1 
ATOM   1083 N  N     . PRO A 1 162 ? -10.035 2.382   8.114   1.00 20.05  ? 152  PRO A N     1 
ATOM   1084 C  CA    . PRO A 1 162 ? -8.860  2.507   8.969   1.00 18.41  ? 152  PRO A CA    1 
ATOM   1085 C  C     . PRO A 1 162 ? -7.601  2.631   8.122   1.00 16.32  ? 152  PRO A C     1 
ATOM   1086 O  O     . PRO A 1 162 ? -7.448  1.942   7.116   1.00 20.38  ? 152  PRO A O     1 
ATOM   1087 C  CB    . PRO A 1 162 ? -8.851  1.215   9.789   1.00 30.61  ? 152  PRO A CB    1 
ATOM   1088 C  CG    . PRO A 1 162 ? -9.822  0.299   9.160   1.00 35.56  ? 152  PRO A CG    1 
ATOM   1089 C  CD    . PRO A 1 162 ? -10.662 1.052   8.182   1.00 23.52  ? 152  PRO A CD    1 
ATOM   1090 N  N     . PHE A 1 163 ? -6.721  3.522   8.539   1.00 20.58  ? 153  PHE A N     1 
ATOM   1091 C  CA    . PHE A 1 163 ? -5.454  3.722   7.870   1.00 18.37  ? 153  PHE A CA    1 
ATOM   1092 C  C     . PHE A 1 163 ? -4.380  4.216   8.819   1.00 18.56  ? 153  PHE A C     1 
ATOM   1093 O  O     . PHE A 1 163 ? -4.674  4.727   9.904   1.00 20.16  ? 153  PHE A O     1 
ATOM   1094 C  CB    . PHE A 1 163 ? -5.607  4.705   6.684   1.00 24.05  ? 153  PHE A CB    1 
ATOM   1095 C  CG    . PHE A 1 163 ? -5.701  6.150   7.081   1.00 20.25  ? 153  PHE A CG    1 
ATOM   1096 C  CD1   . PHE A 1 163 ? -6.909  6.692   7.505   1.00 25.36  ? 153  PHE A CD1   1 
ATOM   1097 C  CD2   . PHE A 1 163 ? -4.586  6.980   7.020   1.00 16.22  ? 153  PHE A CD2   1 
ATOM   1098 C  CE1   . PHE A 1 163 ? -6.991  8.031   7.869   1.00 20.38  ? 153  PHE A CE1   1 
ATOM   1099 C  CE2   . PHE A 1 163 ? -4.669  8.317   7.371   1.00 21.67  ? 153  PHE A CE2   1 
ATOM   1100 C  CZ    . PHE A 1 163 ? -5.869  8.845   7.800   1.00 23.86  ? 153  PHE A CZ    1 
ATOM   1101 N  N     . VAL A 1 164 ? -3.131  4.024   8.406   1.00 19.40  ? 154  VAL A N     1 
ATOM   1102 C  CA    . VAL A 1 164 ? -1.979  4.548   9.116   1.00 19.28  ? 154  VAL A CA    1 
ATOM   1103 C  C     . VAL A 1 164 ? -0.934  4.906   8.085   1.00 20.10  ? 154  VAL A C     1 
ATOM   1104 O  O     . VAL A 1 164 ? -0.987  4.429   6.946   1.00 24.85  ? 154  VAL A O     1 
ATOM   1105 C  CB    . VAL A 1 164 ? -1.390  3.511   10.110  1.00 23.55  ? 154  VAL A CB    1 
ATOM   1106 C  CG1   . VAL A 1 164 ? -0.625  2.426   9.370   1.00 13.20  ? 154  VAL A CG1   1 
ATOM   1107 C  CG2   . VAL A 1 164 ? -0.490  4.195   11.119  1.00 19.95  ? 154  VAL A CG2   1 
ATOM   1108 N  N     . ILE A 1 165 ? 0.015   5.752   8.472   1.00 17.55  ? 155  ILE A N     1 
ATOM   1109 C  CA    . ILE A 1 165 ? 1.063   6.157   7.568   1.00 18.23  ? 155  ILE A CA    1 
ATOM   1110 C  C     . ILE A 1 165 ? 2.374   6.259   8.343   1.00 21.04  ? 155  ILE A C     1 
ATOM   1111 O  O     . ILE A 1 165 ? 2.418   6.844   9.412   1.00 24.17  ? 155  ILE A O     1 
ATOM   1112 C  CB    . ILE A 1 165 ? 0.674   7.446   6.793   1.00 17.55  ? 155  ILE A CB    1 
ATOM   1113 C  CG1   . ILE A 1 165 ? 1.811   7.890   5.853   1.00 22.20  ? 155  ILE A CG1   1 
ATOM   1114 C  CG2   . ILE A 1 165 ? 0.253   8.578   7.715   1.00 17.97  ? 155  ILE A CG2   1 
ATOM   1115 C  CD1   . ILE A 1 165 ? 1.393   9.011   4.925   1.00 15.64  ? 155  ILE A CD1   1 
ATOM   1116 N  N     . PHE A 1 166 ? 3.403   5.601   7.824   1.00 17.50  ? 156  PHE A N     1 
ATOM   1117 C  CA    . PHE A 1 166 ? 4.743   5.634   8.423   1.00 15.60  ? 156  PHE A CA    1 
ATOM   1118 C  C     . PHE A 1 166 ? 5.751   6.029   7.361   1.00 19.51  ? 156  PHE A C     1 
ATOM   1119 O  O     . PHE A 1 166 ? 5.647   5.595   6.213   1.00 18.10  ? 156  PHE A O     1 
ATOM   1120 C  CB    . PHE A 1 166 ? 5.144   4.261   8.964   1.00 22.64  ? 156  PHE A CB    1 
ATOM   1121 C  CG    . PHE A 1 166 ? 4.306   3.774   10.114  1.00 16.68  ? 156  PHE A CG    1 
ATOM   1122 C  CD1   . PHE A 1 166 ? 4.057   4.580   11.217  1.00 22.95  ? 156  PHE A CD1   1 
ATOM   1123 C  CD2   . PHE A 1 166 ? 3.836   2.473   10.125  1.00 30.47  ? 156  PHE A CD2   1 
ATOM   1124 C  CE1   . PHE A 1 166 ? 3.302   4.110   12.278  1.00 21.23  ? 156  PHE A CE1   1 
ATOM   1125 C  CE2   . PHE A 1 166 ? 3.083   2.003   11.176  1.00 29.59  ? 156  PHE A CE2   1 
ATOM   1126 C  CZ    . PHE A 1 166 ? 2.819   2.815   12.253  1.00 19.18  ? 156  PHE A CZ    1 
ATOM   1127 N  N     . ALA A 1 167 ? 6.709   6.855   7.753   1.00 19.83  ? 157  ALA A N     1 
ATOM   1128 C  CA    . ALA A 1 167 ? 7.888   7.131   6.945   1.00 25.84  ? 157  ALA A CA    1 
ATOM   1129 C  C     . ALA A 1 167 ? 8.682   5.834   6.765   1.00 28.44  ? 157  ALA A C     1 
ATOM   1130 O  O     . ALA A 1 167 ? 8.797   5.040   7.696   1.00 18.95  ? 157  ALA A O     1 
ATOM   1131 C  CB    . ALA A 1 167 ? 8.734   8.215   7.612   1.00 19.63  ? 157  ALA A CB    1 
ATOM   1132 N  N     . SER A 1 168 ? 9.179   5.577   5.557   1.00 19.60  ? 158  SER A N     1 
ATOM   1133 C  CA    . SER A 1 168 ? 9.905   4.350   5.288   1.00 18.51  ? 158  SER A CA    1 
ATOM   1134 C  C     . SER A 1 168 ? 11.105  4.568   4.401   1.00 23.33  ? 158  SER A C     1 
ATOM   1135 O  O     . SER A 1 168 ? 11.204  5.559   3.675   1.00 23.08  ? 158  SER A O     1 
ATOM   1136 C  CB    . SER A 1 168 ? 9.006   3.244   4.697   1.00 24.00  ? 158  SER A CB    1 
ATOM   1137 O  OG    . SER A 1 168 ? 8.460   3.601   3.432   1.00 17.49  ? 158  SER A OG    1 
ATOM   1138 N  N     . ASN A 1 169 ? 12.038  3.635   4.537   1.00 17.98  ? 159  ASN A N     1 
ATOM   1139 C  CA    . ASN A 1 169 ? 13.200  3.540   3.687   1.00 20.52  ? 159  ASN A CA    1 
ATOM   1140 C  C     . ASN A 1 169 ? 13.206  2.118   3.216   1.00 20.79  ? 159  ASN A C     1 
ATOM   1141 O  O     . ASN A 1 169 ? 13.580  1.210   3.964   1.00 23.72  ? 159  ASN A O     1 
ATOM   1142 C  CB    . ASN A 1 169 ? 14.468  3.848   4.475   1.00 19.99  ? 159  ASN A CB    1 
ATOM   1143 C  CG    . ASN A 1 169 ? 15.727  3.739   3.631   1.00 30.97  ? 159  ASN A CG    1 
ATOM   1144 O  OD1   . ASN A 1 169 ? 15.792  2.976   2.673   1.00 26.79  ? 159  ASN A OD1   1 
ATOM   1145 N  ND2   . ASN A 1 169 ? 16.737  4.509   3.994   1.00 21.85  ? 159  ASN A ND2   1 
ATOM   1146 N  N     . GLY A 1 170 ? 12.769  1.919   1.982   1.00 19.13  ? 160  GLY A N     1 
ATOM   1147 C  CA    . GLY A 1 170 ? 12.595  0.587   1.440   1.00 15.04  ? 160  GLY A CA    1 
ATOM   1148 C  C     . GLY A 1 170 ? 13.899  -0.165  1.204   1.00 13.42  ? 160  GLY A C     1 
ATOM   1149 O  O     . GLY A 1 170 ? 13.911  -1.395  1.181   1.00 20.03  ? 160  GLY A O     1 
ATOM   1150 N  N     . LEU A 1 171 ? 14.980  0.581   1.015   1.00 18.69  ? 161  LEU A N     1 
ATOM   1151 C  CA    . LEU A 1 171 ? 16.307  -0.009  0.811   1.00 17.53  ? 161  LEU A CA    1 
ATOM   1152 C  C     . LEU A 1 171 ? 16.791  -0.701  2.081   1.00 32.50  ? 161  LEU A C     1 
ATOM   1153 O  O     . LEU A 1 171 ? 17.421  -1.730  2.014   1.00 23.94  ? 161  LEU A O     1 
ATOM   1154 C  CB    . LEU A 1 171 ? 17.315  1.063   0.398   1.00 28.53  ? 161  LEU A CB    1 
ATOM   1155 C  CG    . LEU A 1 171 ? 17.071  1.899   -0.873  1.00 32.30  ? 161  LEU A CG    1 
ATOM   1156 C  CD1   . LEU A 1 171 ? 18.179  2.927   -0.996  1.00 27.92  ? 161  LEU A CD1   1 
ATOM   1157 C  CD2   . LEU A 1 171 ? 17.027  1.058   -2.141  1.00 31.29  ? 161  LEU A CD2   1 
ATOM   1158 N  N     . LYS A 1 172 ? 16.495  -0.107  3.236   1.00 26.44  ? 162  LYS A N     1 
ATOM   1159 C  CA    . LYS A 1 172 ? 16.976  -0.604  4.532   1.00 25.34  ? 162  LYS A CA    1 
ATOM   1160 C  C     . LYS A 1 172 ? 15.899  -1.410  5.277   1.00 27.34  ? 162  LYS A C     1 
ATOM   1161 O  O     . LYS A 1 172 ? 16.215  -2.354  5.991   1.00 22.67  ? 162  LYS A O     1 
ATOM   1162 C  CB    . LYS A 1 172 ? 17.466  0.574   5.383   1.00 26.49  ? 162  LYS A CB    1 
ATOM   1163 C  CG    . LYS A 1 172 ? 18.784  1.158   4.883   1.00 34.15  ? 162  LYS A CG    1 
ATOM   1164 C  CD    . LYS A 1 172 ? 19.481  2.049   5.911   1.00 75.73  ? 162  LYS A CD    1 
ATOM   1165 C  CE    . LYS A 1 172 ? 19.952  1.274   7.135   1.00 57.64  ? 162  LYS A CE    1 
ATOM   1166 N  NZ    . LYS A 1 172 ? 20.946  2.030   7.946   1.00 70.20  ? 162  LYS A NZ    1 
ATOM   1167 N  N     . GLY A 1 173 ? 14.629  -1.078  5.059   1.00 22.29  ? 163  GLY A N     1 
ATOM   1168 C  CA    . GLY A 1 173 ? 13.518  -1.692  5.793   1.00 21.52  ? 163  GLY A CA    1 
ATOM   1169 C  C     . GLY A 1 173 ? 12.950  -0.853  6.933   1.00 15.08  ? 163  GLY A C     1 
ATOM   1170 O  O     . GLY A 1 173 ? 12.022  -1.287  7.622   1.00 23.88  ? 163  GLY A O     1 
ATOM   1171 N  N     . THR A 1 174 ? 13.473  0.352   7.127   1.00 19.59  ? 164  THR A N     1 
ATOM   1172 C  CA    . THR A 1 174 ? 12.976  1.267   8.174   1.00 19.58  ? 164  THR A CA    1 
ATOM   1173 C  C     . THR A 1 174 ? 11.527  1.562   7.949   1.00 32.74  ? 164  THR A C     1 
ATOM   1174 O  O     . THR A 1 174 ? 11.128  1.841   6.819   1.00 23.47  ? 164  THR A O     1 
ATOM   1175 C  CB    . THR A 1 174 ? 13.746  2.604   8.141   1.00 26.41  ? 164  THR A CB    1 
ATOM   1176 O  OG1   . THR A 1 174 ? 15.133  2.317   8.154   1.00 23.80  ? 164  THR A OG1   1 
ATOM   1177 C  CG2   . THR A 1 174 ? 13.410  3.519   9.356   1.00 19.04  ? 164  THR A CG2   1 
ATOM   1178 N  N     . GLY A 1 175 ? 10.731  1.469   9.018   1.00 14.91  ? 165  GLY A N     1 
ATOM   1179 C  CA    . GLY A 1 175 ? 9.287   1.715   8.945   1.00 18.80  ? 165  GLY A CA    1 
ATOM   1180 C  C     . GLY A 1 175 ? 8.451   0.577   8.392   1.00 17.36  ? 165  GLY A C     1 
ATOM   1181 O  O     . GLY A 1 175 ? 7.255   0.440   8.731   1.00 20.24  ? 165  GLY A O     1 
ATOM   1182 N  N     . VAL A 1 176 ? 9.071   -0.242  7.552   1.00 25.64  ? 166  VAL A N     1 
ATOM   1183 C  CA    . VAL A 1 176 ? 8.360   -1.266  6.814   1.00 16.86  ? 166  VAL A CA    1 
ATOM   1184 C  C     . VAL A 1 176 ? 7.774   -2.342  7.716   1.00 25.14  ? 166  VAL A C     1 
ATOM   1185 O  O     . VAL A 1 176 ? 6.601   -2.704  7.597   1.00 17.35  ? 166  VAL A O     1 
ATOM   1186 C  CB    . VAL A 1 176 ? 9.255   -1.924  5.734   1.00 19.76  ? 166  VAL A CB    1 
ATOM   1187 C  CG1   . VAL A 1 176 ? 8.486   -3.058  5.084   1.00 15.73  ? 166  VAL A CG1   1 
ATOM   1188 C  CG2   . VAL A 1 176 ? 9.730   -0.887  4.709   1.00 20.97  ? 166  VAL A CG2   1 
ATOM   1189 N  N     . HIS A 1 177 ? 8.584   -2.833  8.639   1.00 23.68  ? 167  HIS A N     1 
ATOM   1190 C  CA    . HIS A 1 177 ? 8.166   -3.943  9.485   1.00 21.54  ? 167  HIS A CA    1 
ATOM   1191 C  C     . HIS A 1 177 ? 7.080   -3.554  10.438  1.00 15.83  ? 167  HIS A C     1 
ATOM   1192 O  O     . HIS A 1 177 ? 6.117   -4.304  10.648  1.00 15.50  ? 167  HIS A O     1 
ATOM   1193 C  CB    . HIS A 1 177 ? 9.395   -4.536  10.165  1.00 23.90  ? 167  HIS A CB    1 
ATOM   1194 C  CG    . HIS A 1 177 ? 10.407  -5.010  9.171   1.00 20.22  ? 167  HIS A CG    1 
ATOM   1195 N  ND1   . HIS A 1 177 ? 10.185  -6.067  8.382   1.00 20.50  ? 167  HIS A ND1   1 
ATOM   1196 C  CD2   . HIS A 1 177 ? 11.634  -4.464  8.768   1.00 24.24  ? 167  HIS A CD2   1 
ATOM   1197 C  CE1   . HIS A 1 177 ? 11.222  -6.217  7.544   1.00 15.17  ? 167  HIS A CE1   1 
ATOM   1198 N  NE2   . HIS A 1 177 ? 12.105  -5.234  7.785   1.00 25.03  ? 167  HIS A NE2   1 
ATOM   1199 N  N     . GLU A 1 178 ? 7.155   -2.335  10.950  1.00 14.18  ? 168  GLU A N     1 
ATOM   1200 C  CA    . GLU A 1 178 ? 6.107   -1.830  11.818  1.00 19.53  ? 168  GLU A CA    1 
ATOM   1201 C  C     . GLU A 1 178 ? 4.802   -1.629  11.035  1.00 19.45  ? 168  GLU A C     1 
ATOM   1202 O  O     . GLU A 1 178 ? 3.719   -1.881  11.546  1.00 22.69  ? 168  GLU A O     1 
ATOM   1203 C  CB    . GLU A 1 178 ? 6.546   -0.516  12.482  1.00 15.43  ? 168  GLU A CB    1 
ATOM   1204 C  CG    . GLU A 1 178 ? 7.859   -0.620  13.283  1.00 20.38  ? 168  GLU A CG    1 
ATOM   1205 C  CD    . GLU A 1 178 ? 9.117   -0.377  12.480  1.00 22.53  ? 168  GLU A CD    1 
ATOM   1206 O  OE1   . GLU A 1 178 ? 9.082   -0.489  11.225  1.00 28.93  ? 168  GLU A OE1   1 
ATOM   1207 O  OE2   . GLU A 1 178 ? 10.176  -0.100  13.098  1.00 20.93  ? 168  GLU A OE2   1 
ATOM   1208 N  N     . GLY A 1 179 ? 4.910   -1.165  9.794   1.00 22.00  ? 169  GLY A N     1 
ATOM   1209 C  CA    . GLY A 1 179 ? 3.726   -1.049  8.923   1.00 18.18  ? 169  GLY A CA    1 
ATOM   1210 C  C     . GLY A 1 179 ? 3.008   -2.379  8.756   1.00 19.90  ? 169  GLY A C     1 
ATOM   1211 O  O     . GLY A 1 179 ? 1.782   -2.468  8.912   1.00 18.32  ? 169  GLY A O     1 
ATOM   1212 N  N     . PHE A 1 180 ? 3.774   -3.424  8.469   1.00 20.53  ? 170  PHE A N     1 
ATOM   1213 C  CA    . PHE A 1 180 ? 3.204   -4.759  8.336   1.00 18.45  ? 170  PHE A CA    1 
ATOM   1214 C  C     . PHE A 1 180 ? 2.587   -5.319  9.619   1.00 27.70  ? 170  PHE A C     1 
ATOM   1215 O  O     . PHE A 1 180 ? 1.572   -6.036  9.549   1.00 24.88  ? 170  PHE A O     1 
ATOM   1216 C  CB    . PHE A 1 180 ? 4.217   -5.733  7.723   1.00 23.69  ? 170  PHE A CB    1 
ATOM   1217 C  CG    . PHE A 1 180 ? 4.183   -5.763  6.220   1.00 33.77  ? 170  PHE A CG    1 
ATOM   1218 C  CD1   . PHE A 1 180 ? 4.825   -4.772  5.469   1.00 23.82  ? 170  PHE A CD1   1 
ATOM   1219 C  CD2   . PHE A 1 180 ? 3.517   -6.792  5.544   1.00 25.07  ? 170  PHE A CD2   1 
ATOM   1220 C  CE1   . PHE A 1 180 ? 4.787   -4.797  4.080   1.00 25.54  ? 170  PHE A CE1   1 
ATOM   1221 C  CE2   . PHE A 1 180 ? 3.487   -6.819  4.154   1.00 28.96  ? 170  PHE A CE2   1 
ATOM   1222 C  CZ    . PHE A 1 180 ? 4.127   -5.836  3.421   1.00 20.95  ? 170  PHE A CZ    1 
ATOM   1223 N  N     . SER A 1 181 ? 3.148   -4.969  10.781  1.00 22.05  ? 171  SER A N     1 
ATOM   1224 C  CA    . SER A 1 181 ? 2.514   -5.345  12.051  1.00 30.41  ? 171  SER A CA    1 
ATOM   1225 C  C     . SER A 1 181 ? 1.141   -4.721  12.153  1.00 19.38  ? 171  SER A C     1 
ATOM   1226 O  O     . SER A 1 181 ? 0.193   -5.347  12.611  1.00 17.94  ? 171  SER A O     1 
ATOM   1227 C  CB    . SER A 1 181 ? 3.321   -4.868  13.256  1.00 23.06  ? 171  SER A CB    1 
ATOM   1228 O  OG    . SER A 1 181 ? 4.585   -5.492  13.303  1.00 28.81  ? 171  SER A OG    1 
ATOM   1229 N  N     . TRP A 1 182 ? 1.045   -3.460  11.750  1.00 18.00  ? 172  TRP A N     1 
ATOM   1230 C  CA    . TRP A 1 182 ? -0.197  -2.747  11.814  1.00 13.23  ? 172  TRP A CA    1 
ATOM   1231 C  C     . TRP A 1 182 ? -1.199  -3.379  10.894  1.00 16.47  ? 172  TRP A C     1 
ATOM   1232 O  O     . TRP A 1 182 ? -2.351  -3.510  11.238  1.00 19.50  ? 172  TRP A O     1 
ATOM   1233 C  CB    . TRP A 1 182 ? -0.005  -1.273  11.466  1.00 18.99  ? 172  TRP A CB    1 
ATOM   1234 C  CG    . TRP A 1 182 ? -1.274  -0.469  11.494  1.00 20.66  ? 172  TRP A CG    1 
ATOM   1235 C  CD1   . TRP A 1 182 ? -1.751  0.339   12.520  1.00 26.17  ? 172  TRP A CD1   1 
ATOM   1236 C  CD2   . TRP A 1 182 ? -2.275  -0.351  10.425  1.00 18.22  ? 172  TRP A CD2   1 
ATOM   1237 N  NE1   . TRP A 1 182 ? -2.950  0.908   12.173  1.00 24.04  ? 172  TRP A NE1   1 
ATOM   1238 C  CE2   . TRP A 1 182 ? -3.310  0.541   10.930  1.00 21.50  ? 172  TRP A CE2   1 
ATOM   1239 C  CE3   . TRP A 1 182 ? -2.404  -0.879  9.151   1.00 19.36  ? 172  TRP A CE3   1 
ATOM   1240 C  CZ2   . TRP A 1 182 ? -4.410  0.880   10.178  1.00 16.73  ? 172  TRP A CZ2   1 
ATOM   1241 C  CZ3   . TRP A 1 182 ? -3.527  -0.541  8.410   1.00 15.72  ? 172  TRP A CZ3   1 
ATOM   1242 C  CH2   . TRP A 1 182 ? -4.493  0.343   8.899   1.00 16.06  ? 172  TRP A CH2   1 
ATOM   1243 N  N     . LEU A 1 183 ? -0.752  -3.763  9.705   1.00 21.86  ? 173  LEU A N     1 
ATOM   1244 C  CA    . LEU A 1 183 ? -1.645  -4.359  8.726   1.00 14.23  ? 173  LEU A CA    1 
ATOM   1245 C  C     . LEU A 1 183 ? -2.165  -5.691  9.256   1.00 20.86  ? 173  LEU A C     1 
ATOM   1246 O  O     . LEU A 1 183 ? -3.371  -5.939  9.255   1.00 21.11  ? 173  LEU A O     1 
ATOM   1247 C  CB    . LEU A 1 183 ? -0.909  -4.559  7.404   1.00 13.73  ? 173  LEU A CB    1 
ATOM   1248 C  CG    . LEU A 1 183 ? -1.698  -5.130  6.207   1.00 20.51  ? 173  LEU A CG    1 
ATOM   1249 C  CD1   . LEU A 1 183 ? -1.061  -4.683  4.898   1.00 21.47  ? 173  LEU A CD1   1 
ATOM   1250 C  CD2   . LEU A 1 183 ? -1.770  -6.645  6.269   1.00 27.64  ? 173  LEU A CD2   1 
ATOM   1251 N  N     . GLN A 1 184 ? -1.257  -6.527  9.730   1.00 24.09  ? 174  GLN A N     1 
ATOM   1252 C  CA    . GLN A 1 184 ? -1.632  -7.859  10.188  1.00 22.45  ? 174  GLN A CA    1 
ATOM   1253 C  C     . GLN A 1 184 ? -2.525  -7.807  11.408  1.00 22.39  ? 174  GLN A C     1 
ATOM   1254 O  O     . GLN A 1 184 ? -3.452  -8.600  11.509  1.00 24.42  ? 174  GLN A O     1 
ATOM   1255 C  CB    . GLN A 1 184 ? -0.389  -8.688  10.511  1.00 20.78  ? 174  GLN A CB    1 
ATOM   1256 C  CG    . GLN A 1 184 ? 0.421   -9.042  9.282   1.00 31.92  ? 174  GLN A CG    1 
ATOM   1257 C  CD    . GLN A 1 184 ? 1.785   -9.601  9.598   1.00 53.16  ? 174  GLN A CD    1 
ATOM   1258 O  OE1   . GLN A 1 184 ? 2.770   -9.261  8.940   1.00 32.27  ? 174  GLN A OE1   1 
ATOM   1259 N  NE2   . GLN A 1 184 ? 1.849   -10.481 10.593  1.00 23.60  ? 174  GLN A NE2   1 
ATOM   1260 N  N     . GLU A 1 185 ? -2.251  -6.903  12.351  1.00 23.29  ? 175  GLU A N     1 
ATOM   1261 C  CA    A GLU A 1 185 ? -3.104  -6.793  13.549  0.50 21.33  ? 175  GLU A CA    1 
ATOM   1262 C  CA    B GLU A 1 185 ? -3.090  -6.810  13.545  0.50 21.83  ? 175  GLU A CA    1 
ATOM   1263 C  C     . GLU A 1 185 ? -4.481  -6.267  13.183  1.00 26.63  ? 175  GLU A C     1 
ATOM   1264 O  O     . GLU A 1 185 ? -5.479  -6.751  13.701  1.00 23.65  ? 175  GLU A O     1 
ATOM   1265 C  CB    A GLU A 1 185 ? -2.492  -5.904  14.630  0.50 24.78  ? 175  GLU A CB    1 
ATOM   1266 C  CB    B GLU A 1 185 ? -2.385  -6.010  14.654  0.50 33.39  ? 175  GLU A CB    1 
ATOM   1267 C  CG    A GLU A 1 185 ? -3.371  -5.750  15.869  0.50 36.79  ? 175  GLU A CG    1 
ATOM   1268 C  CG    B GLU A 1 185 ? -1.208  -6.783  15.257  0.50 25.00  ? 175  GLU A CG    1 
ATOM   1269 C  CD    A GLU A 1 185 ? -3.881  -7.080  16.403  0.50 30.88  ? 175  GLU A CD    1 
ATOM   1270 C  CD    B GLU A 1 185 ? -0.161  -5.920  15.956  0.50 45.15  ? 175  GLU A CD    1 
ATOM   1271 O  OE1   A GLU A 1 185 ? -3.076  -8.017  16.570  0.50 51.09  ? 175  GLU A OE1   1 
ATOM   1272 O  OE1   B GLU A 1 185 ? -0.444  -4.761  16.313  0.50 45.05  ? 175  GLU A OE1   1 
ATOM   1273 O  OE2   A GLU A 1 185 ? -5.093  -7.190  16.650  0.50 26.57  ? 175  GLU A OE2   1 
ATOM   1274 O  OE2   B GLU A 1 185 ? 0.967   -6.412  16.162  0.50 35.02  ? 175  GLU A OE2   1 
ATOM   1275 N  N     . THR A 1 186 ? -4.537  -5.284  12.279  1.00 27.41  ? 176  THR A N     1 
ATOM   1276 C  CA    . THR A 1 186 ? -5.815  -4.737  11.842  1.00 20.72  ? 176  THR A CA    1 
ATOM   1277 C  C     . THR A 1 186 ? -6.638  -5.797  11.114  1.00 20.65  ? 176  THR A C     1 
ATOM   1278 O  O     . THR A 1 186 ? -7.847  -5.921  11.348  1.00 31.18  ? 176  THR A O     1 
ATOM   1279 C  CB    . THR A 1 186 ? -5.666  -3.466  10.953  1.00 21.94  ? 176  THR A CB    1 
ATOM   1280 O  OG1   . THR A 1 186 ? -4.958  -2.436  11.659  1.00 25.65  ? 176  THR A OG1   1 
ATOM   1281 C  CG2   . THR A 1 186 ? -7.038  -2.927  10.547  1.00 26.21  ? 176  THR A CG2   1 
ATOM   1282 N  N     . ALA A 1 187 ? -5.998  -6.559  10.238  1.00 29.10  ? 177  ALA A N     1 
ATOM   1283 C  CA    . ALA A 1 187 ? -6.674  -7.660  9.523   1.00 29.94  ? 177  ALA A CA    1 
ATOM   1284 C  C     . ALA A 1 187 ? -7.223  -8.723  10.471  1.00 27.23  ? 177  ALA A C     1 
ATOM   1285 O  O     . ALA A 1 187 ? -8.361  -9.186  10.317  1.00 30.59  ? 177  ALA A O     1 
ATOM   1286 C  CB    . ALA A 1 187 ? -5.717  -8.315  8.530   1.00 23.86  ? 177  ALA A CB    1 
ATOM   1287 N  N     . SER A 1 188 ? -6.407  -9.123  11.438  1.00 26.07  ? 178  SER A N     1 
ATOM   1288 C  CA    . SER A 1 188 ? -6.794  -10.174 12.389  1.00 21.89  ? 178  SER A CA    1 
ATOM   1289 C  C     . SER A 1 188 ? -7.999  -9.725  13.193  1.00 41.36  ? 178  SER A C     1 
ATOM   1290 O  O     . SER A 1 188 ? -8.989  -10.453 13.299  1.00 37.76  ? 178  SER A O     1 
ATOM   1291 C  CB    . SER A 1 188 ? -5.628  -10.522 13.319  1.00 34.06  ? 178  SER A CB    1 
ATOM   1292 O  OG    . SER A 1 188 ? -6.079  -11.178 14.490  1.00 67.78  ? 178  SER A OG    1 
ATOM   1293 N  N     . ARG A 1 189 ? -7.914  -8.517  13.743  1.00 33.57  ? 179  ARG A N     1 
ATOM   1294 C  CA    . ARG A 1 189 ? -9.033  -7.927  14.462  1.00 29.50  ? 179  ARG A CA    1 
ATOM   1295 C  C     . ARG A 1 189 ? -10.303 -7.918  13.611  1.00 43.49  ? 179  ARG A C     1 
ATOM   1296 O  O     . ARG A 1 189 ? -11.383 -8.190  14.124  1.00 34.43  ? 179  ARG A O     1 
ATOM   1297 C  CB    . ARG A 1 189 ? -8.714  -6.502  14.906  1.00 49.33  ? 179  ARG A CB    1 
ATOM   1298 C  CG    . ARG A 1 189 ? -9.930  -5.731  15.386  1.00 38.45  ? 179  ARG A CG    1 
ATOM   1299 C  CD    . ARG A 1 189 ? -9.552  -4.366  15.939  1.00 43.14  ? 179  ARG A CD    1 
ATOM   1300 N  NE    . ARG A 1 189 ? -9.068  -3.420  14.927  1.00 35.39  ? 179  ARG A NE    1 
ATOM   1301 C  CZ    . ARG A 1 189 ? -9.827  -2.839  13.993  1.00 29.57  ? 179  ARG A CZ    1 
ATOM   1302 N  NH1   . ARG A 1 189 ? -11.129 -3.107  13.903  1.00 48.53  ? 179  ARG A NH1   1 
ATOM   1303 N  NH2   . ARG A 1 189 ? -9.283  -1.966  13.145  1.00 32.90  ? 179  ARG A NH2   1 
ATOM   1304 N  N     . GLN A 1 190 ? -10.176 -7.618  12.321  1.00 35.25  ? 180  GLN A N     1 
ATOM   1305 C  CA    . GLN A 1 190 ? -11.358 -7.498  11.453  1.00 41.70  ? 180  GLN A CA    1 
ATOM   1306 C  C     . GLN A 1 190 ? -11.964 -8.836  11.034  1.00 37.12  ? 180  GLN A C     1 
ATOM   1307 O  O     . GLN A 1 190 ? -13.179 -8.927  10.843  1.00 38.52  ? 180  GLN A O     1 
ATOM   1308 C  CB    . GLN A 1 190 ? -11.061 -6.639  10.216  1.00 39.43  ? 180  GLN A CB    1 
ATOM   1309 C  CG    . GLN A 1 190 ? -11.032 -5.147  10.513  1.00 39.66  ? 180  GLN A CG    1 
ATOM   1310 C  CD    . GLN A 1 190 ? -10.793 -4.307  9.276   1.00 23.63  ? 180  GLN A CD    1 
ATOM   1311 O  OE1   . GLN A 1 190 ? -10.029 -4.702  8.406   1.00 29.31  ? 180  GLN A OE1   1 
ATOM   1312 N  NE2   . GLN A 1 190 ? -11.468 -3.143  9.188   1.00 21.83  ? 180  GLN A NE2   1 
ATOM   1313 N  N     . SER A 1 191 ? -11.137 -9.865  10.889  1.00 31.87  ? 181  SER A N     1 
ATOM   1314 C  CA    . SER A 1 191 ? -11.631 -11.200 10.493  1.00 69.02  ? 181  SER A CA    1 
ATOM   1315 C  C     . SER A 1 191 ? -12.017 -12.072 11.690  1.00 46.20  ? 181  SER A C     1 
ATOM   1316 O  O     . SER A 1 191 ? -12.169 -11.582 12.815  1.00 48.67  ? 181  SER A O     1 
ATOM   1317 C  CB    . SER A 1 191 ? -10.583 -11.926 9.652   1.00 70.27  ? 181  SER A CB    1 
ATOM   1318 O  OG    . SER A 1 191 ? -9.381  -12.086 10.379  1.00 49.77  ? 181  SER A OG    1 
HETATM 1319 P  PG    . GNP B 2 .   ? 6.972   0.117   -10.489 1.00 23.84  ? 1182 GNP A PG    1 
HETATM 1320 O  O1G   . GNP B 2 .   ? 6.978   -1.377  -10.372 1.00 20.05  ? 1182 GNP A O1G   1 
HETATM 1321 O  O2G   . GNP B 2 .   ? 7.488   0.589   -11.927 1.00 25.03  ? 1182 GNP A O2G   1 
HETATM 1322 O  O3G   . GNP B 2 .   ? 5.500   0.600   -10.171 1.00 21.44  ? 1182 GNP A O3G   1 
HETATM 1323 N  N3B   . GNP B 2 .   ? 8.147   0.809   -9.437  1.00 24.04  ? 1182 GNP A N3B   1 
HETATM 1324 P  PB    . GNP B 2 .   ? 8.112   0.405   -7.775  1.00 21.14  ? 1182 GNP A PB    1 
HETATM 1325 O  O1B   . GNP B 2 .   ? 7.030   1.148   -7.070  1.00 20.30  ? 1182 GNP A O1B   1 
HETATM 1326 O  O2B   . GNP B 2 .   ? 7.878   -1.155  -7.739  1.00 16.03  ? 1182 GNP A O2B   1 
HETATM 1327 O  O3A   . GNP B 2 .   ? 9.572   0.853   -7.301  1.00 15.13  ? 1182 GNP A O3A   1 
HETATM 1328 P  PA    . GNP B 2 .   ? 10.840  -0.095  -7.166  1.00 20.24  ? 1182 GNP A PA    1 
HETATM 1329 O  O1A   . GNP B 2 .   ? 10.764  -0.909  -5.916  1.00 20.39  ? 1182 GNP A O1A   1 
HETATM 1330 O  O2A   . GNP B 2 .   ? 11.159  -0.781  -8.460  1.00 18.98  ? 1182 GNP A O2A   1 
HETATM 1331 O  "O5'" . GNP B 2 .   ? 11.911  1.037   -6.834  1.00 19.43  ? 1182 GNP A "O5'" 1 
HETATM 1332 C  "C5'" . GNP B 2 .   ? 12.142  2.144   -7.685  1.00 21.41  ? 1182 GNP A "C5'" 1 
HETATM 1333 C  "C4'" . GNP B 2 .   ? 13.528  2.705   -7.386  1.00 18.81  ? 1182 GNP A "C4'" 1 
HETATM 1334 O  "O4'" . GNP B 2 .   ? 13.527  3.431   -6.138  1.00 22.59  ? 1182 GNP A "O4'" 1 
HETATM 1335 C  "C3'" . GNP B 2 .   ? 14.618  1.652   -7.232  1.00 24.84  ? 1182 GNP A "C3'" 1 
HETATM 1336 O  "O3'" . GNP B 2 .   ? 15.868  2.187   -7.665  1.00 26.76  ? 1182 GNP A "O3'" 1 
HETATM 1337 C  "C2'" . GNP B 2 .   ? 14.758  1.432   -5.750  1.00 28.00  ? 1182 GNP A "C2'" 1 
HETATM 1338 O  "O2'" . GNP B 2 .   ? 16.054  0.987   -5.337  1.00 23.74  ? 1182 GNP A "O2'" 1 
HETATM 1339 C  "C1'" . GNP B 2 .   ? 14.512  2.835   -5.249  1.00 18.75  ? 1182 GNP A "C1'" 1 
HETATM 1340 N  N9    . GNP B 2 .   ? 13.977  2.870   -3.881  1.00 27.42  ? 1182 GNP A N9    1 
HETATM 1341 C  C8    . GNP B 2 .   ? 12.937  2.182   -3.401  1.00 21.52  ? 1182 GNP A C8    1 
HETATM 1342 N  N7    . GNP B 2 .   ? 12.707  2.546   -2.125  1.00 20.93  ? 1182 GNP A N7    1 
HETATM 1343 C  C5    . GNP B 2 .   ? 13.607  3.474   -1.796  1.00 25.14  ? 1182 GNP A C5    1 
HETATM 1344 C  C6    . GNP B 2 .   ? 13.939  4.279   -0.609  1.00 18.25  ? 1182 GNP A C6    1 
HETATM 1345 O  O6    . GNP B 2 .   ? 13.260  4.145   0.407   1.00 19.14  ? 1182 GNP A O6    1 
HETATM 1346 N  N1    . GNP B 2 .   ? 14.947  5.165   -0.688  1.00 25.38  ? 1182 GNP A N1    1 
HETATM 1347 C  C2    . GNP B 2 .   ? 15.674  5.311   -1.810  1.00 33.08  ? 1182 GNP A C2    1 
HETATM 1348 N  N2    . GNP B 2 .   ? 16.691  6.193   -1.859  1.00 28.49  ? 1182 GNP A N2    1 
HETATM 1349 N  N3    . GNP B 2 .   ? 15.431  4.601   -2.926  1.00 20.08  ? 1182 GNP A N3    1 
HETATM 1350 C  C4    . GNP B 2 .   ? 14.424  3.704   -2.968  1.00 20.80  ? 1182 GNP A C4    1 
HETATM 1351 MG MG    . MG  C 3 .   ? 7.464   -2.675  -8.924  1.00 19.85  ? 1183 MG  A MG    1 
HETATM 1352 S  S     . SO4 D 4 .   ? 1.812   10.156  -14.121 1.00 36.58  ? 1184 SO4 A S     1 
HETATM 1353 O  O1    . SO4 D 4 .   ? 0.419   9.696   -14.231 1.00 35.15  ? 1184 SO4 A O1    1 
HETATM 1354 O  O2    . SO4 D 4 .   ? 1.881   11.635  -14.112 1.00 94.75  ? 1184 SO4 A O2    1 
HETATM 1355 O  O3    . SO4 D 4 .   ? 2.633   9.571   -15.192 1.00 37.75  ? 1184 SO4 A O3    1 
HETATM 1356 O  O4    . SO4 D 4 .   ? 2.333   9.629   -12.840 1.00 73.51  ? 1184 SO4 A O4    1 
HETATM 1357 S  S     . SO4 E 4 .   ? -13.094 -1.093  11.638  1.00 62.30  ? 1185 SO4 A S     1 
HETATM 1358 O  O1    . SO4 E 4 .   ? -14.187 -0.574  12.490  1.00 500.00 ? 1185 SO4 A O1    1 
HETATM 1359 O  O2    . SO4 E 4 .   ? -13.241 -0.563  10.258  1.00 34.27  ? 1185 SO4 A O2    1 
HETATM 1360 O  O3    . SO4 E 4 .   ? -13.163 -2.573  11.579  1.00 56.34  ? 1185 SO4 A O3    1 
HETATM 1361 O  O4    . SO4 E 4 .   ? -11.781 -0.694  12.222  1.00 41.78  ? 1185 SO4 A O4    1 
HETATM 1362 O  O     . HOH F 5 .   ? -7.069  -16.998 7.560   1.00 41.26  ? 2001 HOH A O     1 
HETATM 1363 O  O     . HOH F 5 .   ? -7.590  -13.742 3.496   1.00 33.09  ? 2002 HOH A O     1 
HETATM 1364 O  O     . HOH F 5 .   ? -2.685  -15.947 1.349   1.00 33.37  ? 2003 HOH A O     1 
HETATM 1365 O  O     . HOH F 5 .   ? 16.188  -3.225  -2.707  1.00 42.07  ? 2004 HOH A O     1 
HETATM 1366 O  O     . HOH F 5 .   ? 2.493   6.636   -5.227  1.00 22.80  ? 2005 HOH A O     1 
HETATM 1367 O  O     . HOH F 5 .   ? 6.390   7.605   -7.310  1.00 26.69  ? 2006 HOH A O     1 
HETATM 1368 O  O     . HOH F 5 .   ? 3.464   6.729   -15.267 1.00 29.76  ? 2007 HOH A O     1 
HETATM 1369 O  O     . HOH F 5 .   ? 10.499  -15.289 6.535   1.00 23.58  ? 2008 HOH A O     1 
HETATM 1370 O  O     . HOH F 5 .   ? 9.137   -15.736 -1.629  1.00 40.00  ? 2009 HOH A O     1 
HETATM 1371 O  O     . HOH F 5 .   ? 10.501  2.015   -11.234 1.00 51.69  ? 2010 HOH A O     1 
HETATM 1372 O  O     . HOH F 5 .   ? 12.667  8.764   -6.493  1.00 34.69  ? 2011 HOH A O     1 
HETATM 1373 O  O     . HOH F 5 .   ? 5.486   -2.837  -8.336  1.00 22.85  ? 2012 HOH A O     1 
HETATM 1374 O  O     . HOH F 5 .   ? 9.456   -2.621  -9.370  1.00 19.57  ? 2013 HOH A O     1 
HETATM 1375 O  O     . HOH F 5 .   ? 14.111  -4.985  -1.050  1.00 28.95  ? 2014 HOH A O     1 
HETATM 1376 O  O     . HOH F 5 .   ? 15.479  -1.361  -4.784  1.00 28.40  ? 2015 HOH A O     1 
HETATM 1377 O  O     . HOH F 5 .   ? 14.587  -4.877  6.224   1.00 28.57  ? 2016 HOH A O     1 
HETATM 1378 O  O     . HOH F 5 .   ? 8.982   -13.833 4.996   1.00 19.70  ? 2017 HOH A O     1 
HETATM 1379 O  O     . HOH F 5 .   ? 12.501  -14.675 -1.202  1.00 55.25  ? 2018 HOH A O     1 
HETATM 1380 O  O     . HOH F 5 .   ? 17.708  -4.889  -6.876  1.00 33.47  ? 2019 HOH A O     1 
HETATM 1381 O  O     . HOH F 5 .   ? 18.544  -4.328  -11.113 1.00 53.74  ? 2020 HOH A O     1 
HETATM 1382 O  O     . HOH F 5 .   ? 11.536  -6.979  -9.697  1.00 31.05  ? 2021 HOH A O     1 
HETATM 1383 O  O     . HOH F 5 .   ? 8.968   -6.290  -10.546 1.00 33.07  ? 2022 HOH A O     1 
HETATM 1384 O  O     . HOH F 5 .   ? 10.351  -6.619  -13.197 1.00 32.76  ? 2023 HOH A O     1 
HETATM 1385 O  O     . HOH F 5 .   ? 13.645  -0.857  -14.405 1.00 43.47  ? 2024 HOH A O     1 
HETATM 1386 O  O     . HOH F 5 .   ? 13.037  -0.738  -10.197 1.00 33.16  ? 2025 HOH A O     1 
HETATM 1387 O  O     . HOH F 5 .   ? 8.037   -6.949  -14.846 1.00 32.25  ? 2026 HOH A O     1 
HETATM 1388 O  O     . HOH F 5 .   ? 5.567   -0.036  -13.669 1.00 16.51  ? 2027 HOH A O     1 
HETATM 1389 O  O     . HOH F 5 .   ? 5.090   -9.482  -14.796 1.00 27.05  ? 2028 HOH A O     1 
HETATM 1390 O  O     . HOH F 5 .   ? -3.322  -13.350 -10.690 1.00 25.72  ? 2029 HOH A O     1 
HETATM 1391 O  O     . HOH F 5 .   ? 3.870   -13.243 -10.569 1.00 26.28  ? 2030 HOH A O     1 
HETATM 1392 O  O     . HOH F 5 .   ? 7.181   -8.102  -7.195  1.00 34.30  ? 2031 HOH A O     1 
HETATM 1393 O  O     . HOH F 5 .   ? 3.520   -15.982 -8.936  1.00 41.02  ? 2032 HOH A O     1 
HETATM 1394 O  O     . HOH F 5 .   ? 6.347   -18.685 -3.842  1.00 38.50  ? 2033 HOH A O     1 
HETATM 1395 O  O     . HOH F 5 .   ? 0.686   -17.374 0.270   1.00 32.17  ? 2034 HOH A O     1 
HETATM 1396 O  O     . HOH F 5 .   ? 7.390   -18.619 2.010   1.00 32.23  ? 2035 HOH A O     1 
HETATM 1397 O  O     . HOH F 5 .   ? 8.149   -7.595  9.321   1.00 31.91  ? 2036 HOH A O     1 
HETATM 1398 O  O     . HOH F 5 .   ? 6.635   -11.462 10.880  1.00 27.00  ? 2037 HOH A O     1 
HETATM 1399 O  O     . HOH F 5 .   ? 9.243   -15.682 8.948   1.00 28.94  ? 2038 HOH A O     1 
HETATM 1400 O  O     . HOH F 5 .   ? -2.569  -17.762 -2.862  1.00 41.37  ? 2039 HOH A O     1 
HETATM 1401 O  O     . HOH F 5 .   ? -4.342  2.454   -16.892 1.00 30.95  ? 2040 HOH A O     1 
HETATM 1402 O  O     . HOH F 5 .   ? 2.786   4.412   -18.936 1.00 19.57  ? 2041 HOH A O     1 
HETATM 1403 O  O     . HOH F 5 .   ? -3.034  0.541   -20.776 1.00 32.41  ? 2042 HOH A O     1 
HETATM 1404 O  O     . HOH F 5 .   ? -4.238  -0.611  -17.709 1.00 29.09  ? 2043 HOH A O     1 
HETATM 1405 O  O     . HOH F 5 .   ? -7.826  0.158   -11.381 1.00 29.52  ? 2044 HOH A O     1 
HETATM 1406 O  O     . HOH F 5 .   ? -7.866  -9.952  -5.119  1.00 46.83  ? 2045 HOH A O     1 
HETATM 1407 O  O     . HOH F 5 .   ? -8.237  1.872   -9.015  1.00 32.83  ? 2046 HOH A O     1 
HETATM 1408 O  O     . HOH F 5 .   ? -10.997 -14.366 -5.250  1.00 44.26  ? 2047 HOH A O     1 
HETATM 1409 O  O     . HOH F 5 .   ? -9.004  -6.796  6.852   1.00 33.61  ? 2048 HOH A O     1 
HETATM 1410 O  O     . HOH F 5 .   ? -9.521  -9.174  7.449   1.00 38.79  ? 2049 HOH A O     1 
HETATM 1411 O  O     . HOH F 5 .   ? 4.648   8.595   -5.409  1.00 19.37  ? 2050 HOH A O     1 
HETATM 1412 O  O     . HOH F 5 .   ? 4.771   11.316  -4.746  1.00 22.93  ? 2051 HOH A O     1 
HETATM 1413 O  O     . HOH F 5 .   ? 8.579   8.898   -7.898  1.00 27.40  ? 2052 HOH A O     1 
HETATM 1414 O  O     . HOH F 5 .   ? 9.240   10.146  4.485   1.00 20.40  ? 2053 HOH A O     1 
HETATM 1415 O  O     . HOH F 5 .   ? 12.284  13.450  -6.408  1.00 43.40  ? 2054 HOH A O     1 
HETATM 1416 O  O     . HOH F 5 .   ? 14.027  10.655  -4.916  1.00 30.77  ? 2055 HOH A O     1 
HETATM 1417 O  O     . HOH F 5 .   ? 1.362   17.622  -7.134  1.00 30.29  ? 2056 HOH A O     1 
HETATM 1418 O  O     . HOH F 5 .   ? -5.463  15.545  -7.663  1.00 24.44  ? 2057 HOH A O     1 
HETATM 1419 O  O     . HOH F 5 .   ? 0.056   19.685  -8.803  1.00 35.60  ? 2058 HOH A O     1 
HETATM 1420 O  O     . HOH F 5 .   ? -9.858  10.406  -9.427  1.00 30.66  ? 2059 HOH A O     1 
HETATM 1421 O  O     . HOH F 5 .   ? -6.835  4.271   -8.550  1.00 30.50  ? 2060 HOH A O     1 
HETATM 1422 O  O     . HOH F 5 .   ? -6.761  4.892   -12.582 1.00 52.26  ? 2061 HOH A O     1 
HETATM 1423 O  O     . HOH F 5 .   ? -13.072 8.702   -3.788  1.00 32.41  ? 2062 HOH A O     1 
HETATM 1424 O  O     . HOH F 5 .   ? -14.476 3.653   -0.122  1.00 32.34  ? 2063 HOH A O     1 
HETATM 1425 O  O     . HOH F 5 .   ? -14.434 -1.270  2.800   1.00 35.10  ? 2064 HOH A O     1 
HETATM 1426 O  O     . HOH F 5 .   ? -14.702 -6.326  9.831   1.00 38.40  ? 2065 HOH A O     1 
HETATM 1427 O  O     . HOH F 5 .   ? 15.230  6.233   -5.472  1.00 27.51  ? 2066 HOH A O     1 
HETATM 1428 O  O     . HOH F 5 .   ? 15.952  13.164  3.623   1.00 27.89  ? 2067 HOH A O     1 
HETATM 1429 O  O     . HOH F 5 .   ? 19.192  9.047   -0.202  1.00 39.48  ? 2068 HOH A O     1 
HETATM 1430 O  O     . HOH F 5 .   ? 19.664  11.201  3.865   1.00 44.02  ? 2069 HOH A O     1 
HETATM 1431 O  O     . HOH F 5 .   ? 18.508  12.480  -2.640  1.00 35.93  ? 2070 HOH A O     1 
HETATM 1432 O  O     . HOH F 5 .   ? 5.567   19.643  2.923   1.00 39.63  ? 2071 HOH A O     1 
HETATM 1433 O  O     . HOH F 5 .   ? 6.441   16.810  9.826   1.00 18.03  ? 2072 HOH A O     1 
HETATM 1434 O  O     . HOH F 5 .   ? 7.322   10.942  9.138   1.00 33.99  ? 2073 HOH A O     1 
HETATM 1435 O  O     . HOH F 5 .   ? 5.247   12.541  10.773  1.00 16.14  ? 2074 HOH A O     1 
HETATM 1436 O  O     . HOH F 5 .   ? 8.827   19.715  3.636   1.00 38.52  ? 2075 HOH A O     1 
HETATM 1437 O  O     . HOH F 5 .   ? -5.742  18.731  4.962   1.00 53.27  ? 2076 HOH A O     1 
HETATM 1438 O  O     . HOH F 5 .   ? -3.326  16.361  8.434   1.00 39.26  ? 2077 HOH A O     1 
HETATM 1439 O  O     . HOH F 5 .   ? -10.195 9.236   8.061   1.00 22.14  ? 2078 HOH A O     1 
HETATM 1440 O  O     . HOH F 5 .   ? -5.771  15.155  7.839   1.00 34.61  ? 2079 HOH A O     1 
HETATM 1441 O  O     . HOH F 5 .   ? -13.663 7.070   2.084   1.00 39.67  ? 2080 HOH A O     1 
HETATM 1442 O  O     . HOH F 5 .   ? -15.352 6.510   4.187   1.00 41.98  ? 2081 HOH A O     1 
HETATM 1443 O  O     . HOH F 5 .   ? -7.926  5.395   10.933  1.00 30.37  ? 2082 HOH A O     1 
HETATM 1444 O  O     . HOH F 5 .   ? -4.433  3.520   12.524  1.00 22.03  ? 2083 HOH A O     1 
HETATM 1445 O  O     . HOH F 5 .   ? 0.306   7.335   11.425  0.50 31.16  ? 2084 HOH A O     1 
HETATM 1446 O  O     . HOH F 5 .   ? 3.700   8.393   11.299  0.50 32.88  ? 2085 HOH A O     1 
HETATM 1447 O  O     . HOH F 5 .   ? 9.853   5.603   10.152  1.00 22.94  ? 2086 HOH A O     1 
HETATM 1448 O  O     . HOH F 5 .   ? 19.539  3.856   2.750   1.00 35.14  ? 2087 HOH A O     1 
HETATM 1449 O  O     . HOH F 5 .   ? 16.716  6.515   6.372   1.00 25.07  ? 2088 HOH A O     1 
HETATM 1450 O  O     . HOH F 5 .   ? 11.581  -1.633  10.257  1.00 24.72  ? 2089 HOH A O     1 
HETATM 1451 O  O     . HOH F 5 .   ? 11.701  1.549   11.840  1.00 21.85  ? 2090 HOH A O     1 
HETATM 1452 O  O     . HOH F 5 .   ? -6.645  -0.664  13.101  1.00 25.42  ? 2091 HOH A O     1 
HETATM 1453 O  O     . HOH F 5 .   ? -8.398  1.397   14.184  1.00 29.82  ? 2092 HOH A O     1 
HETATM 1454 O  O     . HOH F 5 .   ? -14.921 -9.963  13.537  1.00 49.30  ? 2093 HOH A O     1 
HETATM 1455 O  O     . HOH F 5 .   ? 17.518  0.541   -8.255  1.00 39.84  ? 2094 HOH A O     1 
HETATM 1456 O  O     . HOH F 5 .   ? 16.303  5.151   -7.827  1.00 32.78  ? 2095 HOH A O     1 
HETATM 1457 O  O     . HOH F 5 .   ? -10.799 1.984   12.963  1.00 36.35  ? 2096 HOH A O     1 
# 
loop_
_pdbx_poly_seq_scheme.asym_id 
_pdbx_poly_seq_scheme.entity_id 
_pdbx_poly_seq_scheme.seq_id 
_pdbx_poly_seq_scheme.mon_id 
_pdbx_poly_seq_scheme.ndb_seq_num 
_pdbx_poly_seq_scheme.pdb_seq_num 
_pdbx_poly_seq_scheme.auth_seq_num 
_pdbx_poly_seq_scheme.pdb_mon_id 
_pdbx_poly_seq_scheme.auth_mon_id 
_pdbx_poly_seq_scheme.pdb_strand_id 
_pdbx_poly_seq_scheme.pdb_ins_code 
_pdbx_poly_seq_scheme.hetero 
A 1 1   MET 1   -9  ?   ?   ?   A . n 
A 1 2   GLY 2   -8  ?   ?   ?   A . n 
A 1 3   SER 3   -7  ?   ?   ?   A . n 
A 1 4   SER 4   -6  ?   ?   ?   A . n 
A 1 5   HIS 5   -5  ?   ?   ?   A . n 
A 1 6   HIS 6   -4  ?   ?   ?   A . n 
A 1 7   HIS 7   -3  ?   ?   ?   A . n 
A 1 8   HIS 8   -2  ?   ?   ?   A . n 
A 1 9   HIS 9   -1  ?   ?   ?   A . n 
A 1 10  HIS 10  0   ?   ?   ?   A . n 
A 1 11  MET 11  1   ?   ?   ?   A . n 
A 1 12  GLY 12  2   ?   ?   ?   A . n 
A 1 13  GLN 13  3   ?   ?   ?   A . n 
A 1 14  SER 14  4   ?   ?   ?   A . n 
A 1 15  LYS 15  5   ?   ?   ?   A . n 
A 1 16  THR 16  6   6   THR THR A . n 
A 1 17  LYS 17  7   7   LYS LYS A . n 
A 1 18  LEU 18  8   8   LEU LEU A . n 
A 1 19  GLN 19  9   9   GLN GLN A . n 
A 1 20  VAL 20  10  10  VAL VAL A . n 
A 1 21  VAL 21  11  11  VAL VAL A . n 
A 1 22  MET 22  12  12  MET MET A . n 
A 1 23  CYS 23  13  13  CYS CYS A . n 
A 1 24  GLY 24  14  14  GLY GLY A . n 
A 1 25  LEU 25  15  15  LEU LEU A . n 
A 1 26  ASP 26  16  16  ASP ASP A . n 
A 1 27  ASN 27  17  17  ASN ASN A . n 
A 1 28  SER 28  18  18  SER SER A . n 
A 1 29  GLY 29  19  19  GLY GLY A . n 
A 1 30  LYS 30  20  20  LYS LYS A . n 
A 1 31  THR 31  21  21  THR THR A . n 
A 1 32  THR 32  22  22  THR THR A . n 
A 1 33  ILE 33  23  23  ILE ILE A . n 
A 1 34  ILE 34  24  24  ILE ILE A . n 
A 1 35  ASN 35  25  25  ASN ASN A . n 
A 1 36  GLN 36  26  26  GLN GLN A . n 
A 1 37  VAL 37  27  27  VAL VAL A . n 
A 1 38  LYS 38  28  28  LYS LYS A . n 
A 1 39  PRO 39  29  29  PRO PRO A . n 
A 1 40  ALA 40  30  30  ALA ALA A . n 
A 1 41  GLN 41  31  31  GLN GLN A . n 
A 1 42  SER 42  32  ?   ?   ?   A . n 
A 1 43  SER 43  33  ?   ?   ?   A . n 
A 1 44  SER 44  34  ?   ?   ?   A . n 
A 1 45  LYS 45  35  ?   ?   ?   A . n 
A 1 46  HIS 46  36  36  HIS HIS A . n 
A 1 47  ILE 47  37  37  ILE ILE A . n 
A 1 48  THR 48  38  38  THR THR A . n 
A 1 49  ALA 49  39  39  ALA ALA A . n 
A 1 50  THR 50  40  40  THR THR A . n 
A 1 51  VAL 51  41  41  VAL VAL A . n 
A 1 52  GLY 52  42  42  GLY GLY A . n 
A 1 53  TYR 53  43  43  TYR TYR A . n 
A 1 54  ASN 54  44  44  ASN ASN A . n 
A 1 55  VAL 55  45  45  VAL VAL A . n 
A 1 56  GLU 56  46  46  GLU GLU A . n 
A 1 57  THR 57  47  47  THR THR A . n 
A 1 58  PHE 58  48  48  PHE PHE A . n 
A 1 59  GLU 59  49  49  GLU GLU A . n 
A 1 60  LYS 60  50  50  LYS LYS A . n 
A 1 61  GLY 61  51  51  GLY GLY A . n 
A 1 62  ARG 62  52  52  ARG ARG A . n 
A 1 63  VAL 63  53  53  VAL VAL A . n 
A 1 64  ALA 64  54  54  ALA ALA A . n 
A 1 65  PHE 65  55  55  PHE PHE A . n 
A 1 66  THR 66  56  56  THR THR A . n 
A 1 67  VAL 67  57  57  VAL VAL A . n 
A 1 68  PHE 68  58  58  PHE PHE A . n 
A 1 69  ASP 69  59  59  ASP ASP A . n 
A 1 70  MET 70  60  60  MET MET A . n 
A 1 71  GLY 71  61  61  GLY GLY A . n 
A 1 72  GLY 72  62  62  GLY GLY A . n 
A 1 73  ALA 73  63  63  ALA ALA A . n 
A 1 74  LYS 74  64  64  LYS LYS A . n 
A 1 75  LYS 75  65  65  LYS LYS A . n 
A 1 76  PHE 76  66  66  PHE PHE A . n 
A 1 77  ARG 77  67  67  ARG ARG A . n 
A 1 78  GLY 78  68  68  GLY GLY A . n 
A 1 79  LEU 79  69  69  LEU LEU A . n 
A 1 80  TRP 80  70  70  TRP TRP A . n 
A 1 81  GLU 81  71  71  GLU GLU A . n 
A 1 82  THR 82  72  72  THR THR A . n 
A 1 83  TYR 83  73  73  TYR TYR A . n 
A 1 84  TYR 84  74  74  TYR TYR A . n 
A 1 85  ASP 85  75  75  ASP ASP A . n 
A 1 86  ASN 86  76  76  ASN ASN A . n 
A 1 87  ILE 87  77  77  ILE ILE A . n 
A 1 88  ASP 88  78  78  ASP ASP A . n 
A 1 89  ALA 89  79  79  ALA ALA A . n 
A 1 90  VAL 90  80  80  VAL VAL A . n 
A 1 91  ILE 91  81  81  ILE ILE A . n 
A 1 92  PHE 92  82  82  PHE PHE A . n 
A 1 93  VAL 93  83  83  VAL VAL A . n 
A 1 94  VAL 94  84  84  VAL VAL A . n 
A 1 95  ASP 95  85  85  ASP ASP A . n 
A 1 96  SER 96  86  86  SER SER A . n 
A 1 97  SER 97  87  87  SER SER A . n 
A 1 98  ASP 98  88  88  ASP ASP A . n 
A 1 99  HIS 99  89  89  HIS HIS A . n 
A 1 100 LEU 100 90  90  LEU LEU A . n 
A 1 101 ARG 101 91  91  ARG ARG A . n 
A 1 102 LEU 102 92  92  LEU LEU A . n 
A 1 103 CYS 103 93  93  CYS CYS A . n 
A 1 104 VAL 104 94  94  VAL VAL A . n 
A 1 105 VAL 105 95  95  VAL VAL A . n 
A 1 106 LYS 106 96  96  LYS LYS A . n 
A 1 107 SER 107 97  97  SER SER A . n 
A 1 108 GLU 108 98  98  GLU GLU A . n 
A 1 109 ILE 109 99  99  ILE ILE A . n 
A 1 110 GLN 110 100 100 GLN GLN A . n 
A 1 111 ALA 111 101 101 ALA ALA A . n 
A 1 112 MET 112 102 102 MET MET A . n 
A 1 113 LEU 113 103 103 LEU LEU A . n 
A 1 114 LYS 114 104 104 LYS LYS A . n 
A 1 115 HIS 115 105 105 HIS HIS A . n 
A 1 116 GLU 116 106 106 GLU GLU A . n 
A 1 117 ASP 117 107 107 ASP ASP A . n 
A 1 118 ILE 118 108 108 ILE ILE A . n 
A 1 119 ARG 119 109 109 ARG ARG A . n 
A 1 120 ARG 120 110 110 ARG ARG A . n 
A 1 121 GLU 121 111 111 GLU GLU A . n 
A 1 122 LEU 122 112 112 LEU LEU A . n 
A 1 123 PRO 123 113 113 PRO PRO A . n 
A 1 124 GLY 124 114 114 GLY GLY A . n 
A 1 125 GLY 125 115 115 GLY GLY A . n 
A 1 126 GLY 126 116 116 GLY GLY A . n 
A 1 127 ARG 127 117 117 ARG ARG A . n 
A 1 128 VAL 128 118 118 VAL VAL A . n 
A 1 129 PRO 129 119 119 PRO PRO A . n 
A 1 130 PHE 130 120 120 PHE PHE A . n 
A 1 131 LEU 131 121 121 LEU LEU A . n 
A 1 132 PHE 132 122 122 PHE PHE A . n 
A 1 133 PHE 133 123 123 PHE PHE A . n 
A 1 134 ALA 134 124 124 ALA ALA A . n 
A 1 135 ASN 135 125 125 ASN ASN A . n 
A 1 136 LYS 136 126 126 LYS LYS A . n 
A 1 137 MET 137 127 127 MET MET A . n 
A 1 138 ASP 138 128 128 ASP ASP A . n 
A 1 139 ALA 139 129 129 ALA ALA A . n 
A 1 140 ALA 140 130 130 ALA ALA A . n 
A 1 141 GLY 141 131 131 GLY GLY A . n 
A 1 142 ALA 142 132 132 ALA ALA A . n 
A 1 143 LYS 143 133 133 LYS LYS A . n 
A 1 144 THR 144 134 134 THR THR A . n 
A 1 145 ALA 145 135 135 ALA ALA A . n 
A 1 146 ALA 146 136 136 ALA ALA A . n 
A 1 147 GLU 147 137 137 GLU GLU A . n 
A 1 148 LEU 148 138 138 LEU LEU A . n 
A 1 149 VAL 149 139 139 VAL VAL A . n 
A 1 150 GLU 150 140 140 GLU GLU A . n 
A 1 151 ILE 151 141 141 ILE ILE A . n 
A 1 152 LEU 152 142 142 LEU LEU A . n 
A 1 153 ASP 153 143 143 ASP ASP A . n 
A 1 154 LEU 154 144 144 LEU LEU A . n 
A 1 155 THR 155 145 145 THR THR A . n 
A 1 156 THR 156 146 146 THR THR A . n 
A 1 157 LEU 157 147 147 LEU LEU A . n 
A 1 158 MET 158 148 148 MET MET A . n 
A 1 159 GLY 159 149 149 GLY GLY A . n 
A 1 160 ASP 160 150 150 ASP ASP A . n 
A 1 161 HIS 161 151 151 HIS HIS A . n 
A 1 162 PRO 162 152 152 PRO PRO A . n 
A 1 163 PHE 163 153 153 PHE PHE A . n 
A 1 164 VAL 164 154 154 VAL VAL A . n 
A 1 165 ILE 165 155 155 ILE ILE A . n 
A 1 166 PHE 166 156 156 PHE PHE A . n 
A 1 167 ALA 167 157 157 ALA ALA A . n 
A 1 168 SER 168 158 158 SER SER A . n 
A 1 169 ASN 169 159 159 ASN ASN A . n 
A 1 170 GLY 170 160 160 GLY GLY A . n 
A 1 171 LEU 171 161 161 LEU LEU A . n 
A 1 172 LYS 172 162 162 LYS LYS A . n 
A 1 173 GLY 173 163 163 GLY GLY A . n 
A 1 174 THR 174 164 164 THR THR A . n 
A 1 175 GLY 175 165 165 GLY GLY A . n 
A 1 176 VAL 176 166 166 VAL VAL A . n 
A 1 177 HIS 177 167 167 HIS HIS A . n 
A 1 178 GLU 178 168 168 GLU GLU A . n 
A 1 179 GLY 179 169 169 GLY GLY A . n 
A 1 180 PHE 180 170 170 PHE PHE A . n 
A 1 181 SER 181 171 171 SER SER A . n 
A 1 182 TRP 182 172 172 TRP TRP A . n 
A 1 183 LEU 183 173 173 LEU LEU A . n 
A 1 184 GLN 184 174 174 GLN GLN A . n 
A 1 185 GLU 185 175 175 GLU GLU A . n 
A 1 186 THR 186 176 176 THR THR A . n 
A 1 187 ALA 187 177 177 ALA ALA A . n 
A 1 188 SER 188 178 178 SER SER A . n 
A 1 189 ARG 189 179 179 ARG ARG A . n 
A 1 190 GLN 190 180 180 GLN GLN A . n 
A 1 191 SER 191 181 181 SER SER A . n 
A 1 192 GLY 192 182 ?   ?   ?   A . n 
A 1 193 LYS 193 183 ?   ?   ?   A . n 
A 1 194 ALA 194 184 ?   ?   ?   A . n 
A 1 195 GLY 195 185 ?   ?   ?   A . n 
A 1 196 THR 196 186 ?   ?   ?   A . n 
A 1 197 LYS 197 187 ?   ?   ?   A . n 
A 1 198 ARG 198 188 ?   ?   ?   A . n 
A 1 199 GLY 199 189 ?   ?   ?   A . n 
# 
loop_
_pdbx_nonpoly_scheme.asym_id 
_pdbx_nonpoly_scheme.entity_id 
_pdbx_nonpoly_scheme.mon_id 
_pdbx_nonpoly_scheme.ndb_seq_num 
_pdbx_nonpoly_scheme.pdb_seq_num 
_pdbx_nonpoly_scheme.auth_seq_num 
_pdbx_nonpoly_scheme.pdb_mon_id 
_pdbx_nonpoly_scheme.auth_mon_id 
_pdbx_nonpoly_scheme.pdb_strand_id 
_pdbx_nonpoly_scheme.pdb_ins_code 
B 2 GNP 1  1182 1182 GNP GNP A . 
C 3 MG  1  1183 1183 MG  MG  A . 
D 4 SO4 1  1184 1184 SO4 SO4 A . 
E 4 SO4 1  1185 1185 SO4 SO4 A . 
F 5 HOH 1  2001 2001 HOH HOH A . 
F 5 HOH 2  2002 2002 HOH HOH A . 
F 5 HOH 3  2003 2003 HOH HOH A . 
F 5 HOH 4  2004 2004 HOH HOH A . 
F 5 HOH 5  2005 2005 HOH HOH A . 
F 5 HOH 6  2006 2006 HOH HOH A . 
F 5 HOH 7  2007 2007 HOH HOH A . 
F 5 HOH 8  2008 2008 HOH HOH A . 
F 5 HOH 9  2009 2009 HOH HOH A . 
F 5 HOH 10 2010 2010 HOH HOH A . 
F 5 HOH 11 2011 2011 HOH HOH A . 
F 5 HOH 12 2012 2012 HOH HOH A . 
F 5 HOH 13 2013 2013 HOH HOH A . 
F 5 HOH 14 2014 2014 HOH HOH A . 
F 5 HOH 15 2015 2015 HOH HOH A . 
F 5 HOH 16 2016 2016 HOH HOH A . 
F 5 HOH 17 2017 2017 HOH HOH A . 
F 5 HOH 18 2018 2018 HOH HOH A . 
F 5 HOH 19 2019 2019 HOH HOH A . 
F 5 HOH 20 2020 2020 HOH HOH A . 
F 5 HOH 21 2021 2021 HOH HOH A . 
F 5 HOH 22 2022 2022 HOH HOH A . 
F 5 HOH 23 2023 2023 HOH HOH A . 
F 5 HOH 24 2024 2024 HOH HOH A . 
F 5 HOH 25 2025 2025 HOH HOH A . 
F 5 HOH 26 2026 2026 HOH HOH A . 
F 5 HOH 27 2027 2027 HOH HOH A . 
F 5 HOH 28 2028 2028 HOH HOH A . 
F 5 HOH 29 2029 2029 HOH HOH A . 
F 5 HOH 30 2030 2030 HOH HOH A . 
F 5 HOH 31 2031 2031 HOH HOH A . 
F 5 HOH 32 2032 2032 HOH HOH A . 
F 5 HOH 33 2033 2033 HOH HOH A . 
F 5 HOH 34 2034 2034 HOH HOH A . 
F 5 HOH 35 2035 2035 HOH HOH A . 
F 5 HOH 36 2036 2036 HOH HOH A . 
F 5 HOH 37 2037 2037 HOH HOH A . 
F 5 HOH 38 2038 2038 HOH HOH A . 
F 5 HOH 39 2039 2039 HOH HOH A . 
F 5 HOH 40 2040 2040 HOH HOH A . 
F 5 HOH 41 2041 2041 HOH HOH A . 
F 5 HOH 42 2042 2042 HOH HOH A . 
F 5 HOH 43 2043 2043 HOH HOH A . 
F 5 HOH 44 2044 2044 HOH HOH A . 
F 5 HOH 45 2045 2045 HOH HOH A . 
F 5 HOH 46 2046 2046 HOH HOH A . 
F 5 HOH 47 2047 2047 HOH HOH A . 
F 5 HOH 48 2048 2048 HOH HOH A . 
F 5 HOH 49 2049 2049 HOH HOH A . 
F 5 HOH 50 2050 2050 HOH HOH A . 
F 5 HOH 51 2051 2051 HOH HOH A . 
F 5 HOH 52 2052 2052 HOH HOH A . 
F 5 HOH 53 2053 2053 HOH HOH A . 
F 5 HOH 54 2054 2054 HOH HOH A . 
F 5 HOH 55 2055 2055 HOH HOH A . 
F 5 HOH 56 2056 2056 HOH HOH A . 
F 5 HOH 57 2057 2057 HOH HOH A . 
F 5 HOH 58 2058 2058 HOH HOH A . 
F 5 HOH 59 2059 2059 HOH HOH A . 
F 5 HOH 60 2060 2060 HOH HOH A . 
F 5 HOH 61 2061 2061 HOH HOH A . 
F 5 HOH 62 2062 2062 HOH HOH A . 
F 5 HOH 63 2063 2063 HOH HOH A . 
F 5 HOH 64 2064 2064 HOH HOH A . 
F 5 HOH 65 2065 2065 HOH HOH A . 
F 5 HOH 66 2066 2066 HOH HOH A . 
F 5 HOH 67 2067 2067 HOH HOH A . 
F 5 HOH 68 2068 2068 HOH HOH A . 
F 5 HOH 69 2069 2069 HOH HOH A . 
F 5 HOH 70 2070 2070 HOH HOH A . 
F 5 HOH 71 2071 2071 HOH HOH A . 
F 5 HOH 72 2072 2072 HOH HOH A . 
F 5 HOH 73 2073 2073 HOH HOH A . 
F 5 HOH 74 2074 2074 HOH HOH A . 
F 5 HOH 75 2075 2075 HOH HOH A . 
F 5 HOH 76 2076 2076 HOH HOH A . 
F 5 HOH 77 2077 2077 HOH HOH A . 
F 5 HOH 78 2078 2078 HOH HOH A . 
F 5 HOH 79 2079 2079 HOH HOH A . 
F 5 HOH 80 2080 2080 HOH HOH A . 
F 5 HOH 81 2081 2081 HOH HOH A . 
F 5 HOH 82 2082 2082 HOH HOH A . 
F 5 HOH 83 2083 2083 HOH HOH A . 
F 5 HOH 84 2084 2084 HOH HOH A . 
F 5 HOH 85 2085 2085 HOH HOH A . 
F 5 HOH 86 2086 2086 HOH HOH A . 
F 5 HOH 87 2087 2087 HOH HOH A . 
F 5 HOH 88 2088 2088 HOH HOH A . 
F 5 HOH 89 2089 2089 HOH HOH A . 
F 5 HOH 90 2090 2090 HOH HOH A . 
F 5 HOH 91 2091 2091 HOH HOH A . 
F 5 HOH 92 2092 2092 HOH HOH A . 
F 5 HOH 93 2093 2093 HOH HOH A . 
F 5 HOH 94 2094 2094 HOH HOH A . 
F 5 HOH 95 2095 2095 HOH HOH A . 
F 5 HOH 96 2096 2096 HOH HOH A . 
# 
loop_
_pdbx_struct_assembly.id 
_pdbx_struct_assembly.details 
_pdbx_struct_assembly.method_details 
_pdbx_struct_assembly.oligomeric_details 
_pdbx_struct_assembly.oligomeric_count 
1 author_defined_assembly   ?    monomeric 1 
2 software_defined_assembly PISA dimeric   2 
# 
loop_
_pdbx_struct_assembly_gen.assembly_id 
_pdbx_struct_assembly_gen.oper_expression 
_pdbx_struct_assembly_gen.asym_id_list 
1 1   A,B,C,D,E,F 
2 1,2 A,B,C,D,E,F 
# 
loop_
_pdbx_struct_assembly_prop.biol_id 
_pdbx_struct_assembly_prop.type 
_pdbx_struct_assembly_prop.value 
_pdbx_struct_assembly_prop.details 
2 'ABSA (A^2)' 4460   ? 
2 MORE         -101.6 ? 
2 'SSA (A^2)'  14450  ? 
# 
loop_
_pdbx_struct_oper_list.id 
_pdbx_struct_oper_list.type 
_pdbx_struct_oper_list.name 
_pdbx_struct_oper_list.symmetry_operation 
_pdbx_struct_oper_list.matrix[1][1] 
_pdbx_struct_oper_list.matrix[1][2] 
_pdbx_struct_oper_list.matrix[1][3] 
_pdbx_struct_oper_list.vector[1] 
_pdbx_struct_oper_list.matrix[2][1] 
_pdbx_struct_oper_list.matrix[2][2] 
_pdbx_struct_oper_list.matrix[2][3] 
_pdbx_struct_oper_list.vector[2] 
_pdbx_struct_oper_list.matrix[3][1] 
_pdbx_struct_oper_list.matrix[3][2] 
_pdbx_struct_oper_list.matrix[3][3] 
_pdbx_struct_oper_list.vector[3] 
1 'identity operation'         1_555 x,y,z              1.0000000000 0.0000000000 0.0000000000  0.0000000000  0.0000000000 1.0000000000  0.0000000000  0.0000000000  0.0000000000  0.0000000000  1.0000000000  0.0000000000  
2 'crystal symmetry operation' 6_765 -x+2,-x+y+1,-z+2/3 0.7561679303 0.6463867968 -0.1019518030 -3.5042410739 0.6463867968 -0.7620865956 -0.0375250557 13.1625690057 -0.1019518030 -0.0375250557 -0.9940813347 23.0900773995 
# 
loop_
_pdbx_struct_special_symmetry.id 
_pdbx_struct_special_symmetry.PDB_model_num 
_pdbx_struct_special_symmetry.auth_asym_id 
_pdbx_struct_special_symmetry.auth_comp_id 
_pdbx_struct_special_symmetry.auth_seq_id 
_pdbx_struct_special_symmetry.PDB_ins_code 
_pdbx_struct_special_symmetry.label_asym_id 
_pdbx_struct_special_symmetry.label_comp_id 
_pdbx_struct_special_symmetry.label_seq_id 
1 1 A HOH 2084 ? F HOH . 
2 1 A HOH 2085 ? F HOH . 
# 
loop_
_pdbx_struct_conn_angle.id 
_pdbx_struct_conn_angle.ptnr1_label_atom_id 
_pdbx_struct_conn_angle.ptnr1_label_alt_id 
_pdbx_struct_conn_angle.ptnr1_label_asym_id 
_pdbx_struct_conn_angle.ptnr1_label_comp_id 
_pdbx_struct_conn_angle.ptnr1_label_seq_id 
_pdbx_struct_conn_angle.ptnr1_auth_atom_id 
_pdbx_struct_conn_angle.ptnr1_auth_asym_id 
_pdbx_struct_conn_angle.ptnr1_auth_comp_id 
_pdbx_struct_conn_angle.ptnr1_auth_seq_id 
_pdbx_struct_conn_angle.ptnr1_PDB_ins_code 
_pdbx_struct_conn_angle.ptnr1_symmetry 
_pdbx_struct_conn_angle.ptnr2_label_atom_id 
_pdbx_struct_conn_angle.ptnr2_label_alt_id 
_pdbx_struct_conn_angle.ptnr2_label_asym_id 
_pdbx_struct_conn_angle.ptnr2_label_comp_id 
_pdbx_struct_conn_angle.ptnr2_label_seq_id 
_pdbx_struct_conn_angle.ptnr2_auth_atom_id 
_pdbx_struct_conn_angle.ptnr2_auth_asym_id 
_pdbx_struct_conn_angle.ptnr2_auth_comp_id 
_pdbx_struct_conn_angle.ptnr2_auth_seq_id 
_pdbx_struct_conn_angle.ptnr2_PDB_ins_code 
_pdbx_struct_conn_angle.ptnr2_symmetry 
_pdbx_struct_conn_angle.ptnr3_label_atom_id 
_pdbx_struct_conn_angle.ptnr3_label_alt_id 
_pdbx_struct_conn_angle.ptnr3_label_asym_id 
_pdbx_struct_conn_angle.ptnr3_label_comp_id 
_pdbx_struct_conn_angle.ptnr3_label_seq_id 
_pdbx_struct_conn_angle.ptnr3_auth_atom_id 
_pdbx_struct_conn_angle.ptnr3_auth_asym_id 
_pdbx_struct_conn_angle.ptnr3_auth_comp_id 
_pdbx_struct_conn_angle.ptnr3_auth_seq_id 
_pdbx_struct_conn_angle.ptnr3_PDB_ins_code 
_pdbx_struct_conn_angle.ptnr3_symmetry 
_pdbx_struct_conn_angle.value 
_pdbx_struct_conn_angle.value_esd 
1  OG1 ? A THR 31 ? A THR 21   ? 1_555 MG ? C MG . ? A MG 1183 ? 1_555 OG1 ? A THR 50 ? A THR 40   ? 1_555 85.2  ? 
2  OG1 ? A THR 31 ? A THR 21   ? 1_555 MG ? C MG . ? A MG 1183 ? 1_555 O2B ? B GNP .  ? A GNP 1182 ? 1_555 94.4  ? 
3  OG1 ? A THR 50 ? A THR 40   ? 1_555 MG ? C MG . ? A MG 1183 ? 1_555 O2B ? B GNP .  ? A GNP 1182 ? 1_555 174.8 ? 
4  OG1 ? A THR 31 ? A THR 21   ? 1_555 MG ? C MG . ? A MG 1183 ? 1_555 O1G ? B GNP .  ? A GNP 1182 ? 1_555 176.3 ? 
5  OG1 ? A THR 50 ? A THR 40   ? 1_555 MG ? C MG . ? A MG 1183 ? 1_555 O1G ? B GNP .  ? A GNP 1182 ? 1_555 91.3  ? 
6  O2B ? B GNP .  ? A GNP 1182 ? 1_555 MG ? C MG . ? A MG 1183 ? 1_555 O1G ? B GNP .  ? A GNP 1182 ? 1_555 89.2  ? 
7  OG1 ? A THR 31 ? A THR 21   ? 1_555 MG ? C MG . ? A MG 1183 ? 1_555 O   ? F HOH .  ? A HOH 2012 ? 1_555 87.3  ? 
8  OG1 ? A THR 50 ? A THR 40   ? 1_555 MG ? C MG . ? A MG 1183 ? 1_555 O   ? F HOH .  ? A HOH 2012 ? 1_555 89.9  ? 
9  O2B ? B GNP .  ? A GNP 1182 ? 1_555 MG ? C MG . ? A MG 1183 ? 1_555 O   ? F HOH .  ? A HOH 2012 ? 1_555 95.2  ? 
10 O1G ? B GNP .  ? A GNP 1182 ? 1_555 MG ? C MG . ? A MG 1183 ? 1_555 O   ? F HOH .  ? A HOH 2012 ? 1_555 91.4  ? 
11 OG1 ? A THR 31 ? A THR 21   ? 1_555 MG ? C MG . ? A MG 1183 ? 1_555 O   ? F HOH .  ? A HOH 2013 ? 1_555 87.7  ? 
12 OG1 ? A THR 50 ? A THR 40   ? 1_555 MG ? C MG . ? A MG 1183 ? 1_555 O   ? F HOH .  ? A HOH 2013 ? 1_555 90.2  ? 
13 O2B ? B GNP .  ? A GNP 1182 ? 1_555 MG ? C MG . ? A MG 1183 ? 1_555 O   ? F HOH .  ? A HOH 2013 ? 1_555 84.6  ? 
14 O1G ? B GNP .  ? A GNP 1182 ? 1_555 MG ? C MG . ? A MG 1183 ? 1_555 O   ? F HOH .  ? A HOH 2013 ? 1_555 93.5  ? 
15 O   ? F HOH .  ? A HOH 2012 ? 1_555 MG ? C MG . ? A MG 1183 ? 1_555 O   ? F HOH .  ? A HOH 2013 ? 1_555 175.0 ? 
# 
loop_
_pdbx_audit_revision_history.ordinal 
_pdbx_audit_revision_history.data_content_type 
_pdbx_audit_revision_history.major_revision 
_pdbx_audit_revision_history.minor_revision 
_pdbx_audit_revision_history.revision_date 
1 'Structure model' 1 0 2012-12-12 
2 'Structure model' 1 1 2013-02-13 
3 'Structure model' 1 2 2023-12-20 
# 
_pdbx_audit_revision_details.ordinal             1 
_pdbx_audit_revision_details.revision_ordinal    1 
_pdbx_audit_revision_details.data_content_type   'Structure model' 
_pdbx_audit_revision_details.provider            repository 
_pdbx_audit_revision_details.type                'Initial release' 
_pdbx_audit_revision_details.description         ? 
_pdbx_audit_revision_details.details             ? 
# 
loop_
_pdbx_audit_revision_group.ordinal 
_pdbx_audit_revision_group.revision_ordinal 
_pdbx_audit_revision_group.data_content_type 
_pdbx_audit_revision_group.group 
1 2 'Structure model' 'Database references'    
2 3 'Structure model' 'Data collection'        
3 3 'Structure model' 'Database references'    
4 3 'Structure model' 'Derived calculations'   
5 3 'Structure model' Other                    
6 3 'Structure model' 'Refinement description' 
# 
loop_
_pdbx_audit_revision_category.ordinal 
_pdbx_audit_revision_category.revision_ordinal 
_pdbx_audit_revision_category.data_content_type 
_pdbx_audit_revision_category.category 
1 3 'Structure model' chem_comp_atom                
2 3 'Structure model' chem_comp_bond                
3 3 'Structure model' database_2                    
4 3 'Structure model' pdbx_database_status          
5 3 'Structure model' pdbx_initial_refinement_model 
6 3 'Structure model' pdbx_struct_conn_angle        
7 3 'Structure model' pdbx_struct_special_symmetry  
8 3 'Structure model' struct_conn                   
9 3 'Structure model' struct_site                   
# 
loop_
_pdbx_audit_revision_item.ordinal 
_pdbx_audit_revision_item.revision_ordinal 
_pdbx_audit_revision_item.data_content_type 
_pdbx_audit_revision_item.item 
1  3 'Structure model' '_database_2.pdbx_DOI'                        
2  3 'Structure model' '_database_2.pdbx_database_accession'         
3  3 'Structure model' '_pdbx_database_status.status_code_sf'        
4  3 'Structure model' '_pdbx_struct_conn_angle.ptnr1_auth_comp_id'  
5  3 'Structure model' '_pdbx_struct_conn_angle.ptnr1_auth_seq_id'   
6  3 'Structure model' '_pdbx_struct_conn_angle.ptnr1_label_asym_id' 
7  3 'Structure model' '_pdbx_struct_conn_angle.ptnr1_label_atom_id' 
8  3 'Structure model' '_pdbx_struct_conn_angle.ptnr1_label_comp_id' 
9  3 'Structure model' '_pdbx_struct_conn_angle.ptnr1_label_seq_id'  
10 3 'Structure model' '_pdbx_struct_conn_angle.ptnr3_auth_comp_id'  
11 3 'Structure model' '_pdbx_struct_conn_angle.ptnr3_auth_seq_id'   
12 3 'Structure model' '_pdbx_struct_conn_angle.ptnr3_label_asym_id' 
13 3 'Structure model' '_pdbx_struct_conn_angle.ptnr3_label_atom_id' 
14 3 'Structure model' '_pdbx_struct_conn_angle.ptnr3_label_comp_id' 
15 3 'Structure model' '_pdbx_struct_conn_angle.ptnr3_label_seq_id'  
16 3 'Structure model' '_pdbx_struct_conn_angle.value'               
17 3 'Structure model' '_struct_conn.pdbx_dist_value'                
18 3 'Structure model' '_struct_conn.ptnr1_auth_comp_id'             
19 3 'Structure model' '_struct_conn.ptnr1_auth_seq_id'              
20 3 'Structure model' '_struct_conn.ptnr1_label_asym_id'            
21 3 'Structure model' '_struct_conn.ptnr1_label_atom_id'            
22 3 'Structure model' '_struct_conn.ptnr1_label_comp_id'            
23 3 'Structure model' '_struct_conn.ptnr1_label_seq_id'             
24 3 'Structure model' '_struct_conn.ptnr2_auth_comp_id'             
25 3 'Structure model' '_struct_conn.ptnr2_auth_seq_id'              
26 3 'Structure model' '_struct_conn.ptnr2_label_asym_id'            
27 3 'Structure model' '_struct_conn.ptnr2_label_atom_id'            
28 3 'Structure model' '_struct_conn.ptnr2_label_comp_id'            
29 3 'Structure model' '_struct_conn.ptnr2_label_seq_id'             
30 3 'Structure model' '_struct_site.pdbx_auth_asym_id'              
31 3 'Structure model' '_struct_site.pdbx_auth_comp_id'              
32 3 'Structure model' '_struct_site.pdbx_auth_seq_id'               
# 
loop_
_software.name 
_software.classification 
_software.version 
_software.citation_id 
_software.pdbx_ordinal 
REFMAC refinement       5.7.0005 ? 1 
XDS    'data reduction' .        ? 2 
SCALA  'data scaling'   .        ? 3 
MrBUMP phasing          .        ? 4 
# 
_pdbx_validate_torsion.id              1 
_pdbx_validate_torsion.PDB_model_num   1 
_pdbx_validate_torsion.auth_comp_id    PRO 
_pdbx_validate_torsion.auth_asym_id    A 
_pdbx_validate_torsion.auth_seq_id     113 
_pdbx_validate_torsion.PDB_ins_code    ? 
_pdbx_validate_torsion.label_alt_id    ? 
_pdbx_validate_torsion.phi             -38.30 
_pdbx_validate_torsion.psi             -39.33 
# 
loop_
_pdbx_unobs_or_zero_occ_atoms.id 
_pdbx_unobs_or_zero_occ_atoms.PDB_model_num 
_pdbx_unobs_or_zero_occ_atoms.polymer_flag 
_pdbx_unobs_or_zero_occ_atoms.occupancy_flag 
_pdbx_unobs_or_zero_occ_atoms.auth_asym_id 
_pdbx_unobs_or_zero_occ_atoms.auth_comp_id 
_pdbx_unobs_or_zero_occ_atoms.auth_seq_id 
_pdbx_unobs_or_zero_occ_atoms.PDB_ins_code 
_pdbx_unobs_or_zero_occ_atoms.auth_atom_id 
_pdbx_unobs_or_zero_occ_atoms.label_alt_id 
_pdbx_unobs_or_zero_occ_atoms.label_asym_id 
_pdbx_unobs_or_zero_occ_atoms.label_comp_id 
_pdbx_unobs_or_zero_occ_atoms.label_seq_id 
_pdbx_unobs_or_zero_occ_atoms.label_atom_id 
1  1 Y 1 A GLN 31  ? CG  ? A GLN 41  CG  
2  1 Y 1 A GLN 31  ? CD  ? A GLN 41  CD  
3  1 Y 1 A GLN 31  ? OE1 ? A GLN 41  OE1 
4  1 Y 1 A GLN 31  ? NE2 ? A GLN 41  NE2 
5  1 Y 1 A HIS 36  ? CG  ? A HIS 46  CG  
6  1 Y 1 A HIS 36  ? ND1 ? A HIS 46  ND1 
7  1 Y 1 A HIS 36  ? CD2 ? A HIS 46  CD2 
8  1 Y 1 A HIS 36  ? CE1 ? A HIS 46  CE1 
9  1 Y 1 A HIS 36  ? NE2 ? A HIS 46  NE2 
10 1 Y 1 A ARG 52  ? CG  ? A ARG 62  CG  
11 1 Y 1 A ARG 52  ? CD  ? A ARG 62  CD  
12 1 Y 1 A ARG 52  ? NE  ? A ARG 62  NE  
13 1 Y 1 A ARG 52  ? CZ  ? A ARG 62  CZ  
14 1 Y 1 A ARG 52  ? NH1 ? A ARG 62  NH1 
15 1 Y 1 A ARG 52  ? NH2 ? A ARG 62  NH2 
16 1 Y 1 A LYS 64  ? CG  ? A LYS 74  CG  
17 1 Y 1 A LYS 64  ? CD  ? A LYS 74  CD  
18 1 Y 1 A LYS 64  ? CE  ? A LYS 74  CE  
19 1 Y 1 A LYS 64  ? NZ  ? A LYS 74  NZ  
20 1 Y 1 A GLU 106 ? CG  ? A GLU 116 CG  
21 1 Y 1 A GLU 106 ? CD  ? A GLU 116 CD  
22 1 Y 1 A GLU 106 ? OE1 ? A GLU 116 OE1 
23 1 Y 1 A GLU 106 ? OE2 ? A GLU 116 OE2 
24 1 Y 1 A GLU 111 ? CG  ? A GLU 121 CG  
25 1 Y 1 A GLU 111 ? CD  ? A GLU 121 CD  
26 1 Y 1 A GLU 111 ? OE1 ? A GLU 121 OE1 
27 1 Y 1 A GLU 111 ? OE2 ? A GLU 121 OE2 
# 
loop_
_pdbx_unobs_or_zero_occ_residues.id 
_pdbx_unobs_or_zero_occ_residues.PDB_model_num 
_pdbx_unobs_or_zero_occ_residues.polymer_flag 
_pdbx_unobs_or_zero_occ_residues.occupancy_flag 
_pdbx_unobs_or_zero_occ_residues.auth_asym_id 
_pdbx_unobs_or_zero_occ_residues.auth_comp_id 
_pdbx_unobs_or_zero_occ_residues.auth_seq_id 
_pdbx_unobs_or_zero_occ_residues.PDB_ins_code 
_pdbx_unobs_or_zero_occ_residues.label_asym_id 
_pdbx_unobs_or_zero_occ_residues.label_comp_id 
_pdbx_unobs_or_zero_occ_residues.label_seq_id 
1  1 Y 1 A MET -9  ? A MET 1   
2  1 Y 1 A GLY -8  ? A GLY 2   
3  1 Y 1 A SER -7  ? A SER 3   
4  1 Y 1 A SER -6  ? A SER 4   
5  1 Y 1 A HIS -5  ? A HIS 5   
6  1 Y 1 A HIS -4  ? A HIS 6   
7  1 Y 1 A HIS -3  ? A HIS 7   
8  1 Y 1 A HIS -2  ? A HIS 8   
9  1 Y 1 A HIS -1  ? A HIS 9   
10 1 Y 1 A HIS 0   ? A HIS 10  
11 1 Y 1 A MET 1   ? A MET 11  
12 1 Y 1 A GLY 2   ? A GLY 12  
13 1 Y 1 A GLN 3   ? A GLN 13  
14 1 Y 1 A SER 4   ? A SER 14  
15 1 Y 1 A LYS 5   ? A LYS 15  
16 1 Y 1 A SER 32  ? A SER 42  
17 1 Y 1 A SER 33  ? A SER 43  
18 1 Y 1 A SER 34  ? A SER 44  
19 1 Y 1 A LYS 35  ? A LYS 45  
20 1 Y 1 A GLY 182 ? A GLY 192 
21 1 Y 1 A LYS 183 ? A LYS 193 
22 1 Y 1 A ALA 184 ? A ALA 194 
23 1 Y 1 A GLY 185 ? A GLY 195 
24 1 Y 1 A THR 186 ? A THR 196 
25 1 Y 1 A LYS 187 ? A LYS 197 
26 1 Y 1 A ARG 188 ? A ARG 198 
27 1 Y 1 A GLY 189 ? A GLY 199 
# 
loop_
_chem_comp_atom.comp_id 
_chem_comp_atom.atom_id 
_chem_comp_atom.type_symbol 
_chem_comp_atom.pdbx_aromatic_flag 
_chem_comp_atom.pdbx_stereo_config 
_chem_comp_atom.pdbx_ordinal 
ALA N      N  N N 1   
ALA CA     C  N S 2   
ALA C      C  N N 3   
ALA O      O  N N 4   
ALA CB     C  N N 5   
ALA OXT    O  N N 6   
ALA H      H  N N 7   
ALA H2     H  N N 8   
ALA HA     H  N N 9   
ALA HB1    H  N N 10  
ALA HB2    H  N N 11  
ALA HB3    H  N N 12  
ALA HXT    H  N N 13  
ARG N      N  N N 14  
ARG CA     C  N S 15  
ARG C      C  N N 16  
ARG O      O  N N 17  
ARG CB     C  N N 18  
ARG CG     C  N N 19  
ARG CD     C  N N 20  
ARG NE     N  N N 21  
ARG CZ     C  N N 22  
ARG NH1    N  N N 23  
ARG NH2    N  N N 24  
ARG OXT    O  N N 25  
ARG H      H  N N 26  
ARG H2     H  N N 27  
ARG HA     H  N N 28  
ARG HB2    H  N N 29  
ARG HB3    H  N N 30  
ARG HG2    H  N N 31  
ARG HG3    H  N N 32  
ARG HD2    H  N N 33  
ARG HD3    H  N N 34  
ARG HE     H  N N 35  
ARG HH11   H  N N 36  
ARG HH12   H  N N 37  
ARG HH21   H  N N 38  
ARG HH22   H  N N 39  
ARG HXT    H  N N 40  
ASN N      N  N N 41  
ASN CA     C  N S 42  
ASN C      C  N N 43  
ASN O      O  N N 44  
ASN CB     C  N N 45  
ASN CG     C  N N 46  
ASN OD1    O  N N 47  
ASN ND2    N  N N 48  
ASN OXT    O  N N 49  
ASN H      H  N N 50  
ASN H2     H  N N 51  
ASN HA     H  N N 52  
ASN HB2    H  N N 53  
ASN HB3    H  N N 54  
ASN HD21   H  N N 55  
ASN HD22   H  N N 56  
ASN HXT    H  N N 57  
ASP N      N  N N 58  
ASP CA     C  N S 59  
ASP C      C  N N 60  
ASP O      O  N N 61  
ASP CB     C  N N 62  
ASP CG     C  N N 63  
ASP OD1    O  N N 64  
ASP OD2    O  N N 65  
ASP OXT    O  N N 66  
ASP H      H  N N 67  
ASP H2     H  N N 68  
ASP HA     H  N N 69  
ASP HB2    H  N N 70  
ASP HB3    H  N N 71  
ASP HD2    H  N N 72  
ASP HXT    H  N N 73  
CYS N      N  N N 74  
CYS CA     C  N R 75  
CYS C      C  N N 76  
CYS O      O  N N 77  
CYS CB     C  N N 78  
CYS SG     S  N N 79  
CYS OXT    O  N N 80  
CYS H      H  N N 81  
CYS H2     H  N N 82  
CYS HA     H  N N 83  
CYS HB2    H  N N 84  
CYS HB3    H  N N 85  
CYS HG     H  N N 86  
CYS HXT    H  N N 87  
GLN N      N  N N 88  
GLN CA     C  N S 89  
GLN C      C  N N 90  
GLN O      O  N N 91  
GLN CB     C  N N 92  
GLN CG     C  N N 93  
GLN CD     C  N N 94  
GLN OE1    O  N N 95  
GLN NE2    N  N N 96  
GLN OXT    O  N N 97  
GLN H      H  N N 98  
GLN H2     H  N N 99  
GLN HA     H  N N 100 
GLN HB2    H  N N 101 
GLN HB3    H  N N 102 
GLN HG2    H  N N 103 
GLN HG3    H  N N 104 
GLN HE21   H  N N 105 
GLN HE22   H  N N 106 
GLN HXT    H  N N 107 
GLU N      N  N N 108 
GLU CA     C  N S 109 
GLU C      C  N N 110 
GLU O      O  N N 111 
GLU CB     C  N N 112 
GLU CG     C  N N 113 
GLU CD     C  N N 114 
GLU OE1    O  N N 115 
GLU OE2    O  N N 116 
GLU OXT    O  N N 117 
GLU H      H  N N 118 
GLU H2     H  N N 119 
GLU HA     H  N N 120 
GLU HB2    H  N N 121 
GLU HB3    H  N N 122 
GLU HG2    H  N N 123 
GLU HG3    H  N N 124 
GLU HE2    H  N N 125 
GLU HXT    H  N N 126 
GLY N      N  N N 127 
GLY CA     C  N N 128 
GLY C      C  N N 129 
GLY O      O  N N 130 
GLY OXT    O  N N 131 
GLY H      H  N N 132 
GLY H2     H  N N 133 
GLY HA2    H  N N 134 
GLY HA3    H  N N 135 
GLY HXT    H  N N 136 
GNP PG     P  N N 137 
GNP O1G    O  N N 138 
GNP O2G    O  N N 139 
GNP O3G    O  N N 140 
GNP N3B    N  N N 141 
GNP PB     P  N R 142 
GNP O1B    O  N N 143 
GNP O2B    O  N N 144 
GNP O3A    O  N N 145 
GNP PA     P  N S 146 
GNP O1A    O  N N 147 
GNP O2A    O  N N 148 
GNP "O5'"  O  N N 149 
GNP "C5'"  C  N N 150 
GNP "C4'"  C  N R 151 
GNP "O4'"  O  N N 152 
GNP "C3'"  C  N S 153 
GNP "O3'"  O  N N 154 
GNP "C2'"  C  N R 155 
GNP "O2'"  O  N N 156 
GNP "C1'"  C  N R 157 
GNP N9     N  Y N 158 
GNP C8     C  Y N 159 
GNP N7     N  Y N 160 
GNP C5     C  Y N 161 
GNP C6     C  Y N 162 
GNP O6     O  N N 163 
GNP N1     N  Y N 164 
GNP C2     C  Y N 165 
GNP N2     N  N N 166 
GNP N3     N  Y N 167 
GNP C4     C  Y N 168 
GNP HOG2   H  N N 169 
GNP HOG3   H  N N 170 
GNP HNB3   H  N N 171 
GNP HOB2   H  N N 172 
GNP HOA2   H  N N 173 
GNP "H5'2" H  N N 174 
GNP "H5'1" H  N N 175 
GNP "H4'"  H  N N 176 
GNP "H3'"  H  N N 177 
GNP "HO3'" H  N N 178 
GNP "H2'"  H  N N 179 
GNP "HO2'" H  N N 180 
GNP "H1'"  H  N N 181 
GNP H8     H  N N 182 
GNP HN1    H  N N 183 
GNP HN21   H  N N 184 
GNP HN22   H  N N 185 
HIS N      N  N N 186 
HIS CA     C  N S 187 
HIS C      C  N N 188 
HIS O      O  N N 189 
HIS CB     C  N N 190 
HIS CG     C  Y N 191 
HIS ND1    N  Y N 192 
HIS CD2    C  Y N 193 
HIS CE1    C  Y N 194 
HIS NE2    N  Y N 195 
HIS OXT    O  N N 196 
HIS H      H  N N 197 
HIS H2     H  N N 198 
HIS HA     H  N N 199 
HIS HB2    H  N N 200 
HIS HB3    H  N N 201 
HIS HD1    H  N N 202 
HIS HD2    H  N N 203 
HIS HE1    H  N N 204 
HIS HE2    H  N N 205 
HIS HXT    H  N N 206 
HOH O      O  N N 207 
HOH H1     H  N N 208 
HOH H2     H  N N 209 
ILE N      N  N N 210 
ILE CA     C  N S 211 
ILE C      C  N N 212 
ILE O      O  N N 213 
ILE CB     C  N S 214 
ILE CG1    C  N N 215 
ILE CG2    C  N N 216 
ILE CD1    C  N N 217 
ILE OXT    O  N N 218 
ILE H      H  N N 219 
ILE H2     H  N N 220 
ILE HA     H  N N 221 
ILE HB     H  N N 222 
ILE HG12   H  N N 223 
ILE HG13   H  N N 224 
ILE HG21   H  N N 225 
ILE HG22   H  N N 226 
ILE HG23   H  N N 227 
ILE HD11   H  N N 228 
ILE HD12   H  N N 229 
ILE HD13   H  N N 230 
ILE HXT    H  N N 231 
LEU N      N  N N 232 
LEU CA     C  N S 233 
LEU C      C  N N 234 
LEU O      O  N N 235 
LEU CB     C  N N 236 
LEU CG     C  N N 237 
LEU CD1    C  N N 238 
LEU CD2    C  N N 239 
LEU OXT    O  N N 240 
LEU H      H  N N 241 
LEU H2     H  N N 242 
LEU HA     H  N N 243 
LEU HB2    H  N N 244 
LEU HB3    H  N N 245 
LEU HG     H  N N 246 
LEU HD11   H  N N 247 
LEU HD12   H  N N 248 
LEU HD13   H  N N 249 
LEU HD21   H  N N 250 
LEU HD22   H  N N 251 
LEU HD23   H  N N 252 
LEU HXT    H  N N 253 
LYS N      N  N N 254 
LYS CA     C  N S 255 
LYS C      C  N N 256 
LYS O      O  N N 257 
LYS CB     C  N N 258 
LYS CG     C  N N 259 
LYS CD     C  N N 260 
LYS CE     C  N N 261 
LYS NZ     N  N N 262 
LYS OXT    O  N N 263 
LYS H      H  N N 264 
LYS H2     H  N N 265 
LYS HA     H  N N 266 
LYS HB2    H  N N 267 
LYS HB3    H  N N 268 
LYS HG2    H  N N 269 
LYS HG3    H  N N 270 
LYS HD2    H  N N 271 
LYS HD3    H  N N 272 
LYS HE2    H  N N 273 
LYS HE3    H  N N 274 
LYS HZ1    H  N N 275 
LYS HZ2    H  N N 276 
LYS HZ3    H  N N 277 
LYS HXT    H  N N 278 
MET N      N  N N 279 
MET CA     C  N S 280 
MET C      C  N N 281 
MET O      O  N N 282 
MET CB     C  N N 283 
MET CG     C  N N 284 
MET SD     S  N N 285 
MET CE     C  N N 286 
MET OXT    O  N N 287 
MET H      H  N N 288 
MET H2     H  N N 289 
MET HA     H  N N 290 
MET HB2    H  N N 291 
MET HB3    H  N N 292 
MET HG2    H  N N 293 
MET HG3    H  N N 294 
MET HE1    H  N N 295 
MET HE2    H  N N 296 
MET HE3    H  N N 297 
MET HXT    H  N N 298 
MG  MG     MG N N 299 
PHE N      N  N N 300 
PHE CA     C  N S 301 
PHE C      C  N N 302 
PHE O      O  N N 303 
PHE CB     C  N N 304 
PHE CG     C  Y N 305 
PHE CD1    C  Y N 306 
PHE CD2    C  Y N 307 
PHE CE1    C  Y N 308 
PHE CE2    C  Y N 309 
PHE CZ     C  Y N 310 
PHE OXT    O  N N 311 
PHE H      H  N N 312 
PHE H2     H  N N 313 
PHE HA     H  N N 314 
PHE HB2    H  N N 315 
PHE HB3    H  N N 316 
PHE HD1    H  N N 317 
PHE HD2    H  N N 318 
PHE HE1    H  N N 319 
PHE HE2    H  N N 320 
PHE HZ     H  N N 321 
PHE HXT    H  N N 322 
PRO N      N  N N 323 
PRO CA     C  N S 324 
PRO C      C  N N 325 
PRO O      O  N N 326 
PRO CB     C  N N 327 
PRO CG     C  N N 328 
PRO CD     C  N N 329 
PRO OXT    O  N N 330 
PRO H      H  N N 331 
PRO HA     H  N N 332 
PRO HB2    H  N N 333 
PRO HB3    H  N N 334 
PRO HG2    H  N N 335 
PRO HG3    H  N N 336 
PRO HD2    H  N N 337 
PRO HD3    H  N N 338 
PRO HXT    H  N N 339 
SER N      N  N N 340 
SER CA     C  N S 341 
SER C      C  N N 342 
SER O      O  N N 343 
SER CB     C  N N 344 
SER OG     O  N N 345 
SER OXT    O  N N 346 
SER H      H  N N 347 
SER H2     H  N N 348 
SER HA     H  N N 349 
SER HB2    H  N N 350 
SER HB3    H  N N 351 
SER HG     H  N N 352 
SER HXT    H  N N 353 
SO4 S      S  N N 354 
SO4 O1     O  N N 355 
SO4 O2     O  N N 356 
SO4 O3     O  N N 357 
SO4 O4     O  N N 358 
THR N      N  N N 359 
THR CA     C  N S 360 
THR C      C  N N 361 
THR O      O  N N 362 
THR CB     C  N R 363 
THR OG1    O  N N 364 
THR CG2    C  N N 365 
THR OXT    O  N N 366 
THR H      H  N N 367 
THR H2     H  N N 368 
THR HA     H  N N 369 
THR HB     H  N N 370 
THR HG1    H  N N 371 
THR HG21   H  N N 372 
THR HG22   H  N N 373 
THR HG23   H  N N 374 
THR HXT    H  N N 375 
TRP N      N  N N 376 
TRP CA     C  N S 377 
TRP C      C  N N 378 
TRP O      O  N N 379 
TRP CB     C  N N 380 
TRP CG     C  Y N 381 
TRP CD1    C  Y N 382 
TRP CD2    C  Y N 383 
TRP NE1    N  Y N 384 
TRP CE2    C  Y N 385 
TRP CE3    C  Y N 386 
TRP CZ2    C  Y N 387 
TRP CZ3    C  Y N 388 
TRP CH2    C  Y N 389 
TRP OXT    O  N N 390 
TRP H      H  N N 391 
TRP H2     H  N N 392 
TRP HA     H  N N 393 
TRP HB2    H  N N 394 
TRP HB3    H  N N 395 
TRP HD1    H  N N 396 
TRP HE1    H  N N 397 
TRP HE3    H  N N 398 
TRP HZ2    H  N N 399 
TRP HZ3    H  N N 400 
TRP HH2    H  N N 401 
TRP HXT    H  N N 402 
TYR N      N  N N 403 
TYR CA     C  N S 404 
TYR C      C  N N 405 
TYR O      O  N N 406 
TYR CB     C  N N 407 
TYR CG     C  Y N 408 
TYR CD1    C  Y N 409 
TYR CD2    C  Y N 410 
TYR CE1    C  Y N 411 
TYR CE2    C  Y N 412 
TYR CZ     C  Y N 413 
TYR OH     O  N N 414 
TYR OXT    O  N N 415 
TYR H      H  N N 416 
TYR H2     H  N N 417 
TYR HA     H  N N 418 
TYR HB2    H  N N 419 
TYR HB3    H  N N 420 
TYR HD1    H  N N 421 
TYR HD2    H  N N 422 
TYR HE1    H  N N 423 
TYR HE2    H  N N 424 
TYR HH     H  N N 425 
TYR HXT    H  N N 426 
VAL N      N  N N 427 
VAL CA     C  N S 428 
VAL C      C  N N 429 
VAL O      O  N N 430 
VAL CB     C  N N 431 
VAL CG1    C  N N 432 
VAL CG2    C  N N 433 
VAL OXT    O  N N 434 
VAL H      H  N N 435 
VAL H2     H  N N 436 
VAL HA     H  N N 437 
VAL HB     H  N N 438 
VAL HG11   H  N N 439 
VAL HG12   H  N N 440 
VAL HG13   H  N N 441 
VAL HG21   H  N N 442 
VAL HG22   H  N N 443 
VAL HG23   H  N N 444 
VAL HXT    H  N N 445 
# 
loop_
_chem_comp_bond.comp_id 
_chem_comp_bond.atom_id_1 
_chem_comp_bond.atom_id_2 
_chem_comp_bond.value_order 
_chem_comp_bond.pdbx_aromatic_flag 
_chem_comp_bond.pdbx_stereo_config 
_chem_comp_bond.pdbx_ordinal 
ALA N     CA     sing N N 1   
ALA N     H      sing N N 2   
ALA N     H2     sing N N 3   
ALA CA    C      sing N N 4   
ALA CA    CB     sing N N 5   
ALA CA    HA     sing N N 6   
ALA C     O      doub N N 7   
ALA C     OXT    sing N N 8   
ALA CB    HB1    sing N N 9   
ALA CB    HB2    sing N N 10  
ALA CB    HB3    sing N N 11  
ALA OXT   HXT    sing N N 12  
ARG N     CA     sing N N 13  
ARG N     H      sing N N 14  
ARG N     H2     sing N N 15  
ARG CA    C      sing N N 16  
ARG CA    CB     sing N N 17  
ARG CA    HA     sing N N 18  
ARG C     O      doub N N 19  
ARG C     OXT    sing N N 20  
ARG CB    CG     sing N N 21  
ARG CB    HB2    sing N N 22  
ARG CB    HB3    sing N N 23  
ARG CG    CD     sing N N 24  
ARG CG    HG2    sing N N 25  
ARG CG    HG3    sing N N 26  
ARG CD    NE     sing N N 27  
ARG CD    HD2    sing N N 28  
ARG CD    HD3    sing N N 29  
ARG NE    CZ     sing N N 30  
ARG NE    HE     sing N N 31  
ARG CZ    NH1    sing N N 32  
ARG CZ    NH2    doub N N 33  
ARG NH1   HH11   sing N N 34  
ARG NH1   HH12   sing N N 35  
ARG NH2   HH21   sing N N 36  
ARG NH2   HH22   sing N N 37  
ARG OXT   HXT    sing N N 38  
ASN N     CA     sing N N 39  
ASN N     H      sing N N 40  
ASN N     H2     sing N N 41  
ASN CA    C      sing N N 42  
ASN CA    CB     sing N N 43  
ASN CA    HA     sing N N 44  
ASN C     O      doub N N 45  
ASN C     OXT    sing N N 46  
ASN CB    CG     sing N N 47  
ASN CB    HB2    sing N N 48  
ASN CB    HB3    sing N N 49  
ASN CG    OD1    doub N N 50  
ASN CG    ND2    sing N N 51  
ASN ND2   HD21   sing N N 52  
ASN ND2   HD22   sing N N 53  
ASN OXT   HXT    sing N N 54  
ASP N     CA     sing N N 55  
ASP N     H      sing N N 56  
ASP N     H2     sing N N 57  
ASP CA    C      sing N N 58  
ASP CA    CB     sing N N 59  
ASP CA    HA     sing N N 60  
ASP C     O      doub N N 61  
ASP C     OXT    sing N N 62  
ASP CB    CG     sing N N 63  
ASP CB    HB2    sing N N 64  
ASP CB    HB3    sing N N 65  
ASP CG    OD1    doub N N 66  
ASP CG    OD2    sing N N 67  
ASP OD2   HD2    sing N N 68  
ASP OXT   HXT    sing N N 69  
CYS N     CA     sing N N 70  
CYS N     H      sing N N 71  
CYS N     H2     sing N N 72  
CYS CA    C      sing N N 73  
CYS CA    CB     sing N N 74  
CYS CA    HA     sing N N 75  
CYS C     O      doub N N 76  
CYS C     OXT    sing N N 77  
CYS CB    SG     sing N N 78  
CYS CB    HB2    sing N N 79  
CYS CB    HB3    sing N N 80  
CYS SG    HG     sing N N 81  
CYS OXT   HXT    sing N N 82  
GLN N     CA     sing N N 83  
GLN N     H      sing N N 84  
GLN N     H2     sing N N 85  
GLN CA    C      sing N N 86  
GLN CA    CB     sing N N 87  
GLN CA    HA     sing N N 88  
GLN C     O      doub N N 89  
GLN C     OXT    sing N N 90  
GLN CB    CG     sing N N 91  
GLN CB    HB2    sing N N 92  
GLN CB    HB3    sing N N 93  
GLN CG    CD     sing N N 94  
GLN CG    HG2    sing N N 95  
GLN CG    HG3    sing N N 96  
GLN CD    OE1    doub N N 97  
GLN CD    NE2    sing N N 98  
GLN NE2   HE21   sing N N 99  
GLN NE2   HE22   sing N N 100 
GLN OXT   HXT    sing N N 101 
GLU N     CA     sing N N 102 
GLU N     H      sing N N 103 
GLU N     H2     sing N N 104 
GLU CA    C      sing N N 105 
GLU CA    CB     sing N N 106 
GLU CA    HA     sing N N 107 
GLU C     O      doub N N 108 
GLU C     OXT    sing N N 109 
GLU CB    CG     sing N N 110 
GLU CB    HB2    sing N N 111 
GLU CB    HB3    sing N N 112 
GLU CG    CD     sing N N 113 
GLU CG    HG2    sing N N 114 
GLU CG    HG3    sing N N 115 
GLU CD    OE1    doub N N 116 
GLU CD    OE2    sing N N 117 
GLU OE2   HE2    sing N N 118 
GLU OXT   HXT    sing N N 119 
GLY N     CA     sing N N 120 
GLY N     H      sing N N 121 
GLY N     H2     sing N N 122 
GLY CA    C      sing N N 123 
GLY CA    HA2    sing N N 124 
GLY CA    HA3    sing N N 125 
GLY C     O      doub N N 126 
GLY C     OXT    sing N N 127 
GLY OXT   HXT    sing N N 128 
GNP PG    O1G    doub N N 129 
GNP PG    O2G    sing N N 130 
GNP PG    O3G    sing N N 131 
GNP PG    N3B    sing N N 132 
GNP O2G   HOG2   sing N N 133 
GNP O3G   HOG3   sing N N 134 
GNP N3B   PB     sing N N 135 
GNP N3B   HNB3   sing N N 136 
GNP PB    O1B    doub N N 137 
GNP PB    O2B    sing N N 138 
GNP PB    O3A    sing N N 139 
GNP O2B   HOB2   sing N N 140 
GNP O3A   PA     sing N N 141 
GNP PA    O1A    doub N N 142 
GNP PA    O2A    sing N N 143 
GNP PA    "O5'"  sing N N 144 
GNP O2A   HOA2   sing N N 145 
GNP "O5'" "C5'"  sing N N 146 
GNP "C5'" "C4'"  sing N N 147 
GNP "C5'" "H5'2" sing N N 148 
GNP "C5'" "H5'1" sing N N 149 
GNP "C4'" "O4'"  sing N N 150 
GNP "C4'" "C3'"  sing N N 151 
GNP "C4'" "H4'"  sing N N 152 
GNP "O4'" "C1'"  sing N N 153 
GNP "C3'" "O3'"  sing N N 154 
GNP "C3'" "C2'"  sing N N 155 
GNP "C3'" "H3'"  sing N N 156 
GNP "O3'" "HO3'" sing N N 157 
GNP "C2'" "O2'"  sing N N 158 
GNP "C2'" "C1'"  sing N N 159 
GNP "C2'" "H2'"  sing N N 160 
GNP "O2'" "HO2'" sing N N 161 
GNP "C1'" N9     sing N N 162 
GNP "C1'" "H1'"  sing N N 163 
GNP N9    C8     sing Y N 164 
GNP N9    C4     sing Y N 165 
GNP C8    N7     doub Y N 166 
GNP C8    H8     sing N N 167 
GNP N7    C5     sing Y N 168 
GNP C5    C6     sing Y N 169 
GNP C5    C4     doub Y N 170 
GNP C6    O6     doub N N 171 
GNP C6    N1     sing Y N 172 
GNP N1    C2     sing Y N 173 
GNP N1    HN1    sing N N 174 
GNP C2    N2     sing N N 175 
GNP C2    N3     doub Y N 176 
GNP N2    HN21   sing N N 177 
GNP N2    HN22   sing N N 178 
GNP N3    C4     sing Y N 179 
HIS N     CA     sing N N 180 
HIS N     H      sing N N 181 
HIS N     H2     sing N N 182 
HIS CA    C      sing N N 183 
HIS CA    CB     sing N N 184 
HIS CA    HA     sing N N 185 
HIS C     O      doub N N 186 
HIS C     OXT    sing N N 187 
HIS CB    CG     sing N N 188 
HIS CB    HB2    sing N N 189 
HIS CB    HB3    sing N N 190 
HIS CG    ND1    sing Y N 191 
HIS CG    CD2    doub Y N 192 
HIS ND1   CE1    doub Y N 193 
HIS ND1   HD1    sing N N 194 
HIS CD2   NE2    sing Y N 195 
HIS CD2   HD2    sing N N 196 
HIS CE1   NE2    sing Y N 197 
HIS CE1   HE1    sing N N 198 
HIS NE2   HE2    sing N N 199 
HIS OXT   HXT    sing N N 200 
HOH O     H1     sing N N 201 
HOH O     H2     sing N N 202 
ILE N     CA     sing N N 203 
ILE N     H      sing N N 204 
ILE N     H2     sing N N 205 
ILE CA    C      sing N N 206 
ILE CA    CB     sing N N 207 
ILE CA    HA     sing N N 208 
ILE C     O      doub N N 209 
ILE C     OXT    sing N N 210 
ILE CB    CG1    sing N N 211 
ILE CB    CG2    sing N N 212 
ILE CB    HB     sing N N 213 
ILE CG1   CD1    sing N N 214 
ILE CG1   HG12   sing N N 215 
ILE CG1   HG13   sing N N 216 
ILE CG2   HG21   sing N N 217 
ILE CG2   HG22   sing N N 218 
ILE CG2   HG23   sing N N 219 
ILE CD1   HD11   sing N N 220 
ILE CD1   HD12   sing N N 221 
ILE CD1   HD13   sing N N 222 
ILE OXT   HXT    sing N N 223 
LEU N     CA     sing N N 224 
LEU N     H      sing N N 225 
LEU N     H2     sing N N 226 
LEU CA    C      sing N N 227 
LEU CA    CB     sing N N 228 
LEU CA    HA     sing N N 229 
LEU C     O      doub N N 230 
LEU C     OXT    sing N N 231 
LEU CB    CG     sing N N 232 
LEU CB    HB2    sing N N 233 
LEU CB    HB3    sing N N 234 
LEU CG    CD1    sing N N 235 
LEU CG    CD2    sing N N 236 
LEU CG    HG     sing N N 237 
LEU CD1   HD11   sing N N 238 
LEU CD1   HD12   sing N N 239 
LEU CD1   HD13   sing N N 240 
LEU CD2   HD21   sing N N 241 
LEU CD2   HD22   sing N N 242 
LEU CD2   HD23   sing N N 243 
LEU OXT   HXT    sing N N 244 
LYS N     CA     sing N N 245 
LYS N     H      sing N N 246 
LYS N     H2     sing N N 247 
LYS CA    C      sing N N 248 
LYS CA    CB     sing N N 249 
LYS CA    HA     sing N N 250 
LYS C     O      doub N N 251 
LYS C     OXT    sing N N 252 
LYS CB    CG     sing N N 253 
LYS CB    HB2    sing N N 254 
LYS CB    HB3    sing N N 255 
LYS CG    CD     sing N N 256 
LYS CG    HG2    sing N N 257 
LYS CG    HG3    sing N N 258 
LYS CD    CE     sing N N 259 
LYS CD    HD2    sing N N 260 
LYS CD    HD3    sing N N 261 
LYS CE    NZ     sing N N 262 
LYS CE    HE2    sing N N 263 
LYS CE    HE3    sing N N 264 
LYS NZ    HZ1    sing N N 265 
LYS NZ    HZ2    sing N N 266 
LYS NZ    HZ3    sing N N 267 
LYS OXT   HXT    sing N N 268 
MET N     CA     sing N N 269 
MET N     H      sing N N 270 
MET N     H2     sing N N 271 
MET CA    C      sing N N 272 
MET CA    CB     sing N N 273 
MET CA    HA     sing N N 274 
MET C     O      doub N N 275 
MET C     OXT    sing N N 276 
MET CB    CG     sing N N 277 
MET CB    HB2    sing N N 278 
MET CB    HB3    sing N N 279 
MET CG    SD     sing N N 280 
MET CG    HG2    sing N N 281 
MET CG    HG3    sing N N 282 
MET SD    CE     sing N N 283 
MET CE    HE1    sing N N 284 
MET CE    HE2    sing N N 285 
MET CE    HE3    sing N N 286 
MET OXT   HXT    sing N N 287 
PHE N     CA     sing N N 288 
PHE N     H      sing N N 289 
PHE N     H2     sing N N 290 
PHE CA    C      sing N N 291 
PHE CA    CB     sing N N 292 
PHE CA    HA     sing N N 293 
PHE C     O      doub N N 294 
PHE C     OXT    sing N N 295 
PHE CB    CG     sing N N 296 
PHE CB    HB2    sing N N 297 
PHE CB    HB3    sing N N 298 
PHE CG    CD1    doub Y N 299 
PHE CG    CD2    sing Y N 300 
PHE CD1   CE1    sing Y N 301 
PHE CD1   HD1    sing N N 302 
PHE CD2   CE2    doub Y N 303 
PHE CD2   HD2    sing N N 304 
PHE CE1   CZ     doub Y N 305 
PHE CE1   HE1    sing N N 306 
PHE CE2   CZ     sing Y N 307 
PHE CE2   HE2    sing N N 308 
PHE CZ    HZ     sing N N 309 
PHE OXT   HXT    sing N N 310 
PRO N     CA     sing N N 311 
PRO N     CD     sing N N 312 
PRO N     H      sing N N 313 
PRO CA    C      sing N N 314 
PRO CA    CB     sing N N 315 
PRO CA    HA     sing N N 316 
PRO C     O      doub N N 317 
PRO C     OXT    sing N N 318 
PRO CB    CG     sing N N 319 
PRO CB    HB2    sing N N 320 
PRO CB    HB3    sing N N 321 
PRO CG    CD     sing N N 322 
PRO CG    HG2    sing N N 323 
PRO CG    HG3    sing N N 324 
PRO CD    HD2    sing N N 325 
PRO CD    HD3    sing N N 326 
PRO OXT   HXT    sing N N 327 
SER N     CA     sing N N 328 
SER N     H      sing N N 329 
SER N     H2     sing N N 330 
SER CA    C      sing N N 331 
SER CA    CB     sing N N 332 
SER CA    HA     sing N N 333 
SER C     O      doub N N 334 
SER C     OXT    sing N N 335 
SER CB    OG     sing N N 336 
SER CB    HB2    sing N N 337 
SER CB    HB3    sing N N 338 
SER OG    HG     sing N N 339 
SER OXT   HXT    sing N N 340 
SO4 S     O1     doub N N 341 
SO4 S     O2     doub N N 342 
SO4 S     O3     sing N N 343 
SO4 S     O4     sing N N 344 
THR N     CA     sing N N 345 
THR N     H      sing N N 346 
THR N     H2     sing N N 347 
THR CA    C      sing N N 348 
THR CA    CB     sing N N 349 
THR CA    HA     sing N N 350 
THR C     O      doub N N 351 
THR C     OXT    sing N N 352 
THR CB    OG1    sing N N 353 
THR CB    CG2    sing N N 354 
THR CB    HB     sing N N 355 
THR OG1   HG1    sing N N 356 
THR CG2   HG21   sing N N 357 
THR CG2   HG22   sing N N 358 
THR CG2   HG23   sing N N 359 
THR OXT   HXT    sing N N 360 
TRP N     CA     sing N N 361 
TRP N     H      sing N N 362 
TRP N     H2     sing N N 363 
TRP CA    C      sing N N 364 
TRP CA    CB     sing N N 365 
TRP CA    HA     sing N N 366 
TRP C     O      doub N N 367 
TRP C     OXT    sing N N 368 
TRP CB    CG     sing N N 369 
TRP CB    HB2    sing N N 370 
TRP CB    HB3    sing N N 371 
TRP CG    CD1    doub Y N 372 
TRP CG    CD2    sing Y N 373 
TRP CD1   NE1    sing Y N 374 
TRP CD1   HD1    sing N N 375 
TRP CD2   CE2    doub Y N 376 
TRP CD2   CE3    sing Y N 377 
TRP NE1   CE2    sing Y N 378 
TRP NE1   HE1    sing N N 379 
TRP CE2   CZ2    sing Y N 380 
TRP CE3   CZ3    doub Y N 381 
TRP CE3   HE3    sing N N 382 
TRP CZ2   CH2    doub Y N 383 
TRP CZ2   HZ2    sing N N 384 
TRP CZ3   CH2    sing Y N 385 
TRP CZ3   HZ3    sing N N 386 
TRP CH2   HH2    sing N N 387 
TRP OXT   HXT    sing N N 388 
TYR N     CA     sing N N 389 
TYR N     H      sing N N 390 
TYR N     H2     sing N N 391 
TYR CA    C      sing N N 392 
TYR CA    CB     sing N N 393 
TYR CA    HA     sing N N 394 
TYR C     O      doub N N 395 
TYR C     OXT    sing N N 396 
TYR CB    CG     sing N N 397 
TYR CB    HB2    sing N N 398 
TYR CB    HB3    sing N N 399 
TYR CG    CD1    doub Y N 400 
TYR CG    CD2    sing Y N 401 
TYR CD1   CE1    sing Y N 402 
TYR CD1   HD1    sing N N 403 
TYR CD2   CE2    doub Y N 404 
TYR CD2   HD2    sing N N 405 
TYR CE1   CZ     doub Y N 406 
TYR CE1   HE1    sing N N 407 
TYR CE2   CZ     sing Y N 408 
TYR CE2   HE2    sing N N 409 
TYR CZ    OH     sing N N 410 
TYR OH    HH     sing N N 411 
TYR OXT   HXT    sing N N 412 
VAL N     CA     sing N N 413 
VAL N     H      sing N N 414 
VAL N     H2     sing N N 415 
VAL CA    C      sing N N 416 
VAL CA    CB     sing N N 417 
VAL CA    HA     sing N N 418 
VAL C     O      doub N N 419 
VAL C     OXT    sing N N 420 
VAL CB    CG1    sing N N 421 
VAL CB    CG2    sing N N 422 
VAL CB    HB     sing N N 423 
VAL CG1   HG11   sing N N 424 
VAL CG1   HG12   sing N N 425 
VAL CG1   HG13   sing N N 426 
VAL CG2   HG21   sing N N 427 
VAL CG2   HG22   sing N N 428 
VAL CG2   HG23   sing N N 429 
VAL OXT   HXT    sing N N 430 
# 
loop_
_pdbx_entity_nonpoly.entity_id 
_pdbx_entity_nonpoly.name 
_pdbx_entity_nonpoly.comp_id 
2 'PHOSPHOAMINOPHOSPHONIC ACID-GUANYLATE ESTER' GNP 
3 'MAGNESIUM ION'                               MG  
4 'SULFATE ION'                                 SO4 
5 water                                         HOH 
# 
_pdbx_initial_refinement_model.id               1 
_pdbx_initial_refinement_model.entity_id_list   ? 
_pdbx_initial_refinement_model.type             'experimental model' 
_pdbx_initial_refinement_model.source_name      PDB 
_pdbx_initial_refinement_model.accession_code   2H57 
_pdbx_initial_refinement_model.details          'PDB ENTRY 2H57' 
# 
